data_2A90
# 
_entry.id   2A90 
# 
_audit_conform.dict_name       mmcif_pdbx.dic 
_audit_conform.dict_version    5.398 
_audit_conform.dict_location   http://mmcif.pdb.org/dictionaries/ascii/mmcif_pdbx.dic 
# 
loop_
_database_2.database_id 
_database_2.database_code 
_database_2.pdbx_database_accession 
_database_2.pdbx_DOI 
PDB   2A90         pdb_00002a90 10.2210/pdb2a90/pdb 
RCSB  RCSB033637   ?            ?                   
WWPDB D_1000033637 ?            ?                   
# 
loop_
_pdbx_audit_revision_history.ordinal 
_pdbx_audit_revision_history.data_content_type 
_pdbx_audit_revision_history.major_revision 
_pdbx_audit_revision_history.minor_revision 
_pdbx_audit_revision_history.revision_date 
1 'Structure model' 1 0 2005-11-22 
2 'Structure model' 1 1 2008-04-30 
3 'Structure model' 1 2 2011-07-13 
4 'Structure model' 1 3 2024-11-13 
# 
_pdbx_audit_revision_details.ordinal             1 
_pdbx_audit_revision_details.revision_ordinal    1 
_pdbx_audit_revision_details.data_content_type   'Structure model' 
_pdbx_audit_revision_details.provider            repository 
_pdbx_audit_revision_details.type                'Initial release' 
_pdbx_audit_revision_details.description         ? 
_pdbx_audit_revision_details.details             ? 
# 
loop_
_pdbx_audit_revision_group.ordinal 
_pdbx_audit_revision_group.revision_ordinal 
_pdbx_audit_revision_group.data_content_type 
_pdbx_audit_revision_group.group 
1 2 'Structure model' 'Version format compliance' 
2 3 'Structure model' 'Version format compliance' 
3 4 'Structure model' 'Data collection'           
4 4 'Structure model' 'Database references'       
5 4 'Structure model' 'Derived calculations'      
6 4 'Structure model' 'Structure summary'         
# 
loop_
_pdbx_audit_revision_category.ordinal 
_pdbx_audit_revision_category.revision_ordinal 
_pdbx_audit_revision_category.data_content_type 
_pdbx_audit_revision_category.category 
1 4 'Structure model' chem_comp_atom            
2 4 'Structure model' chem_comp_bond            
3 4 'Structure model' database_2                
4 4 'Structure model' pdbx_entry_details        
5 4 'Structure model' pdbx_modification_feature 
6 4 'Structure model' struct_conn               
7 4 'Structure model' struct_ref_seq_dif        
# 
loop_
_pdbx_audit_revision_item.ordinal 
_pdbx_audit_revision_item.revision_ordinal 
_pdbx_audit_revision_item.data_content_type 
_pdbx_audit_revision_item.item 
1 4 'Structure model' '_database_2.pdbx_DOI'                
2 4 'Structure model' '_database_2.pdbx_database_accession' 
3 4 'Structure model' '_struct_conn.pdbx_leaving_atom_flag' 
4 4 'Structure model' '_struct_ref_seq_dif.details'         
# 
_pdbx_database_status.entry_id                        2A90 
_pdbx_database_status.deposit_site                    RCSB 
_pdbx_database_status.process_site                    RCSB 
_pdbx_database_status.recvd_initial_deposition_date   2005-07-10 
_pdbx_database_status.status_code                     REL 
_pdbx_database_status.status_code_sf                  REL 
_pdbx_database_status.status_code_mr                  ? 
_pdbx_database_status.SG_entry                        ? 
_pdbx_database_status.pdb_format_compatible           Y 
_pdbx_database_status.status_code_cs                  ? 
_pdbx_database_status.status_code_nmr_data            ? 
_pdbx_database_status.methods_development_category    ? 
# 
loop_
_audit_author.name 
_audit_author.pdbx_ordinal 
'Zweifel, M.E.' 1 
'Leahy, D.J.'   2 
'Barrick, D.'   3 
# 
_citation.id                        primary 
_citation.title                     'Structure and Notch Receptor Binding of the Tandem WWE Domain of Deltex.' 
_citation.journal_abbrev            Structure 
_citation.journal_volume            13 
_citation.page_first                1599 
_citation.page_last                 1611 
_citation.year                      2005 
_citation.journal_id_ASTM           STRUE6 
_citation.country                   UK 
_citation.journal_id_ISSN           0969-2126 
_citation.journal_id_CSD            2005 
_citation.book_publisher            ? 
_citation.pdbx_database_id_PubMed   16271883 
_citation.pdbx_database_id_DOI      10.1016/j.str.2005.07.015 
# 
loop_
_citation_author.citation_id 
_citation_author.name 
_citation_author.ordinal 
_citation_author.identifier_ORCID 
primary 'Zweifel, M.E.' 1 ? 
primary 'Leahy, D.J.'   2 ? 
primary 'Barrick, D.'   3 ? 
# 
loop_
_entity.id 
_entity.type 
_entity.src_method 
_entity.pdbx_description 
_entity.formula_weight 
_entity.pdbx_number_of_molecules 
_entity.pdbx_ec 
_entity.pdbx_mutation 
_entity.pdbx_fragment 
_entity.details 
1 polymer man 'Deltex protein' 26813.234 1  ? ? 'WWE domain' ? 
2 water   nat water            18.015    54 ? ? ?            ? 
# 
_entity_poly.entity_id                      1 
_entity_poly.type                           'polypeptide(L)' 
_entity_poly.nstd_linkage                   no 
_entity_poly.nstd_monomer                   yes 
_entity_poly.pdbx_seq_one_letter_code       
;GSHMATMALSTAGSGGPPVNHAHAVSVWEFESRGKWLPYSPAVSQHLERAHAKKLTRV(MSE)LSDADPSLEQYYVNVRT
(MSE)TQESEAETAGSGLLTIGVRR(MSE)FYAPSSPAGKGTKWEWSGGSADSNNDWRPYN(MSE)HVQSIIEDAWARGE
QTLDLSNTHIGLPYTINFSNLTQLRQPSGP(MSE)RSIRRTQQAPYPLVKLTPQQANQLKSNSASVSSQYNTLPKLGDTK
SLHRVPMTRQQHPLPTSHQV
;
_entity_poly.pdbx_seq_one_letter_code_can   
;GSHMATMALSTAGSGGPPVNHAHAVSVWEFESRGKWLPYSPAVSQHLERAHAKKLTRVMLSDADPSLEQYYVNVRTMTQE
SEAETAGSGLLTIGVRRMFYAPSSPAGKGTKWEWSGGSADSNNDWRPYNMHVQSIIEDAWARGEQTLDLSNTHIGLPYTI
NFSNLTQLRQPSGPMRSIRRTQQAPYPLVKLTPQQANQLKSNSASVSSQYNTLPKLGDTKSLHRVPMTRQQHPLPTSHQV
;
_entity_poly.pdbx_strand_id                 A 
_entity_poly.pdbx_target_identifier         ? 
# 
_pdbx_entity_nonpoly.entity_id   2 
_pdbx_entity_nonpoly.name        water 
_pdbx_entity_nonpoly.comp_id     HOH 
# 
loop_
_entity_poly_seq.entity_id 
_entity_poly_seq.num 
_entity_poly_seq.mon_id 
_entity_poly_seq.hetero 
1 1   GLY n 
1 2   SER n 
1 3   HIS n 
1 4   MET n 
1 5   ALA n 
1 6   THR n 
1 7   MET n 
1 8   ALA n 
1 9   LEU n 
1 10  SER n 
1 11  THR n 
1 12  ALA n 
1 13  GLY n 
1 14  SER n 
1 15  GLY n 
1 16  GLY n 
1 17  PRO n 
1 18  PRO n 
1 19  VAL n 
1 20  ASN n 
1 21  HIS n 
1 22  ALA n 
1 23  HIS n 
1 24  ALA n 
1 25  VAL n 
1 26  SER n 
1 27  VAL n 
1 28  TRP n 
1 29  GLU n 
1 30  PHE n 
1 31  GLU n 
1 32  SER n 
1 33  ARG n 
1 34  GLY n 
1 35  LYS n 
1 36  TRP n 
1 37  LEU n 
1 38  PRO n 
1 39  TYR n 
1 40  SER n 
1 41  PRO n 
1 42  ALA n 
1 43  VAL n 
1 44  SER n 
1 45  GLN n 
1 46  HIS n 
1 47  LEU n 
1 48  GLU n 
1 49  ARG n 
1 50  ALA n 
1 51  HIS n 
1 52  ALA n 
1 53  LYS n 
1 54  LYS n 
1 55  LEU n 
1 56  THR n 
1 57  ARG n 
1 58  VAL n 
1 59  MSE n 
1 60  LEU n 
1 61  SER n 
1 62  ASP n 
1 63  ALA n 
1 64  ASP n 
1 65  PRO n 
1 66  SER n 
1 67  LEU n 
1 68  GLU n 
1 69  GLN n 
1 70  TYR n 
1 71  TYR n 
1 72  VAL n 
1 73  ASN n 
1 74  VAL n 
1 75  ARG n 
1 76  THR n 
1 77  MSE n 
1 78  THR n 
1 79  GLN n 
1 80  GLU n 
1 81  SER n 
1 82  GLU n 
1 83  ALA n 
1 84  GLU n 
1 85  THR n 
1 86  ALA n 
1 87  GLY n 
1 88  SER n 
1 89  GLY n 
1 90  LEU n 
1 91  LEU n 
1 92  THR n 
1 93  ILE n 
1 94  GLY n 
1 95  VAL n 
1 96  ARG n 
1 97  ARG n 
1 98  MSE n 
1 99  PHE n 
1 100 TYR n 
1 101 ALA n 
1 102 PRO n 
1 103 SER n 
1 104 SER n 
1 105 PRO n 
1 106 ALA n 
1 107 GLY n 
1 108 LYS n 
1 109 GLY n 
1 110 THR n 
1 111 LYS n 
1 112 TRP n 
1 113 GLU n 
1 114 TRP n 
1 115 SER n 
1 116 GLY n 
1 117 GLY n 
1 118 SER n 
1 119 ALA n 
1 120 ASP n 
1 121 SER n 
1 122 ASN n 
1 123 ASN n 
1 124 ASP n 
1 125 TRP n 
1 126 ARG n 
1 127 PRO n 
1 128 TYR n 
1 129 ASN n 
1 130 MSE n 
1 131 HIS n 
1 132 VAL n 
1 133 GLN n 
1 134 SER n 
1 135 ILE n 
1 136 ILE n 
1 137 GLU n 
1 138 ASP n 
1 139 ALA n 
1 140 TRP n 
1 141 ALA n 
1 142 ARG n 
1 143 GLY n 
1 144 GLU n 
1 145 GLN n 
1 146 THR n 
1 147 LEU n 
1 148 ASP n 
1 149 LEU n 
1 150 SER n 
1 151 ASN n 
1 152 THR n 
1 153 HIS n 
1 154 ILE n 
1 155 GLY n 
1 156 LEU n 
1 157 PRO n 
1 158 TYR n 
1 159 THR n 
1 160 ILE n 
1 161 ASN n 
1 162 PHE n 
1 163 SER n 
1 164 ASN n 
1 165 LEU n 
1 166 THR n 
1 167 GLN n 
1 168 LEU n 
1 169 ARG n 
1 170 GLN n 
1 171 PRO n 
1 172 SER n 
1 173 GLY n 
1 174 PRO n 
1 175 MSE n 
1 176 ARG n 
1 177 SER n 
1 178 ILE n 
1 179 ARG n 
1 180 ARG n 
1 181 THR n 
1 182 GLN n 
1 183 GLN n 
1 184 ALA n 
1 185 PRO n 
1 186 TYR n 
1 187 PRO n 
1 188 LEU n 
1 189 VAL n 
1 190 LYS n 
1 191 LEU n 
1 192 THR n 
1 193 PRO n 
1 194 GLN n 
1 195 GLN n 
1 196 ALA n 
1 197 ASN n 
1 198 GLN n 
1 199 LEU n 
1 200 LYS n 
1 201 SER n 
1 202 ASN n 
1 203 SER n 
1 204 ALA n 
1 205 SER n 
1 206 VAL n 
1 207 SER n 
1 208 SER n 
1 209 GLN n 
1 210 TYR n 
1 211 ASN n 
1 212 THR n 
1 213 LEU n 
1 214 PRO n 
1 215 LYS n 
1 216 LEU n 
1 217 GLY n 
1 218 ASP n 
1 219 THR n 
1 220 LYS n 
1 221 SER n 
1 222 LEU n 
1 223 HIS n 
1 224 ARG n 
1 225 VAL n 
1 226 PRO n 
1 227 MET n 
1 228 THR n 
1 229 ARG n 
1 230 GLN n 
1 231 GLN n 
1 232 HIS n 
1 233 PRO n 
1 234 LEU n 
1 235 PRO n 
1 236 THR n 
1 237 SER n 
1 238 HIS n 
1 239 GLN n 
1 240 VAL n 
# 
_entity_src_gen.entity_id                          1 
_entity_src_gen.pdbx_src_id                        1 
_entity_src_gen.pdbx_alt_source_flag               sample 
_entity_src_gen.pdbx_seq_type                      ? 
_entity_src_gen.pdbx_beg_seq_num                   ? 
_entity_src_gen.pdbx_end_seq_num                   ? 
_entity_src_gen.gene_src_common_name               'fruit fly' 
_entity_src_gen.gene_src_genus                     Drosophila 
_entity_src_gen.pdbx_gene_src_gene                 dx 
_entity_src_gen.gene_src_species                   ? 
_entity_src_gen.gene_src_strain                    ? 
_entity_src_gen.gene_src_tissue                    ? 
_entity_src_gen.gene_src_tissue_fraction           ? 
_entity_src_gen.gene_src_details                   ? 
_entity_src_gen.pdbx_gene_src_fragment             ? 
_entity_src_gen.pdbx_gene_src_scientific_name      'Drosophila melanogaster' 
_entity_src_gen.pdbx_gene_src_ncbi_taxonomy_id     7227 
_entity_src_gen.pdbx_gene_src_variant              ? 
_entity_src_gen.pdbx_gene_src_cell_line            ? 
_entity_src_gen.pdbx_gene_src_atcc                 ? 
_entity_src_gen.pdbx_gene_src_organ                ? 
_entity_src_gen.pdbx_gene_src_organelle            ? 
_entity_src_gen.pdbx_gene_src_cell                 ? 
_entity_src_gen.pdbx_gene_src_cellular_location    ? 
_entity_src_gen.host_org_common_name               ? 
_entity_src_gen.pdbx_host_org_scientific_name      'Escherichia coli' 
_entity_src_gen.pdbx_host_org_ncbi_taxonomy_id     562 
_entity_src_gen.host_org_genus                     Escherichia 
_entity_src_gen.pdbx_host_org_gene                 ? 
_entity_src_gen.pdbx_host_org_organ                ? 
_entity_src_gen.host_org_species                   ? 
_entity_src_gen.pdbx_host_org_tissue               ? 
_entity_src_gen.pdbx_host_org_tissue_fraction      ? 
_entity_src_gen.pdbx_host_org_strain               'B834(DE3)' 
_entity_src_gen.pdbx_host_org_variant              ? 
_entity_src_gen.pdbx_host_org_cell_line            ? 
_entity_src_gen.pdbx_host_org_atcc                 ? 
_entity_src_gen.pdbx_host_org_culture_collection   ? 
_entity_src_gen.pdbx_host_org_cell                 ? 
_entity_src_gen.pdbx_host_org_organelle            ? 
_entity_src_gen.pdbx_host_org_cellular_location    ? 
_entity_src_gen.pdbx_host_org_vector_type          Plasmid 
_entity_src_gen.pdbx_host_org_vector               ? 
_entity_src_gen.host_org_details                   ? 
_entity_src_gen.expression_system_id               ? 
_entity_src_gen.plasmid_name                       pET15b 
_entity_src_gen.plasmid_details                    ? 
_entity_src_gen.pdbx_description                   ? 
# 
loop_
_chem_comp.id 
_chem_comp.type 
_chem_comp.mon_nstd_flag 
_chem_comp.name 
_chem_comp.pdbx_synonyms 
_chem_comp.formula 
_chem_comp.formula_weight 
ALA 'L-peptide linking' y ALANINE          ? 'C3 H7 N O2'     89.093  
ARG 'L-peptide linking' y ARGININE         ? 'C6 H15 N4 O2 1' 175.209 
ASN 'L-peptide linking' y ASPARAGINE       ? 'C4 H8 N2 O3'    132.118 
ASP 'L-peptide linking' y 'ASPARTIC ACID'  ? 'C4 H7 N O4'     133.103 
CYS 'L-peptide linking' y CYSTEINE         ? 'C3 H7 N O2 S'   121.158 
GLN 'L-peptide linking' y GLUTAMINE        ? 'C5 H10 N2 O3'   146.144 
GLU 'L-peptide linking' y 'GLUTAMIC ACID'  ? 'C5 H9 N O4'     147.129 
GLY 'peptide linking'   y GLYCINE          ? 'C2 H5 N O2'     75.067  
HIS 'L-peptide linking' y HISTIDINE        ? 'C6 H10 N3 O2 1' 156.162 
HOH non-polymer         . WATER            ? 'H2 O'           18.015  
ILE 'L-peptide linking' y ISOLEUCINE       ? 'C6 H13 N O2'    131.173 
LEU 'L-peptide linking' y LEUCINE          ? 'C6 H13 N O2'    131.173 
LYS 'L-peptide linking' y LYSINE           ? 'C6 H15 N2 O2 1' 147.195 
MET 'L-peptide linking' y METHIONINE       ? 'C5 H11 N O2 S'  149.211 
MSE 'L-peptide linking' n SELENOMETHIONINE ? 'C5 H11 N O2 Se' 196.106 
PHE 'L-peptide linking' y PHENYLALANINE    ? 'C9 H11 N O2'    165.189 
PRO 'L-peptide linking' y PROLINE          ? 'C5 H9 N O2'     115.130 
SER 'L-peptide linking' y SERINE           ? 'C3 H7 N O3'     105.093 
THR 'L-peptide linking' y THREONINE        ? 'C4 H9 N O3'     119.119 
TRP 'L-peptide linking' y TRYPTOPHAN       ? 'C11 H12 N2 O2'  204.225 
TYR 'L-peptide linking' y TYROSINE         ? 'C9 H11 N O3'    181.189 
VAL 'L-peptide linking' y VALINE           ? 'C5 H11 N O2'    117.146 
# 
loop_
_pdbx_poly_seq_scheme.asym_id 
_pdbx_poly_seq_scheme.entity_id 
_pdbx_poly_seq_scheme.seq_id 
_pdbx_poly_seq_scheme.mon_id 
_pdbx_poly_seq_scheme.ndb_seq_num 
_pdbx_poly_seq_scheme.pdb_seq_num 
_pdbx_poly_seq_scheme.auth_seq_num 
_pdbx_poly_seq_scheme.pdb_mon_id 
_pdbx_poly_seq_scheme.auth_mon_id 
_pdbx_poly_seq_scheme.pdb_strand_id 
_pdbx_poly_seq_scheme.pdb_ins_code 
_pdbx_poly_seq_scheme.hetero 
A 1 1   GLY 1   22  ?   ?   ?   A . n 
A 1 2   SER 2   23  ?   ?   ?   A . n 
A 1 3   HIS 3   24  ?   ?   ?   A . n 
A 1 4   MET 4   25  ?   ?   ?   A . n 
A 1 5   ALA 5   26  ?   ?   ?   A . n 
A 1 6   THR 6   27  ?   ?   ?   A . n 
A 1 7   MET 7   28  ?   ?   ?   A . n 
A 1 8   ALA 8   29  ?   ?   ?   A . n 
A 1 9   LEU 9   30  ?   ?   ?   A . n 
A 1 10  SER 10  31  ?   ?   ?   A . n 
A 1 11  THR 11  32  ?   ?   ?   A . n 
A 1 12  ALA 12  33  ?   ?   ?   A . n 
A 1 13  GLY 13  34  ?   ?   ?   A . n 
A 1 14  SER 14  35  ?   ?   ?   A . n 
A 1 15  GLY 15  36  ?   ?   ?   A . n 
A 1 16  GLY 16  37  ?   ?   ?   A . n 
A 1 17  PRO 17  38  ?   ?   ?   A . n 
A 1 18  PRO 18  39  ?   ?   ?   A . n 
A 1 19  VAL 19  40  ?   ?   ?   A . n 
A 1 20  ASN 20  41  ?   ?   ?   A . n 
A 1 21  HIS 21  42  ?   ?   ?   A . n 
A 1 22  ALA 22  43  43  ALA ALA A . n 
A 1 23  HIS 23  44  44  HIS HIS A . n 
A 1 24  ALA 24  45  45  ALA ALA A . n 
A 1 25  VAL 25  46  46  VAL VAL A . n 
A 1 26  SER 26  47  47  SER SER A . n 
A 1 27  VAL 27  48  48  VAL VAL A . n 
A 1 28  TRP 28  49  49  TRP TRP A . n 
A 1 29  GLU 29  50  50  GLU GLU A . n 
A 1 30  PHE 30  51  51  PHE PHE A . n 
A 1 31  GLU 31  52  52  GLU GLU A . n 
A 1 32  SER 32  53  53  SER SER A . n 
A 1 33  ARG 33  54  54  ARG ARG A . n 
A 1 34  GLY 34  55  55  GLY GLY A . n 
A 1 35  LYS 35  56  56  LYS LYS A . n 
A 1 36  TRP 36  57  57  TRP TRP A . n 
A 1 37  LEU 37  58  58  LEU LEU A . n 
A 1 38  PRO 38  59  59  PRO PRO A . n 
A 1 39  TYR 39  60  60  TYR TYR A . n 
A 1 40  SER 40  61  61  SER SER A . n 
A 1 41  PRO 41  62  62  PRO PRO A . n 
A 1 42  ALA 42  63  63  ALA ALA A . n 
A 1 43  VAL 43  64  64  VAL VAL A . n 
A 1 44  SER 44  65  65  SER SER A . n 
A 1 45  GLN 45  66  66  GLN GLN A . n 
A 1 46  HIS 46  67  67  HIS HIS A . n 
A 1 47  LEU 47  68  68  LEU LEU A . n 
A 1 48  GLU 48  69  69  GLU GLU A . n 
A 1 49  ARG 49  70  70  ARG ARG A . n 
A 1 50  ALA 50  71  71  ALA ALA A . n 
A 1 51  HIS 51  72  72  HIS HIS A . n 
A 1 52  ALA 52  73  73  ALA ALA A . n 
A 1 53  LYS 53  74  74  LYS LYS A . n 
A 1 54  LYS 54  75  75  LYS LYS A . n 
A 1 55  LEU 55  76  76  LEU LEU A . n 
A 1 56  THR 56  77  77  THR THR A . n 
A 1 57  ARG 57  78  78  ARG ARG A . n 
A 1 58  VAL 58  79  79  VAL VAL A . n 
A 1 59  MSE 59  80  80  MSE MSE A . n 
A 1 60  LEU 60  81  81  LEU LEU A . n 
A 1 61  SER 61  82  82  SER SER A . n 
A 1 62  ASP 62  83  83  ASP ASP A . n 
A 1 63  ALA 63  84  84  ALA ALA A . n 
A 1 64  ASP 64  85  85  ASP ASP A . n 
A 1 65  PRO 65  86  86  PRO PRO A . n 
A 1 66  SER 66  87  87  SER SER A . n 
A 1 67  LEU 67  88  88  LEU LEU A . n 
A 1 68  GLU 68  89  89  GLU GLU A . n 
A 1 69  GLN 69  90  90  GLN GLN A . n 
A 1 70  TYR 70  91  91  TYR TYR A . n 
A 1 71  TYR 71  92  92  TYR TYR A . n 
A 1 72  VAL 72  93  93  VAL VAL A . n 
A 1 73  ASN 73  94  94  ASN ASN A . n 
A 1 74  VAL 74  95  95  VAL VAL A . n 
A 1 75  ARG 75  96  96  ARG ARG A . n 
A 1 76  THR 76  97  97  THR THR A . n 
A 1 77  MSE 77  98  98  MSE MSE A . n 
A 1 78  THR 78  99  99  THR THR A . n 
A 1 79  GLN 79  100 100 GLN GLN A . n 
A 1 80  GLU 80  101 101 GLU GLU A . n 
A 1 81  SER 81  102 102 SER SER A . n 
A 1 82  GLU 82  103 ?   ?   ?   A . n 
A 1 83  ALA 83  104 ?   ?   ?   A . n 
A 1 84  GLU 84  105 ?   ?   ?   A . n 
A 1 85  THR 85  106 ?   ?   ?   A . n 
A 1 86  ALA 86  107 ?   ?   ?   A . n 
A 1 87  GLY 87  108 ?   ?   ?   A . n 
A 1 88  SER 88  109 ?   ?   ?   A . n 
A 1 89  GLY 89  110 ?   ?   ?   A . n 
A 1 90  LEU 90  111 ?   ?   ?   A . n 
A 1 91  LEU 91  112 112 LEU LEU A . n 
A 1 92  THR 92  113 113 THR THR A . n 
A 1 93  ILE 93  114 114 ILE ILE A . n 
A 1 94  GLY 94  115 115 GLY GLY A . n 
A 1 95  VAL 95  116 116 VAL VAL A . n 
A 1 96  ARG 96  117 117 ARG ARG A . n 
A 1 97  ARG 97  118 118 ARG ARG A . n 
A 1 98  MSE 98  119 119 MSE MSE A . n 
A 1 99  PHE 99  120 120 PHE PHE A . n 
A 1 100 TYR 100 121 121 TYR TYR A . n 
A 1 101 ALA 101 122 122 ALA ALA A . n 
A 1 102 PRO 102 123 123 PRO PRO A . n 
A 1 103 SER 103 124 124 SER SER A . n 
A 1 104 SER 104 125 125 SER SER A . n 
A 1 105 PRO 105 126 126 PRO PRO A . n 
A 1 106 ALA 106 127 127 ALA ALA A . n 
A 1 107 GLY 107 128 128 GLY GLY A . n 
A 1 108 LYS 108 129 129 LYS LYS A . n 
A 1 109 GLY 109 130 130 GLY GLY A . n 
A 1 110 THR 110 131 131 THR THR A . n 
A 1 111 LYS 111 132 132 LYS LYS A . n 
A 1 112 TRP 112 133 133 TRP TRP A . n 
A 1 113 GLU 113 134 134 GLU GLU A . n 
A 1 114 TRP 114 135 135 TRP TRP A . n 
A 1 115 SER 115 136 136 SER SER A . n 
A 1 116 GLY 116 137 137 GLY GLY A . n 
A 1 117 GLY 117 138 138 GLY GLY A . n 
A 1 118 SER 118 139 139 SER SER A . n 
A 1 119 ALA 119 140 140 ALA ALA A . n 
A 1 120 ASP 120 141 141 ASP ASP A . n 
A 1 121 SER 121 142 142 SER SER A . n 
A 1 122 ASN 122 143 143 ASN ASN A . n 
A 1 123 ASN 123 144 144 ASN ASN A . n 
A 1 124 ASP 124 145 145 ASP ASP A . n 
A 1 125 TRP 125 146 146 TRP TRP A . n 
A 1 126 ARG 126 147 147 ARG ARG A . n 
A 1 127 PRO 127 148 148 PRO PRO A . n 
A 1 128 TYR 128 149 149 TYR TYR A . n 
A 1 129 ASN 129 150 150 ASN ASN A . n 
A 1 130 MSE 130 151 151 MSE MSE A . n 
A 1 131 HIS 131 152 152 HIS HIS A . n 
A 1 132 VAL 132 153 153 VAL VAL A . n 
A 1 133 GLN 133 154 154 GLN GLN A . n 
A 1 134 SER 134 155 155 SER SER A . n 
A 1 135 ILE 135 156 156 ILE ILE A . n 
A 1 136 ILE 136 157 157 ILE ILE A . n 
A 1 137 GLU 137 158 158 GLU GLU A . n 
A 1 138 ASP 138 159 159 ASP ASP A . n 
A 1 139 ALA 139 160 160 ALA ALA A . n 
A 1 140 TRP 140 161 161 TRP TRP A . n 
A 1 141 ALA 141 162 162 ALA ALA A . n 
A 1 142 ARG 142 163 163 ARG ARG A . n 
A 1 143 GLY 143 164 164 GLY GLY A . n 
A 1 144 GLU 144 165 165 GLU GLU A . n 
A 1 145 GLN 145 166 166 GLN GLN A . n 
A 1 146 THR 146 167 167 THR THR A . n 
A 1 147 LEU 147 168 168 LEU LEU A . n 
A 1 148 ASP 148 169 169 ASP ASP A . n 
A 1 149 LEU 149 170 170 LEU LEU A . n 
A 1 150 SER 150 171 171 SER SER A . n 
A 1 151 ASN 151 172 172 ASN ASN A . n 
A 1 152 THR 152 173 173 THR THR A . n 
A 1 153 HIS 153 174 174 HIS HIS A . n 
A 1 154 ILE 154 175 175 ILE ILE A . n 
A 1 155 GLY 155 176 176 GLY GLY A . n 
A 1 156 LEU 156 177 177 LEU LEU A . n 
A 1 157 PRO 157 178 178 PRO PRO A . n 
A 1 158 TYR 158 179 179 TYR TYR A . n 
A 1 159 THR 159 180 180 THR THR A . n 
A 1 160 ILE 160 181 181 ILE ILE A . n 
A 1 161 ASN 161 182 182 ASN ASN A . n 
A 1 162 PHE 162 183 183 PHE PHE A . n 
A 1 163 SER 163 184 184 SER SER A . n 
A 1 164 ASN 164 185 185 ASN ASN A . n 
A 1 165 LEU 165 186 186 LEU LEU A . n 
A 1 166 THR 166 187 187 THR THR A . n 
A 1 167 GLN 167 188 188 GLN GLN A . n 
A 1 168 LEU 168 189 189 LEU LEU A . n 
A 1 169 ARG 169 190 190 ARG ARG A . n 
A 1 170 GLN 170 191 191 GLN GLN A . n 
A 1 171 PRO 171 192 192 PRO PRO A . n 
A 1 172 SER 172 193 193 SER SER A . n 
A 1 173 GLY 173 194 194 GLY GLY A . n 
A 1 174 PRO 174 195 195 PRO PRO A . n 
A 1 175 MSE 175 196 196 MSE MSE A . n 
A 1 176 ARG 176 197 197 ARG ARG A . n 
A 1 177 SER 177 198 198 SER SER A . n 
A 1 178 ILE 178 199 199 ILE ILE A . n 
A 1 179 ARG 179 200 200 ARG ARG A . n 
A 1 180 ARG 180 201 201 ARG ARG A . n 
A 1 181 THR 181 202 202 THR THR A . n 
A 1 182 GLN 182 203 203 GLN GLN A . n 
A 1 183 GLN 183 204 204 GLN GLN A . n 
A 1 184 ALA 184 205 205 ALA ALA A . n 
A 1 185 PRO 185 206 206 PRO PRO A . n 
A 1 186 TYR 186 207 207 TYR TYR A . n 
A 1 187 PRO 187 208 208 PRO PRO A . n 
A 1 188 LEU 188 209 209 LEU LEU A . n 
A 1 189 VAL 189 210 210 VAL VAL A . n 
A 1 190 LYS 190 211 211 LYS LYS A . n 
A 1 191 LEU 191 212 ?   ?   ?   A . n 
A 1 192 THR 192 213 ?   ?   ?   A . n 
A 1 193 PRO 193 214 ?   ?   ?   A . n 
A 1 194 GLN 194 215 ?   ?   ?   A . n 
A 1 195 GLN 195 216 ?   ?   ?   A . n 
A 1 196 ALA 196 217 ?   ?   ?   A . n 
A 1 197 ASN 197 218 ?   ?   ?   A . n 
A 1 198 GLN 198 219 ?   ?   ?   A . n 
A 1 199 LEU 199 220 ?   ?   ?   A . n 
A 1 200 LYS 200 221 ?   ?   ?   A . n 
A 1 201 SER 201 222 ?   ?   ?   A . n 
A 1 202 ASN 202 223 ?   ?   ?   A . n 
A 1 203 SER 203 224 ?   ?   ?   A . n 
A 1 204 ALA 204 225 ?   ?   ?   A . n 
A 1 205 SER 205 226 ?   ?   ?   A . n 
A 1 206 VAL 206 227 ?   ?   ?   A . n 
A 1 207 SER 207 228 ?   ?   ?   A . n 
A 1 208 SER 208 229 ?   ?   ?   A . n 
A 1 209 GLN 209 230 ?   ?   ?   A . n 
A 1 210 TYR 210 231 ?   ?   ?   A . n 
A 1 211 ASN 211 232 ?   ?   ?   A . n 
A 1 212 THR 212 233 ?   ?   ?   A . n 
A 1 213 LEU 213 234 ?   ?   ?   A . n 
A 1 214 PRO 214 235 ?   ?   ?   A . n 
A 1 215 LYS 215 236 ?   ?   ?   A . n 
A 1 216 LEU 216 237 ?   ?   ?   A . n 
A 1 217 GLY 217 238 ?   ?   ?   A . n 
A 1 218 ASP 218 239 ?   ?   ?   A . n 
A 1 219 THR 219 240 ?   ?   ?   A . n 
A 1 220 LYS 220 241 ?   ?   ?   A . n 
A 1 221 SER 221 242 ?   ?   ?   A . n 
A 1 222 LEU 222 243 ?   ?   ?   A . n 
A 1 223 HIS 223 244 ?   ?   ?   A . n 
A 1 224 ARG 224 245 ?   ?   ?   A . n 
A 1 225 VAL 225 246 ?   ?   ?   A . n 
A 1 226 PRO 226 247 ?   ?   ?   A . n 
A 1 227 MET 227 248 ?   ?   ?   A . n 
A 1 228 THR 228 249 ?   ?   ?   A . n 
A 1 229 ARG 229 250 ?   ?   ?   A . n 
A 1 230 GLN 230 251 ?   ?   ?   A . n 
A 1 231 GLN 231 252 ?   ?   ?   A . n 
A 1 232 HIS 232 253 ?   ?   ?   A . n 
A 1 233 PRO 233 254 ?   ?   ?   A . n 
A 1 234 LEU 234 255 ?   ?   ?   A . n 
A 1 235 PRO 235 256 ?   ?   ?   A . n 
A 1 236 THR 236 257 ?   ?   ?   A . n 
A 1 237 SER 237 258 ?   ?   ?   A . n 
A 1 238 HIS 238 259 ?   ?   ?   A . n 
A 1 239 GLN 239 260 ?   ?   ?   A . n 
A 1 240 VAL 240 261 ?   ?   ?   A . n 
# 
loop_
_pdbx_nonpoly_scheme.asym_id 
_pdbx_nonpoly_scheme.entity_id 
_pdbx_nonpoly_scheme.mon_id 
_pdbx_nonpoly_scheme.ndb_seq_num 
_pdbx_nonpoly_scheme.pdb_seq_num 
_pdbx_nonpoly_scheme.auth_seq_num 
_pdbx_nonpoly_scheme.pdb_mon_id 
_pdbx_nonpoly_scheme.auth_mon_id 
_pdbx_nonpoly_scheme.pdb_strand_id 
_pdbx_nonpoly_scheme.pdb_ins_code 
B 2 HOH 1  262 1  HOH HOH A . 
B 2 HOH 2  263 2  HOH HOH A . 
B 2 HOH 3  264 3  HOH HOH A . 
B 2 HOH 4  265 4  HOH HOH A . 
B 2 HOH 5  266 5  HOH HOH A . 
B 2 HOH 6  267 6  HOH HOH A . 
B 2 HOH 7  268 7  HOH HOH A . 
B 2 HOH 8  269 8  HOH HOH A . 
B 2 HOH 9  270 9  HOH HOH A . 
B 2 HOH 10 271 10 HOH HOH A . 
B 2 HOH 11 272 11 HOH HOH A . 
B 2 HOH 12 273 12 HOH HOH A . 
B 2 HOH 13 274 13 HOH HOH A . 
B 2 HOH 14 275 14 HOH HOH A . 
B 2 HOH 15 276 15 HOH HOH A . 
B 2 HOH 16 277 16 HOH HOH A . 
B 2 HOH 17 278 17 HOH HOH A . 
B 2 HOH 18 279 18 HOH HOH A . 
B 2 HOH 19 280 19 HOH HOH A . 
B 2 HOH 20 281 20 HOH HOH A . 
B 2 HOH 21 282 21 HOH HOH A . 
B 2 HOH 22 283 22 HOH HOH A . 
B 2 HOH 23 284 23 HOH HOH A . 
B 2 HOH 24 285 24 HOH HOH A . 
B 2 HOH 25 286 25 HOH HOH A . 
B 2 HOH 26 287 26 HOH HOH A . 
B 2 HOH 27 288 27 HOH HOH A . 
B 2 HOH 28 289 28 HOH HOH A . 
B 2 HOH 29 290 29 HOH HOH A . 
B 2 HOH 30 291 30 HOH HOH A . 
B 2 HOH 31 292 31 HOH HOH A . 
B 2 HOH 32 293 32 HOH HOH A . 
B 2 HOH 33 294 33 HOH HOH A . 
B 2 HOH 34 295 34 HOH HOH A . 
B 2 HOH 35 296 35 HOH HOH A . 
B 2 HOH 36 297 36 HOH HOH A . 
B 2 HOH 37 298 37 HOH HOH A . 
B 2 HOH 38 299 38 HOH HOH A . 
B 2 HOH 39 300 39 HOH HOH A . 
B 2 HOH 40 301 40 HOH HOH A . 
B 2 HOH 41 302 41 HOH HOH A . 
B 2 HOH 42 303 42 HOH HOH A . 
B 2 HOH 43 304 43 HOH HOH A . 
B 2 HOH 44 305 44 HOH HOH A . 
B 2 HOH 45 306 45 HOH HOH A . 
B 2 HOH 46 307 46 HOH HOH A . 
B 2 HOH 47 308 47 HOH HOH A . 
B 2 HOH 48 309 48 HOH HOH A . 
B 2 HOH 49 310 49 HOH HOH A . 
B 2 HOH 50 311 50 HOH HOH A . 
B 2 HOH 51 312 51 HOH HOH A . 
B 2 HOH 52 313 52 HOH HOH A . 
B 2 HOH 53 314 53 HOH HOH A . 
B 2 HOH 54 315 54 HOH HOH A . 
# 
loop_
_software.name 
_software.version 
_software.date 
_software.type 
_software.contact_author 
_software.contact_author_email 
_software.classification 
_software.location 
_software.language 
_software.citation_id 
_software.pdbx_ordinal 
CNS         .     ?               package 'Axel T. Brunger' axel.brunger@yale.edu    refinement        
http://cns.csb.yale.edu/v1.1/    Fortran_77 ? 1 
PDB_EXTRACT 1.700 'May. 30, 2005' package PDB               sw-help@rcsb.rutgers.edu 'data extraction' 
http://pdb.rutgers.edu/software/ C++        ? 2 
DENZO       .     ?               ?       ?                 ?                        'data reduction'  ? ?          ? 3 
SCALEPACK   .     ?               ?       ?                 ?                        'data scaling'    ? ?          ? 4 
SOLVE       .     ?               ?       ?                 ?                        phasing           ? ?          ? 5 
# 
_cell.length_a           57.760 
_cell.length_b           57.760 
_cell.length_c           80.020 
_cell.angle_alpha        90.00 
_cell.angle_beta         90.00 
_cell.angle_gamma        90.00 
_cell.entry_id           2A90 
_cell.pdbx_unique_axis   ? 
_cell.Z_PDB              4 
# 
_symmetry.space_group_name_H-M             'P 41' 
_symmetry.entry_id                         2A90 
_symmetry.pdbx_full_space_group_name_H-M   ? 
_symmetry.Int_Tables_number                76 
_symmetry.cell_setting                     ? 
_symmetry.space_group_name_Hall            ? 
# 
_exptl.entry_id          2A90 
_exptl.crystals_number   1 
_exptl.method            'X-RAY DIFFRACTION' 
# 
_exptl_crystal.id                    1 
_exptl_crystal.density_Matthews      2.49 
_exptl_crystal.density_meas          ? 
_exptl_crystal.density_percent_sol   50.58 
_exptl_crystal.description           ? 
_exptl_crystal.F_000                 ? 
_exptl_crystal.preparation           ? 
# 
_exptl_crystal_grow.crystal_id      1 
_exptl_crystal_grow.method          'VAPOR DIFFUSION, HANGING DROP' 
_exptl_crystal_grow.pH              6.5 
_exptl_crystal_grow.temp            293 
_exptl_crystal_grow.temp_details    ? 
_exptl_crystal_grow.pdbx_details    'Sodium Acetate, Sodium Cacodylate, pH 6.5, VAPOR DIFFUSION, HANGING DROP, temperature 293K' 
_exptl_crystal_grow.pdbx_pH_range   . 
# 
_diffrn.id                     1 
_diffrn.ambient_temp           80 
_diffrn.ambient_temp_details   ? 
_diffrn.crystal_id             1 
# 
_diffrn_detector.diffrn_id              1 
_diffrn_detector.detector               CCD 
_diffrn_detector.type                   'ADSC QUANTUM 4' 
_diffrn_detector.pdbx_collection_date   2004-04-25 
_diffrn_detector.details                ? 
# 
_diffrn_radiation.diffrn_id                        1 
_diffrn_radiation.wavelength_id                    1 
_diffrn_radiation.pdbx_diffrn_protocol             MAD 
_diffrn_radiation.monochromator                    'Si(111)' 
_diffrn_radiation.pdbx_monochromatic_or_laue_m_l   M 
_diffrn_radiation.pdbx_scattering_type             x-ray 
# 
loop_
_diffrn_radiation_wavelength.id 
_diffrn_radiation_wavelength.wavelength 
_diffrn_radiation_wavelength.wt 
1 0.9795 1.0 
2 0.9793 1.0 
3 0.9724 1.0 
# 
_diffrn_source.diffrn_id                   1 
_diffrn_source.source                      SYNCHROTRON 
_diffrn_source.type                        'NSLS BEAMLINE X4A' 
_diffrn_source.pdbx_wavelength             ? 
_diffrn_source.pdbx_wavelength_list        '0.9795, 0.9793, 0.9724' 
_diffrn_source.pdbx_synchrotron_site       NSLS 
_diffrn_source.pdbx_synchrotron_beamline   X4A 
# 
_reflns.entry_id                     2A90 
_reflns.number_all                   ? 
_reflns.number_obs                   27871 
_reflns.percent_possible_obs         ? 
_reflns.observed_criterion_sigma_F   ? 
_reflns.observed_criterion_sigma_I   ? 
_reflns.d_resolution_high            2.15 
_reflns.d_resolution_low             40.8 
_reflns.pdbx_Rmerge_I_obs            ? 
_reflns.pdbx_Rsym_value              ? 
_reflns.pdbx_netI_over_sigmaI        ? 
_reflns.B_iso_Wilson_estimate        ? 
_reflns.pdbx_redundancy              ? 
_reflns.R_free_details               ? 
_reflns.limit_h_max                  ? 
_reflns.limit_h_min                  ? 
_reflns.limit_k_max                  ? 
_reflns.limit_k_min                  ? 
_reflns.limit_l_max                  ? 
_reflns.limit_l_min                  ? 
_reflns.observed_criterion_F_max     ? 
_reflns.observed_criterion_F_min     ? 
_reflns.pdbx_chi_squared             ? 
_reflns.pdbx_scaling_rejects         ? 
_reflns.pdbx_diffrn_id               1 
_reflns.pdbx_ordinal                 1 
# 
_reflns_shell.d_res_high             2.15 
_reflns_shell.d_res_low              2.28 
_reflns_shell.percent_possible_obs   ? 
_reflns_shell.percent_possible_all   99.2 
_reflns_shell.Rmerge_I_obs           ? 
_reflns_shell.meanI_over_sigI_obs    ? 
_reflns_shell.pdbx_Rsym_value        ? 
_reflns_shell.pdbx_redundancy        ? 
_reflns_shell.number_unique_all      ? 
_reflns_shell.number_measured_all    ? 
_reflns_shell.number_measured_obs    ? 
_reflns_shell.number_unique_obs      ? 
_reflns_shell.pdbx_chi_squared       ? 
_reflns_shell.pdbx_diffrn_id         ? 
_reflns_shell.pdbx_ordinal           1 
# 
_refine.ls_d_res_high                            2.150 
_refine.ls_d_res_low                             40.8 
_refine.pdbx_ls_sigma_F                          0.00 
_refine.ls_percent_reflns_obs                    95.800 
_refine.ls_number_reflns_obs                     26923 
_refine.ls_R_factor_R_work                       0.23 
_refine.ls_R_factor_R_free                       0.247 
_refine.ls_percent_reflns_R_free                 4.600 
_refine.ls_number_reflns_R_free                  1300 
_refine.B_iso_mean                               55.148 
_refine.solvent_model_param_bsol                 56.987 
_refine.aniso_B[1][1]                            -0.803 
_refine.aniso_B[2][2]                            -0.803 
_refine.aniso_B[3][3]                            1.607 
_refine.aniso_B[1][2]                            0.000 
_refine.aniso_B[1][3]                            0.000 
_refine.aniso_B[2][3]                            0.000 
_refine.entry_id                                 2A90 
_refine.pdbx_ls_sigma_I                          ? 
_refine.ls_number_reflns_all                     28099 
_refine.ls_R_factor_all                          ? 
_refine.ls_R_factor_obs                          ? 
_refine.ls_redundancy_reflns_obs                 ? 
_refine.pdbx_data_cutoff_high_absF               ? 
_refine.pdbx_data_cutoff_low_absF                ? 
_refine.ls_number_parameters                     ? 
_refine.ls_number_restraints                     ? 
_refine.ls_R_factor_R_free_error                 ? 
_refine.ls_R_factor_R_free_error_details         ? 
_refine.pdbx_method_to_determine_struct          MAD 
_refine.pdbx_starting_model                      ? 
_refine.pdbx_ls_cross_valid_method               ? 
_refine.pdbx_R_Free_selection_details            RANDOM 
_refine.pdbx_stereochem_target_val_spec_case     ? 
_refine.pdbx_stereochemistry_target_values       'Engh & Huber' 
_refine.solvent_model_details                    ? 
_refine.solvent_model_param_ksol                 ? 
_refine.occupancy_max                            ? 
_refine.occupancy_min                            ? 
_refine.pdbx_isotropic_thermal_model             ? 
_refine.details                                  'The sf file of this entry contains Friedel pairs.' 
_refine.B_iso_min                                ? 
_refine.B_iso_max                                ? 
_refine.correlation_coeff_Fo_to_Fc               ? 
_refine.correlation_coeff_Fo_to_Fc_free          ? 
_refine.pdbx_solvent_vdw_probe_radii             ? 
_refine.pdbx_solvent_ion_probe_radii             ? 
_refine.pdbx_solvent_shrinkage_radii             ? 
_refine.overall_SU_R_Cruickshank_DPI             ? 
_refine.overall_SU_R_free                        ? 
_refine.overall_SU_ML                            ? 
_refine.overall_SU_B                             ? 
_refine.pdbx_overall_ESU_R_Free                  ? 
_refine.pdbx_data_cutoff_high_rms_absF           ? 
_refine.pdbx_overall_ESU_R                       ? 
_refine.ls_wR_factor_R_free                      ? 
_refine.ls_wR_factor_R_work                      ? 
_refine.overall_FOM_free_R_set                   ? 
_refine.overall_FOM_work_R_set                   ? 
_refine.pdbx_refine_id                           'X-RAY DIFFRACTION' 
_refine.pdbx_diffrn_id                           1 
_refine.pdbx_TLS_residual_ADP_flag               ? 
_refine.pdbx_overall_phase_error                 ? 
_refine.pdbx_overall_SU_R_free_Cruickshank_DPI   ? 
_refine.pdbx_overall_SU_R_Blow_DPI               ? 
_refine.pdbx_overall_SU_R_free_Blow_DPI          ? 
# 
_refine_hist.pdbx_refine_id                   'X-RAY DIFFRACTION' 
_refine_hist.cycle_id                         LAST 
_refine_hist.pdbx_number_atoms_protein        1286 
_refine_hist.pdbx_number_atoms_nucleic_acid   0 
_refine_hist.pdbx_number_atoms_ligand         0 
_refine_hist.number_atoms_solvent             54 
_refine_hist.number_atoms_total               1340 
_refine_hist.d_res_high                       2.150 
_refine_hist.d_res_low                        40.8 
# 
_refine_ls_shell.d_res_high                       2.15 
_refine_ls_shell.d_res_low                        2.28 
_refine_ls_shell.number_reflns_obs                ? 
_refine_ls_shell.number_reflns_R_free             204 
_refine_ls_shell.R_factor_R_work                  0.312 
_refine_ls_shell.R_factor_R_free                  0.335 
_refine_ls_shell.R_factor_R_free_error            0.023 
_refine_ls_shell.percent_reflns_obs               89.6 
_refine_ls_shell.percent_reflns_R_free            4.9 
_refine_ls_shell.pdbx_total_number_of_bins_used   6 
_refine_ls_shell.number_reflns_R_work             3957 
_refine_ls_shell.redundancy_reflns_obs            ? 
_refine_ls_shell.number_reflns_all                ? 
_refine_ls_shell.pdbx_refine_id                   'X-RAY DIFFRACTION' 
_refine_ls_shell.R_factor_all                     ? 
# 
loop_
_pdbx_xplor_file.serial_no 
_pdbx_xplor_file.param_file 
_pdbx_xplor_file.topol_file 
_pdbx_xplor_file.pdbx_refine_id 
1 CNS_TOPPAR:protein_rep.param ? 'X-RAY DIFFRACTION' 
2 CNS_TOPPAR:water_rep.param   ? 'X-RAY DIFFRACTION' 
# 
_struct.entry_id                  2A90 
_struct.title                     'Crystal Structure of the tandem WWE domain of Drosophila Deltex' 
_struct.pdbx_model_details        ? 
_struct.pdbx_CASP_flag            ? 
_struct.pdbx_model_type_details   ? 
# 
_struct_keywords.entry_id        2A90 
_struct_keywords.pdbx_keywords   'METAL BINDING PROTEIN' 
_struct_keywords.text            'WWE domain, METAL BINDING PROTEIN' 
# 
loop_
_struct_asym.id 
_struct_asym.pdbx_blank_PDB_chainid_flag 
_struct_asym.pdbx_modified 
_struct_asym.entity_id 
_struct_asym.details 
A N N 1 ? 
B N N 2 ? 
# 
_struct_ref.id                         1 
_struct_ref.db_name                    UNP 
_struct_ref.db_code                    DTX_DROME 
_struct_ref.pdbx_db_accession          Q23985 
_struct_ref.entity_id                  1 
_struct_ref.pdbx_seq_one_letter_code   
;ATMALSTAGSGGPPVNHAHAVCVWEFESRGKWLPYSPAVSQHLERAHAKKLTRVMLSDADPSLEQYYVNVRTMTQESEAE
TAGSGLLTIGVRRMFYAPSSPAGKGTKWEWSGGSADSNNDWRPYNMHVQCIIEDAWARGEQTLDLCNTHIGLPYTINFCN
LTQLRQPSGPMRSIRRTQQAPYPLVKLTPQQANQLKSNSASVSSQYNTLPKLGDTKSLHRVPMTRQQHPLPTSHQV
;
_struct_ref.pdbx_align_begin           26 
_struct_ref.pdbx_db_isoform            ? 
# 
_struct_ref_seq.align_id                      1 
_struct_ref_seq.ref_id                        1 
_struct_ref_seq.pdbx_PDB_id_code              2A90 
_struct_ref_seq.pdbx_strand_id                A 
_struct_ref_seq.seq_align_beg                 5 
_struct_ref_seq.pdbx_seq_align_beg_ins_code   ? 
_struct_ref_seq.seq_align_end                 240 
_struct_ref_seq.pdbx_seq_align_end_ins_code   ? 
_struct_ref_seq.pdbx_db_accession             Q23985 
_struct_ref_seq.db_align_beg                  26 
_struct_ref_seq.pdbx_db_align_beg_ins_code    ? 
_struct_ref_seq.db_align_end                  261 
_struct_ref_seq.pdbx_db_align_end_ins_code    ? 
_struct_ref_seq.pdbx_auth_seq_align_beg       26 
_struct_ref_seq.pdbx_auth_seq_align_end       261 
# 
loop_
_struct_ref_seq_dif.align_id 
_struct_ref_seq_dif.pdbx_pdb_id_code 
_struct_ref_seq_dif.mon_id 
_struct_ref_seq_dif.pdbx_pdb_strand_id 
_struct_ref_seq_dif.seq_num 
_struct_ref_seq_dif.pdbx_pdb_ins_code 
_struct_ref_seq_dif.pdbx_seq_db_name 
_struct_ref_seq_dif.pdbx_seq_db_accession_code 
_struct_ref_seq_dif.db_mon_id 
_struct_ref_seq_dif.pdbx_seq_db_seq_num 
_struct_ref_seq_dif.details 
_struct_ref_seq_dif.pdbx_auth_seq_num 
_struct_ref_seq_dif.pdbx_ordinal 
1 2A90 GLY A 1   ? UNP Q23985 ?   ?   'cloning artifact' 22  1  
1 2A90 SER A 2   ? UNP Q23985 ?   ?   'cloning artifact' 23  2  
1 2A90 HIS A 3   ? UNP Q23985 ?   ?   'cloning artifact' 24  3  
1 2A90 MET A 4   ? UNP Q23985 ?   ?   'cloning artifact' 25  4  
1 2A90 SER A 26  ? UNP Q23985 CYS 47  'SEE REMARK 999'   47  5  
1 2A90 MSE A 59  ? UNP Q23985 MET 80  'modified residue' 80  6  
1 2A90 MSE A 77  ? UNP Q23985 MET 98  'modified residue' 98  7  
1 2A90 MSE A 98  ? UNP Q23985 MET 119 'modified residue' 119 8  
1 2A90 MSE A 130 ? UNP Q23985 MET 151 'modified residue' 151 9  
1 2A90 SER A 134 ? UNP Q23985 CYS 155 'SEE REMARK 999'   155 10 
1 2A90 SER A 150 ? UNP Q23985 CYS 171 'SEE REMARK 999'   171 11 
1 2A90 SER A 163 ? UNP Q23985 CYS 184 'SEE REMARK 999'   184 12 
1 2A90 MSE A 175 ? UNP Q23985 MET 196 'modified residue' 196 13 
# 
_pdbx_struct_assembly.id                   1 
_pdbx_struct_assembly.details              author_defined_assembly 
_pdbx_struct_assembly.method_details       ? 
_pdbx_struct_assembly.oligomeric_details   monomeric 
_pdbx_struct_assembly.oligomeric_count     1 
# 
_pdbx_struct_assembly_gen.assembly_id       1 
_pdbx_struct_assembly_gen.oper_expression   1 
_pdbx_struct_assembly_gen.asym_id_list      A,B 
# 
_pdbx_struct_oper_list.id                   1 
_pdbx_struct_oper_list.type                 'identity operation' 
_pdbx_struct_oper_list.name                 1_555 
_pdbx_struct_oper_list.symmetry_operation   x,y,z 
_pdbx_struct_oper_list.matrix[1][1]         1.0000000000 
_pdbx_struct_oper_list.matrix[1][2]         0.0000000000 
_pdbx_struct_oper_list.matrix[1][3]         0.0000000000 
_pdbx_struct_oper_list.vector[1]            0.0000000000 
_pdbx_struct_oper_list.matrix[2][1]         0.0000000000 
_pdbx_struct_oper_list.matrix[2][2]         1.0000000000 
_pdbx_struct_oper_list.matrix[2][3]         0.0000000000 
_pdbx_struct_oper_list.vector[2]            0.0000000000 
_pdbx_struct_oper_list.matrix[3][1]         0.0000000000 
_pdbx_struct_oper_list.matrix[3][2]         0.0000000000 
_pdbx_struct_oper_list.matrix[3][3]         1.0000000000 
_pdbx_struct_oper_list.vector[3]            0.0000000000 
# 
_struct_biol.id                    1 
_struct_biol.pdbx_parent_biol_id   ? 
_struct_biol.details               ? 
# 
loop_
_struct_conf.conf_type_id 
_struct_conf.id 
_struct_conf.pdbx_PDB_helix_id 
_struct_conf.beg_label_comp_id 
_struct_conf.beg_label_asym_id 
_struct_conf.beg_label_seq_id 
_struct_conf.pdbx_beg_PDB_ins_code 
_struct_conf.end_label_comp_id 
_struct_conf.end_label_asym_id 
_struct_conf.end_label_seq_id 
_struct_conf.pdbx_end_PDB_ins_code 
_struct_conf.beg_auth_comp_id 
_struct_conf.beg_auth_asym_id 
_struct_conf.beg_auth_seq_id 
_struct_conf.end_auth_comp_id 
_struct_conf.end_auth_asym_id 
_struct_conf.end_auth_seq_id 
_struct_conf.pdbx_PDB_helix_class 
_struct_conf.details 
_struct_conf.pdbx_PDB_helix_length 
HELX_P HELX_P1 1 SER A 40  ? LYS A 53  ? SER A 61  LYS A 74  1 ? 14 
HELX_P HELX_P2 2 SER A 61  ? ALA A 63  ? SER A 82  ALA A 84  5 ? 3  
HELX_P HELX_P3 3 SER A 104 ? GLY A 109 ? SER A 125 GLY A 130 1 ? 6  
HELX_P HELX_P4 4 ASN A 129 ? ARG A 142 ? ASN A 150 ARG A 163 1 ? 14 
HELX_P HELX_P5 5 LEU A 149 ? HIS A 153 ? LEU A 170 HIS A 174 1 ? 5  
# 
_struct_conf_type.id          HELX_P 
_struct_conf_type.criteria    ? 
_struct_conf_type.reference   ? 
# 
loop_
_struct_conn.id 
_struct_conn.conn_type_id 
_struct_conn.pdbx_leaving_atom_flag 
_struct_conn.pdbx_PDB_id 
_struct_conn.ptnr1_label_asym_id 
_struct_conn.ptnr1_label_comp_id 
_struct_conn.ptnr1_label_seq_id 
_struct_conn.ptnr1_label_atom_id 
_struct_conn.pdbx_ptnr1_label_alt_id 
_struct_conn.pdbx_ptnr1_PDB_ins_code 
_struct_conn.pdbx_ptnr1_standard_comp_id 
_struct_conn.ptnr1_symmetry 
_struct_conn.ptnr2_label_asym_id 
_struct_conn.ptnr2_label_comp_id 
_struct_conn.ptnr2_label_seq_id 
_struct_conn.ptnr2_label_atom_id 
_struct_conn.pdbx_ptnr2_label_alt_id 
_struct_conn.pdbx_ptnr2_PDB_ins_code 
_struct_conn.ptnr1_auth_asym_id 
_struct_conn.ptnr1_auth_comp_id 
_struct_conn.ptnr1_auth_seq_id 
_struct_conn.ptnr2_auth_asym_id 
_struct_conn.ptnr2_auth_comp_id 
_struct_conn.ptnr2_auth_seq_id 
_struct_conn.ptnr2_symmetry 
_struct_conn.pdbx_ptnr3_label_atom_id 
_struct_conn.pdbx_ptnr3_label_seq_id 
_struct_conn.pdbx_ptnr3_label_comp_id 
_struct_conn.pdbx_ptnr3_label_asym_id 
_struct_conn.pdbx_ptnr3_label_alt_id 
_struct_conn.pdbx_ptnr3_PDB_ins_code 
_struct_conn.details 
_struct_conn.pdbx_dist_value 
_struct_conn.pdbx_value_order 
_struct_conn.pdbx_role 
covale1  covale both ? A VAL 58  C ? ? ? 1_555 A MSE 59  N ? ? A VAL 79  A MSE 80  1_555 ? ? ? ? ? ? ? 1.331 ? ? 
covale2  covale both ? A MSE 59  C ? ? ? 1_555 A LEU 60  N ? ? A MSE 80  A LEU 81  1_555 ? ? ? ? ? ? ? 1.327 ? ? 
covale3  covale both ? A THR 76  C ? ? ? 1_555 A MSE 77  N ? ? A THR 97  A MSE 98  1_555 ? ? ? ? ? ? ? 1.334 ? ? 
covale4  covale both ? A MSE 77  C ? ? ? 1_555 A THR 78  N ? ? A MSE 98  A THR 99  1_555 ? ? ? ? ? ? ? 1.330 ? ? 
covale5  covale both ? A ARG 97  C ? ? ? 1_555 A MSE 98  N ? ? A ARG 118 A MSE 119 1_555 ? ? ? ? ? ? ? 1.334 ? ? 
covale6  covale both ? A MSE 98  C ? ? ? 1_555 A PHE 99  N ? ? A MSE 119 A PHE 120 1_555 ? ? ? ? ? ? ? 1.324 ? ? 
covale7  covale both ? A ASN 129 C ? ? ? 1_555 A MSE 130 N ? ? A ASN 150 A MSE 151 1_555 ? ? ? ? ? ? ? 1.333 ? ? 
covale8  covale both ? A MSE 130 C ? ? ? 1_555 A HIS 131 N ? ? A MSE 151 A HIS 152 1_555 ? ? ? ? ? ? ? 1.333 ? ? 
covale9  covale both ? A PRO 174 C ? ? ? 1_555 A MSE 175 N ? ? A PRO 195 A MSE 196 1_555 ? ? ? ? ? ? ? 1.329 ? ? 
covale10 covale both ? A MSE 175 C ? ? ? 1_555 A ARG 176 N ? ? A MSE 196 A ARG 197 1_555 ? ? ? ? ? ? ? 1.319 ? ? 
# 
_struct_conn_type.id          covale 
_struct_conn_type.criteria    ? 
_struct_conn_type.reference   ? 
# 
loop_
_pdbx_modification_feature.ordinal 
_pdbx_modification_feature.label_comp_id 
_pdbx_modification_feature.label_asym_id 
_pdbx_modification_feature.label_seq_id 
_pdbx_modification_feature.label_alt_id 
_pdbx_modification_feature.modified_residue_label_comp_id 
_pdbx_modification_feature.modified_residue_label_asym_id 
_pdbx_modification_feature.modified_residue_label_seq_id 
_pdbx_modification_feature.modified_residue_label_alt_id 
_pdbx_modification_feature.auth_comp_id 
_pdbx_modification_feature.auth_asym_id 
_pdbx_modification_feature.auth_seq_id 
_pdbx_modification_feature.PDB_ins_code 
_pdbx_modification_feature.symmetry 
_pdbx_modification_feature.modified_residue_auth_comp_id 
_pdbx_modification_feature.modified_residue_auth_asym_id 
_pdbx_modification_feature.modified_residue_auth_seq_id 
_pdbx_modification_feature.modified_residue_PDB_ins_code 
_pdbx_modification_feature.modified_residue_symmetry 
_pdbx_modification_feature.comp_id_linking_atom 
_pdbx_modification_feature.modified_residue_id_linking_atom 
_pdbx_modification_feature.modified_residue_id 
_pdbx_modification_feature.ref_pcm_id 
_pdbx_modification_feature.ref_comp_id 
_pdbx_modification_feature.type 
_pdbx_modification_feature.category 
1 MSE A 59  ? . . . . MSE A 80  ? 1_555 . . . . . . . MET 1 MSE Selenomethionine 'Named protein modification' 
2 MSE A 77  ? . . . . MSE A 98  ? 1_555 . . . . . . . MET 1 MSE Selenomethionine 'Named protein modification' 
3 MSE A 98  ? . . . . MSE A 119 ? 1_555 . . . . . . . MET 1 MSE Selenomethionine 'Named protein modification' 
4 MSE A 130 ? . . . . MSE A 151 ? 1_555 . . . . . . . MET 1 MSE Selenomethionine 'Named protein modification' 
5 MSE A 175 ? . . . . MSE A 196 ? 1_555 . . . . . . . MET 1 MSE Selenomethionine 'Named protein modification' 
# 
loop_
_struct_mon_prot_cis.pdbx_id 
_struct_mon_prot_cis.label_comp_id 
_struct_mon_prot_cis.label_seq_id 
_struct_mon_prot_cis.label_asym_id 
_struct_mon_prot_cis.label_alt_id 
_struct_mon_prot_cis.pdbx_PDB_ins_code 
_struct_mon_prot_cis.auth_comp_id 
_struct_mon_prot_cis.auth_seq_id 
_struct_mon_prot_cis.auth_asym_id 
_struct_mon_prot_cis.pdbx_label_comp_id_2 
_struct_mon_prot_cis.pdbx_label_seq_id_2 
_struct_mon_prot_cis.pdbx_label_asym_id_2 
_struct_mon_prot_cis.pdbx_PDB_ins_code_2 
_struct_mon_prot_cis.pdbx_auth_comp_id_2 
_struct_mon_prot_cis.pdbx_auth_seq_id_2 
_struct_mon_prot_cis.pdbx_auth_asym_id_2 
_struct_mon_prot_cis.pdbx_PDB_model_num 
_struct_mon_prot_cis.pdbx_omega_angle 
1 GLN 170 A . ? GLN 191 A PRO 171 A ? PRO 192 A 1 -0.04 
2 GLY 173 A . ? GLY 194 A PRO 174 A ? PRO 195 A 1 0.83  
# 
loop_
_struct_sheet.id 
_struct_sheet.type 
_struct_sheet.number_strands 
_struct_sheet.details 
A ? 3 ? 
B ? 3 ? 
C ? 3 ? 
D ? 6 ? 
# 
loop_
_struct_sheet_order.sheet_id 
_struct_sheet_order.range_id_1 
_struct_sheet_order.range_id_2 
_struct_sheet_order.offset 
_struct_sheet_order.sense 
A 1 2 ? anti-parallel 
A 2 3 ? anti-parallel 
B 1 2 ? anti-parallel 
B 2 3 ? anti-parallel 
C 1 2 ? anti-parallel 
C 2 3 ? anti-parallel 
D 1 2 ? anti-parallel 
D 2 3 ? anti-parallel 
D 3 4 ? anti-parallel 
D 4 5 ? anti-parallel 
D 5 6 ? anti-parallel 
# 
loop_
_struct_sheet_range.sheet_id 
_struct_sheet_range.id 
_struct_sheet_range.beg_label_comp_id 
_struct_sheet_range.beg_label_asym_id 
_struct_sheet_range.beg_label_seq_id 
_struct_sheet_range.pdbx_beg_PDB_ins_code 
_struct_sheet_range.end_label_comp_id 
_struct_sheet_range.end_label_asym_id 
_struct_sheet_range.end_label_seq_id 
_struct_sheet_range.pdbx_end_PDB_ins_code 
_struct_sheet_range.beg_auth_comp_id 
_struct_sheet_range.beg_auth_asym_id 
_struct_sheet_range.beg_auth_seq_id 
_struct_sheet_range.end_auth_comp_id 
_struct_sheet_range.end_auth_asym_id 
_struct_sheet_range.end_auth_seq_id 
A 1 LYS A 35  ? PRO A 38  ? LYS A 56  PRO A 59  
A 2 ALA A 24  ? SER A 32  ? ALA A 45  SER A 53  
A 3 VAL A 95  ? TYR A 100 ? VAL A 116 TYR A 121 
B 1 LYS A 35  ? PRO A 38  ? LYS A 56  PRO A 59  
B 2 ALA A 24  ? SER A 32  ? ALA A 45  SER A 53  
B 3 LEU A 188 ? VAL A 189 ? LEU A 209 VAL A 210 
C 1 ARG A 57  ? MSE A 59  ? ARG A 78  MSE A 80  
C 2 TYR A 71  ? ASN A 73  ? TYR A 92  ASN A 94  
C 3 THR A 78  ? GLU A 80  ? THR A 99  GLU A 101 
D 1 TRP A 125 ? PRO A 127 ? TRP A 146 PRO A 148 
D 2 THR A 110 ? SER A 115 ? THR A 131 SER A 136 
D 3 MSE A 175 ? GLN A 182 ? MSE A 196 GLN A 203 
D 4 THR A 166 ? ARG A 169 ? THR A 187 ARG A 190 
D 5 TYR A 158 ? ASN A 161 ? TYR A 179 ASN A 182 
D 6 THR A 146 ? ASP A 148 ? THR A 167 ASP A 169 
# 
loop_
_pdbx_struct_sheet_hbond.sheet_id 
_pdbx_struct_sheet_hbond.range_id_1 
_pdbx_struct_sheet_hbond.range_id_2 
_pdbx_struct_sheet_hbond.range_1_label_atom_id 
_pdbx_struct_sheet_hbond.range_1_label_comp_id 
_pdbx_struct_sheet_hbond.range_1_label_asym_id 
_pdbx_struct_sheet_hbond.range_1_label_seq_id 
_pdbx_struct_sheet_hbond.range_1_PDB_ins_code 
_pdbx_struct_sheet_hbond.range_1_auth_atom_id 
_pdbx_struct_sheet_hbond.range_1_auth_comp_id 
_pdbx_struct_sheet_hbond.range_1_auth_asym_id 
_pdbx_struct_sheet_hbond.range_1_auth_seq_id 
_pdbx_struct_sheet_hbond.range_2_label_atom_id 
_pdbx_struct_sheet_hbond.range_2_label_comp_id 
_pdbx_struct_sheet_hbond.range_2_label_asym_id 
_pdbx_struct_sheet_hbond.range_2_label_seq_id 
_pdbx_struct_sheet_hbond.range_2_PDB_ins_code 
_pdbx_struct_sheet_hbond.range_2_auth_atom_id 
_pdbx_struct_sheet_hbond.range_2_auth_comp_id 
_pdbx_struct_sheet_hbond.range_2_auth_asym_id 
_pdbx_struct_sheet_hbond.range_2_auth_seq_id 
A 1 2 O LYS A 35  ? O LYS A 56  N SER A 32  ? N SER A 53  
A 2 3 N VAL A 27  ? N VAL A 48  O MSE A 98  ? O MSE A 119 
B 1 2 O LYS A 35  ? O LYS A 56  N SER A 32  ? N SER A 53  
B 2 3 N ALA A 24  ? N ALA A 45  O VAL A 189 ? O VAL A 210 
C 1 2 N VAL A 58  ? N VAL A 79  O VAL A 72  ? O VAL A 93  
C 2 3 N TYR A 71  ? N TYR A 92  O GLU A 80  ? O GLU A 101 
D 1 2 O ARG A 126 ? O ARG A 147 N TRP A 114 ? N TRP A 135 
D 2 3 N LYS A 111 ? N LYS A 132 O THR A 181 ? O THR A 202 
D 3 4 O ARG A 176 ? O ARG A 197 N GLN A 167 ? N GLN A 188 
D 4 5 O LEU A 168 ? O LEU A 189 N THR A 159 ? N THR A 180 
D 5 6 O ILE A 160 ? O ILE A 181 N LEU A 147 ? N LEU A 168 
# 
_pdbx_entry_details.entry_id                   2A90 
_pdbx_entry_details.compound_details           ? 
_pdbx_entry_details.source_details             ? 
_pdbx_entry_details.nonpolymer_details         ? 
_pdbx_entry_details.sequence_details           ? 
_pdbx_entry_details.has_ligand_of_interest     ? 
_pdbx_entry_details.has_protein_modification   Y 
# 
loop_
_pdbx_validate_rmsd_angle.id 
_pdbx_validate_rmsd_angle.PDB_model_num 
_pdbx_validate_rmsd_angle.auth_atom_id_1 
_pdbx_validate_rmsd_angle.auth_asym_id_1 
_pdbx_validate_rmsd_angle.auth_comp_id_1 
_pdbx_validate_rmsd_angle.auth_seq_id_1 
_pdbx_validate_rmsd_angle.PDB_ins_code_1 
_pdbx_validate_rmsd_angle.label_alt_id_1 
_pdbx_validate_rmsd_angle.auth_atom_id_2 
_pdbx_validate_rmsd_angle.auth_asym_id_2 
_pdbx_validate_rmsd_angle.auth_comp_id_2 
_pdbx_validate_rmsd_angle.auth_seq_id_2 
_pdbx_validate_rmsd_angle.PDB_ins_code_2 
_pdbx_validate_rmsd_angle.label_alt_id_2 
_pdbx_validate_rmsd_angle.auth_atom_id_3 
_pdbx_validate_rmsd_angle.auth_asym_id_3 
_pdbx_validate_rmsd_angle.auth_comp_id_3 
_pdbx_validate_rmsd_angle.auth_seq_id_3 
_pdbx_validate_rmsd_angle.PDB_ins_code_3 
_pdbx_validate_rmsd_angle.label_alt_id_3 
_pdbx_validate_rmsd_angle.angle_value 
_pdbx_validate_rmsd_angle.angle_target_value 
_pdbx_validate_rmsd_angle.angle_deviation 
_pdbx_validate_rmsd_angle.angle_standard_deviation 
_pdbx_validate_rmsd_angle.linker_flag 
1 1 N   A ILE 114 ? ? CA A ILE 114 ? ? C   A ILE 114 ? ? 129.20 111.00 18.20  2.70 N 
2 1 CB  A LYS 129 ? ? CG A LYS 129 ? ? CD  A LYS 129 ? ? 92.64  111.60 -18.96 2.60 N 
3 1 N   A GLY 138 ? ? CA A GLY 138 ? ? C   A GLY 138 ? ? 130.00 113.10 16.90  2.50 N 
4 1 N   A HIS 174 ? ? CA A HIS 174 ? ? C   A HIS 174 ? ? 132.61 111.00 21.61  2.70 N 
5 1 CA  A HIS 174 ? ? C  A HIS 174 ? ? N   A ILE 175 ? ? 103.28 117.20 -13.92 2.20 Y 
6 1 N   A ILE 175 ? ? CA A ILE 175 ? ? CB  A ILE 175 ? ? 88.60  110.80 -22.20 2.30 N 
7 1 CG1 A ILE 175 ? ? CB A ILE 175 ? ? CG2 A ILE 175 ? ? 130.64 111.40 19.24  2.20 N 
8 1 N   A ILE 175 ? ? CA A ILE 175 ? ? C   A ILE 175 ? ? 151.52 111.00 40.52  2.70 N 
9 1 CA  A ILE 175 ? ? C  A ILE 175 ? ? N   A GLY 176 ? ? 104.01 116.20 -12.19 2.00 Y 
# 
loop_
_pdbx_validate_torsion.id 
_pdbx_validate_torsion.PDB_model_num 
_pdbx_validate_torsion.auth_comp_id 
_pdbx_validate_torsion.auth_asym_id 
_pdbx_validate_torsion.auth_seq_id 
_pdbx_validate_torsion.PDB_ins_code 
_pdbx_validate_torsion.label_alt_id 
_pdbx_validate_torsion.phi 
_pdbx_validate_torsion.psi 
1 1 GLU A 89  ? ? -26.16  -75.79  
2 1 ASP A 141 ? ? -112.52 59.43   
3 1 ASN A 172 ? ? -72.77  -75.37  
4 1 THR A 173 ? ? -20.50  -87.23  
5 1 ILE A 175 ? ? -115.77 -133.17 
# 
_pdbx_validate_peptide_omega.id               1 
_pdbx_validate_peptide_omega.PDB_model_num    1 
_pdbx_validate_peptide_omega.auth_comp_id_1   HIS 
_pdbx_validate_peptide_omega.auth_asym_id_1   A 
_pdbx_validate_peptide_omega.auth_seq_id_1    174 
_pdbx_validate_peptide_omega.PDB_ins_code_1   ? 
_pdbx_validate_peptide_omega.label_alt_id_1   ? 
_pdbx_validate_peptide_omega.auth_comp_id_2   ILE 
_pdbx_validate_peptide_omega.auth_asym_id_2   A 
_pdbx_validate_peptide_omega.auth_seq_id_2    175 
_pdbx_validate_peptide_omega.PDB_ins_code_2   ? 
_pdbx_validate_peptide_omega.label_alt_id_2   ? 
_pdbx_validate_peptide_omega.omega            -145.36 
# 
loop_
_pdbx_struct_mod_residue.id 
_pdbx_struct_mod_residue.label_asym_id 
_pdbx_struct_mod_residue.label_comp_id 
_pdbx_struct_mod_residue.label_seq_id 
_pdbx_struct_mod_residue.auth_asym_id 
_pdbx_struct_mod_residue.auth_comp_id 
_pdbx_struct_mod_residue.auth_seq_id 
_pdbx_struct_mod_residue.PDB_ins_code 
_pdbx_struct_mod_residue.parent_comp_id 
_pdbx_struct_mod_residue.details 
1 A MSE 59  A MSE 80  ? MET SELENOMETHIONINE 
2 A MSE 77  A MSE 98  ? MET SELENOMETHIONINE 
3 A MSE 98  A MSE 119 ? MET SELENOMETHIONINE 
4 A MSE 130 A MSE 151 ? MET SELENOMETHIONINE 
5 A MSE 175 A MSE 196 ? MET SELENOMETHIONINE 
# 
_pdbx_database_remark.id     999 
_pdbx_database_remark.text   
;SEQUENCE
The cysteines at residue positions 47, 155, 171 and 184 were converted to serines by site-directed mutagenesis in the construct. These substitutions do not correspond to known mutations in the Deltex protein, but were made to improve the solubility and long-term stability of the polypeptide.
;
# 
loop_
_pdbx_unobs_or_zero_occ_residues.id 
_pdbx_unobs_or_zero_occ_residues.PDB_model_num 
_pdbx_unobs_or_zero_occ_residues.polymer_flag 
_pdbx_unobs_or_zero_occ_residues.occupancy_flag 
_pdbx_unobs_or_zero_occ_residues.auth_asym_id 
_pdbx_unobs_or_zero_occ_residues.auth_comp_id 
_pdbx_unobs_or_zero_occ_residues.auth_seq_id 
_pdbx_unobs_or_zero_occ_residues.PDB_ins_code 
_pdbx_unobs_or_zero_occ_residues.label_asym_id 
_pdbx_unobs_or_zero_occ_residues.label_comp_id 
_pdbx_unobs_or_zero_occ_residues.label_seq_id 
1  1 Y 1 A GLY 22  ? A GLY 1   
2  1 Y 1 A SER 23  ? A SER 2   
3  1 Y 1 A HIS 24  ? A HIS 3   
4  1 Y 1 A MET 25  ? A MET 4   
5  1 Y 1 A ALA 26  ? A ALA 5   
6  1 Y 1 A THR 27  ? A THR 6   
7  1 Y 1 A MET 28  ? A MET 7   
8  1 Y 1 A ALA 29  ? A ALA 8   
9  1 Y 1 A LEU 30  ? A LEU 9   
10 1 Y 1 A SER 31  ? A SER 10  
11 1 Y 1 A THR 32  ? A THR 11  
12 1 Y 1 A ALA 33  ? A ALA 12  
13 1 Y 1 A GLY 34  ? A GLY 13  
14 1 Y 1 A SER 35  ? A SER 14  
15 1 Y 1 A GLY 36  ? A GLY 15  
16 1 Y 1 A GLY 37  ? A GLY 16  
17 1 Y 1 A PRO 38  ? A PRO 17  
18 1 Y 1 A PRO 39  ? A PRO 18  
19 1 Y 1 A VAL 40  ? A VAL 19  
20 1 Y 1 A ASN 41  ? A ASN 20  
21 1 Y 1 A HIS 42  ? A HIS 21  
22 1 Y 1 A GLU 103 ? A GLU 82  
23 1 Y 1 A ALA 104 ? A ALA 83  
24 1 Y 1 A GLU 105 ? A GLU 84  
25 1 Y 1 A THR 106 ? A THR 85  
26 1 Y 1 A ALA 107 ? A ALA 86  
27 1 Y 1 A GLY 108 ? A GLY 87  
28 1 Y 1 A SER 109 ? A SER 88  
29 1 Y 1 A GLY 110 ? A GLY 89  
30 1 Y 1 A LEU 111 ? A LEU 90  
31 1 Y 1 A LEU 212 ? A LEU 191 
32 1 Y 1 A THR 213 ? A THR 192 
33 1 Y 1 A PRO 214 ? A PRO 193 
34 1 Y 1 A GLN 215 ? A GLN 194 
35 1 Y 1 A GLN 216 ? A GLN 195 
36 1 Y 1 A ALA 217 ? A ALA 196 
37 1 Y 1 A ASN 218 ? A ASN 197 
38 1 Y 1 A GLN 219 ? A GLN 198 
39 1 Y 1 A LEU 220 ? A LEU 199 
40 1 Y 1 A LYS 221 ? A LYS 200 
41 1 Y 1 A SER 222 ? A SER 201 
42 1 Y 1 A ASN 223 ? A ASN 202 
43 1 Y 1 A SER 224 ? A SER 203 
44 1 Y 1 A ALA 225 ? A ALA 204 
45 1 Y 1 A SER 226 ? A SER 205 
46 1 Y 1 A VAL 227 ? A VAL 206 
47 1 Y 1 A SER 228 ? A SER 207 
48 1 Y 1 A SER 229 ? A SER 208 
49 1 Y 1 A GLN 230 ? A GLN 209 
50 1 Y 1 A TYR 231 ? A TYR 210 
51 1 Y 1 A ASN 232 ? A ASN 211 
52 1 Y 1 A THR 233 ? A THR 212 
53 1 Y 1 A LEU 234 ? A LEU 213 
54 1 Y 1 A PRO 235 ? A PRO 214 
55 1 Y 1 A LYS 236 ? A LYS 215 
56 1 Y 1 A LEU 237 ? A LEU 216 
57 1 Y 1 A GLY 238 ? A GLY 217 
58 1 Y 1 A ASP 239 ? A ASP 218 
59 1 Y 1 A THR 240 ? A THR 219 
60 1 Y 1 A LYS 241 ? A LYS 220 
61 1 Y 1 A SER 242 ? A SER 221 
62 1 Y 1 A LEU 243 ? A LEU 222 
63 1 Y 1 A HIS 244 ? A HIS 223 
64 1 Y 1 A ARG 245 ? A ARG 224 
65 1 Y 1 A VAL 246 ? A VAL 225 
66 1 Y 1 A PRO 247 ? A PRO 226 
67 1 Y 1 A MET 248 ? A MET 227 
68 1 Y 1 A THR 249 ? A THR 228 
69 1 Y 1 A ARG 250 ? A ARG 229 
70 1 Y 1 A GLN 251 ? A GLN 230 
71 1 Y 1 A GLN 252 ? A GLN 231 
72 1 Y 1 A HIS 253 ? A HIS 232 
73 1 Y 1 A PRO 254 ? A PRO 233 
74 1 Y 1 A LEU 255 ? A LEU 234 
75 1 Y 1 A PRO 256 ? A PRO 235 
76 1 Y 1 A THR 257 ? A THR 236 
77 1 Y 1 A SER 258 ? A SER 237 
78 1 Y 1 A HIS 259 ? A HIS 238 
79 1 Y 1 A GLN 260 ? A GLN 239 
80 1 Y 1 A VAL 261 ? A VAL 240 
# 
loop_
_chem_comp_atom.comp_id 
_chem_comp_atom.atom_id 
_chem_comp_atom.type_symbol 
_chem_comp_atom.pdbx_aromatic_flag 
_chem_comp_atom.pdbx_stereo_config 
_chem_comp_atom.pdbx_ordinal 
ALA N    N  N N 1   
ALA CA   C  N S 2   
ALA C    C  N N 3   
ALA O    O  N N 4   
ALA CB   C  N N 5   
ALA OXT  O  N N 6   
ALA H    H  N N 7   
ALA H2   H  N N 8   
ALA HA   H  N N 9   
ALA HB1  H  N N 10  
ALA HB2  H  N N 11  
ALA HB3  H  N N 12  
ALA HXT  H  N N 13  
ARG N    N  N N 14  
ARG CA   C  N S 15  
ARG C    C  N N 16  
ARG O    O  N N 17  
ARG CB   C  N N 18  
ARG CG   C  N N 19  
ARG CD   C  N N 20  
ARG NE   N  N N 21  
ARG CZ   C  N N 22  
ARG NH1  N  N N 23  
ARG NH2  N  N N 24  
ARG OXT  O  N N 25  
ARG H    H  N N 26  
ARG H2   H  N N 27  
ARG HA   H  N N 28  
ARG HB2  H  N N 29  
ARG HB3  H  N N 30  
ARG HG2  H  N N 31  
ARG HG3  H  N N 32  
ARG HD2  H  N N 33  
ARG HD3  H  N N 34  
ARG HE   H  N N 35  
ARG HH11 H  N N 36  
ARG HH12 H  N N 37  
ARG HH21 H  N N 38  
ARG HH22 H  N N 39  
ARG HXT  H  N N 40  
ASN N    N  N N 41  
ASN CA   C  N S 42  
ASN C    C  N N 43  
ASN O    O  N N 44  
ASN CB   C  N N 45  
ASN CG   C  N N 46  
ASN OD1  O  N N 47  
ASN ND2  N  N N 48  
ASN OXT  O  N N 49  
ASN H    H  N N 50  
ASN H2   H  N N 51  
ASN HA   H  N N 52  
ASN HB2  H  N N 53  
ASN HB3  H  N N 54  
ASN HD21 H  N N 55  
ASN HD22 H  N N 56  
ASN HXT  H  N N 57  
ASP N    N  N N 58  
ASP CA   C  N S 59  
ASP C    C  N N 60  
ASP O    O  N N 61  
ASP CB   C  N N 62  
ASP CG   C  N N 63  
ASP OD1  O  N N 64  
ASP OD2  O  N N 65  
ASP OXT  O  N N 66  
ASP H    H  N N 67  
ASP H2   H  N N 68  
ASP HA   H  N N 69  
ASP HB2  H  N N 70  
ASP HB3  H  N N 71  
ASP HD2  H  N N 72  
ASP HXT  H  N N 73  
CYS N    N  N N 74  
CYS CA   C  N R 75  
CYS C    C  N N 76  
CYS O    O  N N 77  
CYS CB   C  N N 78  
CYS SG   S  N N 79  
CYS OXT  O  N N 80  
CYS H    H  N N 81  
CYS H2   H  N N 82  
CYS HA   H  N N 83  
CYS HB2  H  N N 84  
CYS HB3  H  N N 85  
CYS HG   H  N N 86  
CYS HXT  H  N N 87  
GLN N    N  N N 88  
GLN CA   C  N S 89  
GLN C    C  N N 90  
GLN O    O  N N 91  
GLN CB   C  N N 92  
GLN CG   C  N N 93  
GLN CD   C  N N 94  
GLN OE1  O  N N 95  
GLN NE2  N  N N 96  
GLN OXT  O  N N 97  
GLN H    H  N N 98  
GLN H2   H  N N 99  
GLN HA   H  N N 100 
GLN HB2  H  N N 101 
GLN HB3  H  N N 102 
GLN HG2  H  N N 103 
GLN HG3  H  N N 104 
GLN HE21 H  N N 105 
GLN HE22 H  N N 106 
GLN HXT  H  N N 107 
GLU N    N  N N 108 
GLU CA   C  N S 109 
GLU C    C  N N 110 
GLU O    O  N N 111 
GLU CB   C  N N 112 
GLU CG   C  N N 113 
GLU CD   C  N N 114 
GLU OE1  O  N N 115 
GLU OE2  O  N N 116 
GLU OXT  O  N N 117 
GLU H    H  N N 118 
GLU H2   H  N N 119 
GLU HA   H  N N 120 
GLU HB2  H  N N 121 
GLU HB3  H  N N 122 
GLU HG2  H  N N 123 
GLU HG3  H  N N 124 
GLU HE2  H  N N 125 
GLU HXT  H  N N 126 
GLY N    N  N N 127 
GLY CA   C  N N 128 
GLY C    C  N N 129 
GLY O    O  N N 130 
GLY OXT  O  N N 131 
GLY H    H  N N 132 
GLY H2   H  N N 133 
GLY HA2  H  N N 134 
GLY HA3  H  N N 135 
GLY HXT  H  N N 136 
HIS N    N  N N 137 
HIS CA   C  N S 138 
HIS C    C  N N 139 
HIS O    O  N N 140 
HIS CB   C  N N 141 
HIS CG   C  Y N 142 
HIS ND1  N  Y N 143 
HIS CD2  C  Y N 144 
HIS CE1  C  Y N 145 
HIS NE2  N  Y N 146 
HIS OXT  O  N N 147 
HIS H    H  N N 148 
HIS H2   H  N N 149 
HIS HA   H  N N 150 
HIS HB2  H  N N 151 
HIS HB3  H  N N 152 
HIS HD1  H  N N 153 
HIS HD2  H  N N 154 
HIS HE1  H  N N 155 
HIS HE2  H  N N 156 
HIS HXT  H  N N 157 
HOH O    O  N N 158 
HOH H1   H  N N 159 
HOH H2   H  N N 160 
ILE N    N  N N 161 
ILE CA   C  N S 162 
ILE C    C  N N 163 
ILE O    O  N N 164 
ILE CB   C  N S 165 
ILE CG1  C  N N 166 
ILE CG2  C  N N 167 
ILE CD1  C  N N 168 
ILE OXT  O  N N 169 
ILE H    H  N N 170 
ILE H2   H  N N 171 
ILE HA   H  N N 172 
ILE HB   H  N N 173 
ILE HG12 H  N N 174 
ILE HG13 H  N N 175 
ILE HG21 H  N N 176 
ILE HG22 H  N N 177 
ILE HG23 H  N N 178 
ILE HD11 H  N N 179 
ILE HD12 H  N N 180 
ILE HD13 H  N N 181 
ILE HXT  H  N N 182 
LEU N    N  N N 183 
LEU CA   C  N S 184 
LEU C    C  N N 185 
LEU O    O  N N 186 
LEU CB   C  N N 187 
LEU CG   C  N N 188 
LEU CD1  C  N N 189 
LEU CD2  C  N N 190 
LEU OXT  O  N N 191 
LEU H    H  N N 192 
LEU H2   H  N N 193 
LEU HA   H  N N 194 
LEU HB2  H  N N 195 
LEU HB3  H  N N 196 
LEU HG   H  N N 197 
LEU HD11 H  N N 198 
LEU HD12 H  N N 199 
LEU HD13 H  N N 200 
LEU HD21 H  N N 201 
LEU HD22 H  N N 202 
LEU HD23 H  N N 203 
LEU HXT  H  N N 204 
LYS N    N  N N 205 
LYS CA   C  N S 206 
LYS C    C  N N 207 
LYS O    O  N N 208 
LYS CB   C  N N 209 
LYS CG   C  N N 210 
LYS CD   C  N N 211 
LYS CE   C  N N 212 
LYS NZ   N  N N 213 
LYS OXT  O  N N 214 
LYS H    H  N N 215 
LYS H2   H  N N 216 
LYS HA   H  N N 217 
LYS HB2  H  N N 218 
LYS HB3  H  N N 219 
LYS HG2  H  N N 220 
LYS HG3  H  N N 221 
LYS HD2  H  N N 222 
LYS HD3  H  N N 223 
LYS HE2  H  N N 224 
LYS HE3  H  N N 225 
LYS HZ1  H  N N 226 
LYS HZ2  H  N N 227 
LYS HZ3  H  N N 228 
LYS HXT  H  N N 229 
MET N    N  N N 230 
MET CA   C  N S 231 
MET C    C  N N 232 
MET O    O  N N 233 
MET CB   C  N N 234 
MET CG   C  N N 235 
MET SD   S  N N 236 
MET CE   C  N N 237 
MET OXT  O  N N 238 
MET H    H  N N 239 
MET H2   H  N N 240 
MET HA   H  N N 241 
MET HB2  H  N N 242 
MET HB3  H  N N 243 
MET HG2  H  N N 244 
MET HG3  H  N N 245 
MET HE1  H  N N 246 
MET HE2  H  N N 247 
MET HE3  H  N N 248 
MET HXT  H  N N 249 
MSE N    N  N N 250 
MSE CA   C  N S 251 
MSE C    C  N N 252 
MSE O    O  N N 253 
MSE OXT  O  N N 254 
MSE CB   C  N N 255 
MSE CG   C  N N 256 
MSE SE   SE N N 257 
MSE CE   C  N N 258 
MSE H    H  N N 259 
MSE H2   H  N N 260 
MSE HA   H  N N 261 
MSE HXT  H  N N 262 
MSE HB2  H  N N 263 
MSE HB3  H  N N 264 
MSE HG2  H  N N 265 
MSE HG3  H  N N 266 
MSE HE1  H  N N 267 
MSE HE2  H  N N 268 
MSE HE3  H  N N 269 
PHE N    N  N N 270 
PHE CA   C  N S 271 
PHE C    C  N N 272 
PHE O    O  N N 273 
PHE CB   C  N N 274 
PHE CG   C  Y N 275 
PHE CD1  C  Y N 276 
PHE CD2  C  Y N 277 
PHE CE1  C  Y N 278 
PHE CE2  C  Y N 279 
PHE CZ   C  Y N 280 
PHE OXT  O  N N 281 
PHE H    H  N N 282 
PHE H2   H  N N 283 
PHE HA   H  N N 284 
PHE HB2  H  N N 285 
PHE HB3  H  N N 286 
PHE HD1  H  N N 287 
PHE HD2  H  N N 288 
PHE HE1  H  N N 289 
PHE HE2  H  N N 290 
PHE HZ   H  N N 291 
PHE HXT  H  N N 292 
PRO N    N  N N 293 
PRO CA   C  N S 294 
PRO C    C  N N 295 
PRO O    O  N N 296 
PRO CB   C  N N 297 
PRO CG   C  N N 298 
PRO CD   C  N N 299 
PRO OXT  O  N N 300 
PRO H    H  N N 301 
PRO HA   H  N N 302 
PRO HB2  H  N N 303 
PRO HB3  H  N N 304 
PRO HG2  H  N N 305 
PRO HG3  H  N N 306 
PRO HD2  H  N N 307 
PRO HD3  H  N N 308 
PRO HXT  H  N N 309 
SER N    N  N N 310 
SER CA   C  N S 311 
SER C    C  N N 312 
SER O    O  N N 313 
SER CB   C  N N 314 
SER OG   O  N N 315 
SER OXT  O  N N 316 
SER H    H  N N 317 
SER H2   H  N N 318 
SER HA   H  N N 319 
SER HB2  H  N N 320 
SER HB3  H  N N 321 
SER HG   H  N N 322 
SER HXT  H  N N 323 
THR N    N  N N 324 
THR CA   C  N S 325 
THR C    C  N N 326 
THR O    O  N N 327 
THR CB   C  N R 328 
THR OG1  O  N N 329 
THR CG2  C  N N 330 
THR OXT  O  N N 331 
THR H    H  N N 332 
THR H2   H  N N 333 
THR HA   H  N N 334 
THR HB   H  N N 335 
THR HG1  H  N N 336 
THR HG21 H  N N 337 
THR HG22 H  N N 338 
THR HG23 H  N N 339 
THR HXT  H  N N 340 
TRP N    N  N N 341 
TRP CA   C  N S 342 
TRP C    C  N N 343 
TRP O    O  N N 344 
TRP CB   C  N N 345 
TRP CG   C  Y N 346 
TRP CD1  C  Y N 347 
TRP CD2  C  Y N 348 
TRP NE1  N  Y N 349 
TRP CE2  C  Y N 350 
TRP CE3  C  Y N 351 
TRP CZ2  C  Y N 352 
TRP CZ3  C  Y N 353 
TRP CH2  C  Y N 354 
TRP OXT  O  N N 355 
TRP H    H  N N 356 
TRP H2   H  N N 357 
TRP HA   H  N N 358 
TRP HB2  H  N N 359 
TRP HB3  H  N N 360 
TRP HD1  H  N N 361 
TRP HE1  H  N N 362 
TRP HE3  H  N N 363 
TRP HZ2  H  N N 364 
TRP HZ3  H  N N 365 
TRP HH2  H  N N 366 
TRP HXT  H  N N 367 
TYR N    N  N N 368 
TYR CA   C  N S 369 
TYR C    C  N N 370 
TYR O    O  N N 371 
TYR CB   C  N N 372 
TYR CG   C  Y N 373 
TYR CD1  C  Y N 374 
TYR CD2  C  Y N 375 
TYR CE1  C  Y N 376 
TYR CE2  C  Y N 377 
TYR CZ   C  Y N 378 
TYR OH   O  N N 379 
TYR OXT  O  N N 380 
TYR H    H  N N 381 
TYR H2   H  N N 382 
TYR HA   H  N N 383 
TYR HB2  H  N N 384 
TYR HB3  H  N N 385 
TYR HD1  H  N N 386 
TYR HD2  H  N N 387 
TYR HE1  H  N N 388 
TYR HE2  H  N N 389 
TYR HH   H  N N 390 
TYR HXT  H  N N 391 
VAL N    N  N N 392 
VAL CA   C  N S 393 
VAL C    C  N N 394 
VAL O    O  N N 395 
VAL CB   C  N N 396 
VAL CG1  C  N N 397 
VAL CG2  C  N N 398 
VAL OXT  O  N N 399 
VAL H    H  N N 400 
VAL H2   H  N N 401 
VAL HA   H  N N 402 
VAL HB   H  N N 403 
VAL HG11 H  N N 404 
VAL HG12 H  N N 405 
VAL HG13 H  N N 406 
VAL HG21 H  N N 407 
VAL HG22 H  N N 408 
VAL HG23 H  N N 409 
VAL HXT  H  N N 410 
# 
loop_
_chem_comp_bond.comp_id 
_chem_comp_bond.atom_id_1 
_chem_comp_bond.atom_id_2 
_chem_comp_bond.value_order 
_chem_comp_bond.pdbx_aromatic_flag 
_chem_comp_bond.pdbx_stereo_config 
_chem_comp_bond.pdbx_ordinal 
ALA N   CA   sing N N 1   
ALA N   H    sing N N 2   
ALA N   H2   sing N N 3   
ALA CA  C    sing N N 4   
ALA CA  CB   sing N N 5   
ALA CA  HA   sing N N 6   
ALA C   O    doub N N 7   
ALA C   OXT  sing N N 8   
ALA CB  HB1  sing N N 9   
ALA CB  HB2  sing N N 10  
ALA CB  HB3  sing N N 11  
ALA OXT HXT  sing N N 12  
ARG N   CA   sing N N 13  
ARG N   H    sing N N 14  
ARG N   H2   sing N N 15  
ARG CA  C    sing N N 16  
ARG CA  CB   sing N N 17  
ARG CA  HA   sing N N 18  
ARG C   O    doub N N 19  
ARG C   OXT  sing N N 20  
ARG CB  CG   sing N N 21  
ARG CB  HB2  sing N N 22  
ARG CB  HB3  sing N N 23  
ARG CG  CD   sing N N 24  
ARG CG  HG2  sing N N 25  
ARG CG  HG3  sing N N 26  
ARG CD  NE   sing N N 27  
ARG CD  HD2  sing N N 28  
ARG CD  HD3  sing N N 29  
ARG NE  CZ   sing N N 30  
ARG NE  HE   sing N N 31  
ARG CZ  NH1  sing N N 32  
ARG CZ  NH2  doub N N 33  
ARG NH1 HH11 sing N N 34  
ARG NH1 HH12 sing N N 35  
ARG NH2 HH21 sing N N 36  
ARG NH2 HH22 sing N N 37  
ARG OXT HXT  sing N N 38  
ASN N   CA   sing N N 39  
ASN N   H    sing N N 40  
ASN N   H2   sing N N 41  
ASN CA  C    sing N N 42  
ASN CA  CB   sing N N 43  
ASN CA  HA   sing N N 44  
ASN C   O    doub N N 45  
ASN C   OXT  sing N N 46  
ASN CB  CG   sing N N 47  
ASN CB  HB2  sing N N 48  
ASN CB  HB3  sing N N 49  
ASN CG  OD1  doub N N 50  
ASN CG  ND2  sing N N 51  
ASN ND2 HD21 sing N N 52  
ASN ND2 HD22 sing N N 53  
ASN OXT HXT  sing N N 54  
ASP N   CA   sing N N 55  
ASP N   H    sing N N 56  
ASP N   H2   sing N N 57  
ASP CA  C    sing N N 58  
ASP CA  CB   sing N N 59  
ASP CA  HA   sing N N 60  
ASP C   O    doub N N 61  
ASP C   OXT  sing N N 62  
ASP CB  CG   sing N N 63  
ASP CB  HB2  sing N N 64  
ASP CB  HB3  sing N N 65  
ASP CG  OD1  doub N N 66  
ASP CG  OD2  sing N N 67  
ASP OD2 HD2  sing N N 68  
ASP OXT HXT  sing N N 69  
CYS N   CA   sing N N 70  
CYS N   H    sing N N 71  
CYS N   H2   sing N N 72  
CYS CA  C    sing N N 73  
CYS CA  CB   sing N N 74  
CYS CA  HA   sing N N 75  
CYS C   O    doub N N 76  
CYS C   OXT  sing N N 77  
CYS CB  SG   sing N N 78  
CYS CB  HB2  sing N N 79  
CYS CB  HB3  sing N N 80  
CYS SG  HG   sing N N 81  
CYS OXT HXT  sing N N 82  
GLN N   CA   sing N N 83  
GLN N   H    sing N N 84  
GLN N   H2   sing N N 85  
GLN CA  C    sing N N 86  
GLN CA  CB   sing N N 87  
GLN CA  HA   sing N N 88  
GLN C   O    doub N N 89  
GLN C   OXT  sing N N 90  
GLN CB  CG   sing N N 91  
GLN CB  HB2  sing N N 92  
GLN CB  HB3  sing N N 93  
GLN CG  CD   sing N N 94  
GLN CG  HG2  sing N N 95  
GLN CG  HG3  sing N N 96  
GLN CD  OE1  doub N N 97  
GLN CD  NE2  sing N N 98  
GLN NE2 HE21 sing N N 99  
GLN NE2 HE22 sing N N 100 
GLN OXT HXT  sing N N 101 
GLU N   CA   sing N N 102 
GLU N   H    sing N N 103 
GLU N   H2   sing N N 104 
GLU CA  C    sing N N 105 
GLU CA  CB   sing N N 106 
GLU CA  HA   sing N N 107 
GLU C   O    doub N N 108 
GLU C   OXT  sing N N 109 
GLU CB  CG   sing N N 110 
GLU CB  HB2  sing N N 111 
GLU CB  HB3  sing N N 112 
GLU CG  CD   sing N N 113 
GLU CG  HG2  sing N N 114 
GLU CG  HG3  sing N N 115 
GLU CD  OE1  doub N N 116 
GLU CD  OE2  sing N N 117 
GLU OE2 HE2  sing N N 118 
GLU OXT HXT  sing N N 119 
GLY N   CA   sing N N 120 
GLY N   H    sing N N 121 
GLY N   H2   sing N N 122 
GLY CA  C    sing N N 123 
GLY CA  HA2  sing N N 124 
GLY CA  HA3  sing N N 125 
GLY C   O    doub N N 126 
GLY C   OXT  sing N N 127 
GLY OXT HXT  sing N N 128 
HIS N   CA   sing N N 129 
HIS N   H    sing N N 130 
HIS N   H2   sing N N 131 
HIS CA  C    sing N N 132 
HIS CA  CB   sing N N 133 
HIS CA  HA   sing N N 134 
HIS C   O    doub N N 135 
HIS C   OXT  sing N N 136 
HIS CB  CG   sing N N 137 
HIS CB  HB2  sing N N 138 
HIS CB  HB3  sing N N 139 
HIS CG  ND1  sing Y N 140 
HIS CG  CD2  doub Y N 141 
HIS ND1 CE1  doub Y N 142 
HIS ND1 HD1  sing N N 143 
HIS CD2 NE2  sing Y N 144 
HIS CD2 HD2  sing N N 145 
HIS CE1 NE2  sing Y N 146 
HIS CE1 HE1  sing N N 147 
HIS NE2 HE2  sing N N 148 
HIS OXT HXT  sing N N 149 
HOH O   H1   sing N N 150 
HOH O   H2   sing N N 151 
ILE N   CA   sing N N 152 
ILE N   H    sing N N 153 
ILE N   H2   sing N N 154 
ILE CA  C    sing N N 155 
ILE CA  CB   sing N N 156 
ILE CA  HA   sing N N 157 
ILE C   O    doub N N 158 
ILE C   OXT  sing N N 159 
ILE CB  CG1  sing N N 160 
ILE CB  CG2  sing N N 161 
ILE CB  HB   sing N N 162 
ILE CG1 CD1  sing N N 163 
ILE CG1 HG12 sing N N 164 
ILE CG1 HG13 sing N N 165 
ILE CG2 HG21 sing N N 166 
ILE CG2 HG22 sing N N 167 
ILE CG2 HG23 sing N N 168 
ILE CD1 HD11 sing N N 169 
ILE CD1 HD12 sing N N 170 
ILE CD1 HD13 sing N N 171 
ILE OXT HXT  sing N N 172 
LEU N   CA   sing N N 173 
LEU N   H    sing N N 174 
LEU N   H2   sing N N 175 
LEU CA  C    sing N N 176 
LEU CA  CB   sing N N 177 
LEU CA  HA   sing N N 178 
LEU C   O    doub N N 179 
LEU C   OXT  sing N N 180 
LEU CB  CG   sing N N 181 
LEU CB  HB2  sing N N 182 
LEU CB  HB3  sing N N 183 
LEU CG  CD1  sing N N 184 
LEU CG  CD2  sing N N 185 
LEU CG  HG   sing N N 186 
LEU CD1 HD11 sing N N 187 
LEU CD1 HD12 sing N N 188 
LEU CD1 HD13 sing N N 189 
LEU CD2 HD21 sing N N 190 
LEU CD2 HD22 sing N N 191 
LEU CD2 HD23 sing N N 192 
LEU OXT HXT  sing N N 193 
LYS N   CA   sing N N 194 
LYS N   H    sing N N 195 
LYS N   H2   sing N N 196 
LYS CA  C    sing N N 197 
LYS CA  CB   sing N N 198 
LYS CA  HA   sing N N 199 
LYS C   O    doub N N 200 
LYS C   OXT  sing N N 201 
LYS CB  CG   sing N N 202 
LYS CB  HB2  sing N N 203 
LYS CB  HB3  sing N N 204 
LYS CG  CD   sing N N 205 
LYS CG  HG2  sing N N 206 
LYS CG  HG3  sing N N 207 
LYS CD  CE   sing N N 208 
LYS CD  HD2  sing N N 209 
LYS CD  HD3  sing N N 210 
LYS CE  NZ   sing N N 211 
LYS CE  HE2  sing N N 212 
LYS CE  HE3  sing N N 213 
LYS NZ  HZ1  sing N N 214 
LYS NZ  HZ2  sing N N 215 
LYS NZ  HZ3  sing N N 216 
LYS OXT HXT  sing N N 217 
MET N   CA   sing N N 218 
MET N   H    sing N N 219 
MET N   H2   sing N N 220 
MET CA  C    sing N N 221 
MET CA  CB   sing N N 222 
MET CA  HA   sing N N 223 
MET C   O    doub N N 224 
MET C   OXT  sing N N 225 
MET CB  CG   sing N N 226 
MET CB  HB2  sing N N 227 
MET CB  HB3  sing N N 228 
MET CG  SD   sing N N 229 
MET CG  HG2  sing N N 230 
MET CG  HG3  sing N N 231 
MET SD  CE   sing N N 232 
MET CE  HE1  sing N N 233 
MET CE  HE2  sing N N 234 
MET CE  HE3  sing N N 235 
MET OXT HXT  sing N N 236 
MSE N   CA   sing N N 237 
MSE N   H    sing N N 238 
MSE N   H2   sing N N 239 
MSE CA  C    sing N N 240 
MSE CA  CB   sing N N 241 
MSE CA  HA   sing N N 242 
MSE C   O    doub N N 243 
MSE C   OXT  sing N N 244 
MSE OXT HXT  sing N N 245 
MSE CB  CG   sing N N 246 
MSE CB  HB2  sing N N 247 
MSE CB  HB3  sing N N 248 
MSE CG  SE   sing N N 249 
MSE CG  HG2  sing N N 250 
MSE CG  HG3  sing N N 251 
MSE SE  CE   sing N N 252 
MSE CE  HE1  sing N N 253 
MSE CE  HE2  sing N N 254 
MSE CE  HE3  sing N N 255 
PHE N   CA   sing N N 256 
PHE N   H    sing N N 257 
PHE N   H2   sing N N 258 
PHE CA  C    sing N N 259 
PHE CA  CB   sing N N 260 
PHE CA  HA   sing N N 261 
PHE C   O    doub N N 262 
PHE C   OXT  sing N N 263 
PHE CB  CG   sing N N 264 
PHE CB  HB2  sing N N 265 
PHE CB  HB3  sing N N 266 
PHE CG  CD1  doub Y N 267 
PHE CG  CD2  sing Y N 268 
PHE CD1 CE1  sing Y N 269 
PHE CD1 HD1  sing N N 270 
PHE CD2 CE2  doub Y N 271 
PHE CD2 HD2  sing N N 272 
PHE CE1 CZ   doub Y N 273 
PHE CE1 HE1  sing N N 274 
PHE CE2 CZ   sing Y N 275 
PHE CE2 HE2  sing N N 276 
PHE CZ  HZ   sing N N 277 
PHE OXT HXT  sing N N 278 
PRO N   CA   sing N N 279 
PRO N   CD   sing N N 280 
PRO N   H    sing N N 281 
PRO CA  C    sing N N 282 
PRO CA  CB   sing N N 283 
PRO CA  HA   sing N N 284 
PRO C   O    doub N N 285 
PRO C   OXT  sing N N 286 
PRO CB  CG   sing N N 287 
PRO CB  HB2  sing N N 288 
PRO CB  HB3  sing N N 289 
PRO CG  CD   sing N N 290 
PRO CG  HG2  sing N N 291 
PRO CG  HG3  sing N N 292 
PRO CD  HD2  sing N N 293 
PRO CD  HD3  sing N N 294 
PRO OXT HXT  sing N N 295 
SER N   CA   sing N N 296 
SER N   H    sing N N 297 
SER N   H2   sing N N 298 
SER CA  C    sing N N 299 
SER CA  CB   sing N N 300 
SER CA  HA   sing N N 301 
SER C   O    doub N N 302 
SER C   OXT  sing N N 303 
SER CB  OG   sing N N 304 
SER CB  HB2  sing N N 305 
SER CB  HB3  sing N N 306 
SER OG  HG   sing N N 307 
SER OXT HXT  sing N N 308 
THR N   CA   sing N N 309 
THR N   H    sing N N 310 
THR N   H2   sing N N 311 
THR CA  C    sing N N 312 
THR CA  CB   sing N N 313 
THR CA  HA   sing N N 314 
THR C   O    doub N N 315 
THR C   OXT  sing N N 316 
THR CB  OG1  sing N N 317 
THR CB  CG2  sing N N 318 
THR CB  HB   sing N N 319 
THR OG1 HG1  sing N N 320 
THR CG2 HG21 sing N N 321 
THR CG2 HG22 sing N N 322 
THR CG2 HG23 sing N N 323 
THR OXT HXT  sing N N 324 
TRP N   CA   sing N N 325 
TRP N   H    sing N N 326 
TRP N   H2   sing N N 327 
TRP CA  C    sing N N 328 
TRP CA  CB   sing N N 329 
TRP CA  HA   sing N N 330 
TRP C   O    doub N N 331 
TRP C   OXT  sing N N 332 
TRP CB  CG   sing N N 333 
TRP CB  HB2  sing N N 334 
TRP CB  HB3  sing N N 335 
TRP CG  CD1  doub Y N 336 
TRP CG  CD2  sing Y N 337 
TRP CD1 NE1  sing Y N 338 
TRP CD1 HD1  sing N N 339 
TRP CD2 CE2  doub Y N 340 
TRP CD2 CE3  sing Y N 341 
TRP NE1 CE2  sing Y N 342 
TRP NE1 HE1  sing N N 343 
TRP CE2 CZ2  sing Y N 344 
TRP CE3 CZ3  doub Y N 345 
TRP CE3 HE3  sing N N 346 
TRP CZ2 CH2  doub Y N 347 
TRP CZ2 HZ2  sing N N 348 
TRP CZ3 CH2  sing Y N 349 
TRP CZ3 HZ3  sing N N 350 
TRP CH2 HH2  sing N N 351 
TRP OXT HXT  sing N N 352 
TYR N   CA   sing N N 353 
TYR N   H    sing N N 354 
TYR N   H2   sing N N 355 
TYR CA  C    sing N N 356 
TYR CA  CB   sing N N 357 
TYR CA  HA   sing N N 358 
TYR C   O    doub N N 359 
TYR C   OXT  sing N N 360 
TYR CB  CG   sing N N 361 
TYR CB  HB2  sing N N 362 
TYR CB  HB3  sing N N 363 
TYR CG  CD1  doub Y N 364 
TYR CG  CD2  sing Y N 365 
TYR CD1 CE1  sing Y N 366 
TYR CD1 HD1  sing N N 367 
TYR CD2 CE2  doub Y N 368 
TYR CD2 HD2  sing N N 369 
TYR CE1 CZ   doub Y N 370 
TYR CE1 HE1  sing N N 371 
TYR CE2 CZ   sing Y N 372 
TYR CE2 HE2  sing N N 373 
TYR CZ  OH   sing N N 374 
TYR OH  HH   sing N N 375 
TYR OXT HXT  sing N N 376 
VAL N   CA   sing N N 377 
VAL N   H    sing N N 378 
VAL N   H2   sing N N 379 
VAL CA  C    sing N N 380 
VAL CA  CB   sing N N 381 
VAL CA  HA   sing N N 382 
VAL C   O    doub N N 383 
VAL C   OXT  sing N N 384 
VAL CB  CG1  sing N N 385 
VAL CB  CG2  sing N N 386 
VAL CB  HB   sing N N 387 
VAL CG1 HG11 sing N N 388 
VAL CG1 HG12 sing N N 389 
VAL CG1 HG13 sing N N 390 
VAL CG2 HG21 sing N N 391 
VAL CG2 HG22 sing N N 392 
VAL CG2 HG23 sing N N 393 
VAL OXT HXT  sing N N 394 
# 
_atom_sites.entry_id                    2A90 
_atom_sites.fract_transf_matrix[1][1]   -0.01051088 
_atom_sites.fract_transf_matrix[1][2]   0.00886913 
_atom_sites.fract_transf_matrix[1][3]   0.01051664 
_atom_sites.fract_transf_matrix[2][1]   -0.01348724 
_atom_sites.fract_transf_matrix[2][2]   -0.00925243 
_atom_sites.fract_transf_matrix[2][3]   -0.00567688 
_atom_sites.fract_transf_matrix[3][1]   0.00195771 
_atom_sites.fract_transf_matrix[3][2]   -0.00840150 
_atom_sites.fract_transf_matrix[3][3]   0.00904197 
_atom_sites.fract_transf_vector[1]      0.764989 
_atom_sites.fract_transf_vector[2]      0.795562 
_atom_sites.fract_transf_vector[3]      0.567611 
# 
loop_
_atom_type.symbol 
C  
N  
O  
SE 
# 
loop_
_atom_site.group_PDB 
_atom_site.id 
_atom_site.type_symbol 
_atom_site.label_atom_id 
_atom_site.label_alt_id 
_atom_site.label_comp_id 
_atom_site.label_asym_id 
_atom_site.label_entity_id 
_atom_site.label_seq_id 
_atom_site.pdbx_PDB_ins_code 
_atom_site.Cartn_x 
_atom_site.Cartn_y 
_atom_site.Cartn_z 
_atom_site.occupancy 
_atom_site.B_iso_or_equiv 
_atom_site.pdbx_formal_charge 
_atom_site.auth_seq_id 
_atom_site.auth_comp_id 
_atom_site.auth_asym_id 
_atom_site.auth_atom_id 
_atom_site.pdbx_PDB_model_num 
ATOM   1    N  N   . ALA A 1 22  ? 2.166   8.736   -21.104 1.00 77.32 ? 43  ALA A N   1 
ATOM   2    C  CA  . ALA A 1 22  ? 2.617   7.484   -21.748 1.00 77.30 ? 43  ALA A CA  1 
ATOM   3    C  C   . ALA A 1 22  ? 3.219   6.445   -20.809 1.00 76.95 ? 43  ALA A C   1 
ATOM   4    O  O   . ALA A 1 22  ? 3.593   5.357   -21.270 1.00 77.30 ? 43  ALA A O   1 
ATOM   5    C  CB  . ALA A 1 22  ? 3.608   7.775   -22.857 1.00 77.19 ? 43  ALA A CB  1 
ATOM   6    N  N   . HIS A 1 23  ? 3.296   6.730   -19.511 1.00 75.46 ? 44  HIS A N   1 
ATOM   7    C  CA  . HIS A 1 23  ? 3.862   5.743   -18.589 1.00 74.06 ? 44  HIS A CA  1 
ATOM   8    C  C   . HIS A 1 23  ? 2.950   5.504   -17.366 1.00 70.72 ? 44  HIS A C   1 
ATOM   9    O  O   . HIS A 1 23  ? 2.146   6.361   -17.020 1.00 71.08 ? 44  HIS A O   1 
ATOM   10   C  CB  . HIS A 1 23  ? 5.231   6.235   -18.107 1.00 77.36 ? 44  HIS A CB  1 
ATOM   11   C  CG  . HIS A 1 23  ? 5.927   7.152   -19.069 1.00 80.93 ? 44  HIS A CG  1 
ATOM   12   N  ND1 . HIS A 1 23  ? 7.135   6.837   -19.651 1.00 82.14 ? 44  HIS A ND1 1 
ATOM   13   C  CD2 . HIS A 1 23  ? 5.611   8.393   -19.513 1.00 82.48 ? 44  HIS A CD2 1 
ATOM   14   C  CE1 . HIS A 1 23  ? 7.537   7.845   -20.406 1.00 83.58 ? 44  HIS A CE1 1 
ATOM   15   N  NE2 . HIS A 1 23  ? 6.630   8.802   -20.341 1.00 83.47 ? 44  HIS A NE2 1 
ATOM   16   N  N   . ALA A 1 24  ? 3.071   4.346   -16.720 1.00 66.44 ? 45  ALA A N   1 
ATOM   17   C  CA  . ALA A 1 24  ? 2.293   4.034   -15.520 1.00 61.76 ? 45  ALA A CA  1 
ATOM   18   C  C   . ALA A 1 24  ? 3.222   3.266   -14.609 1.00 58.64 ? 45  ALA A C   1 
ATOM   19   O  O   . ALA A 1 24  ? 4.245   2.799   -15.052 1.00 58.15 ? 45  ALA A O   1 
ATOM   20   C  CB  . ALA A 1 24  ? 1.082   3.142   -15.879 1.00 60.15 ? 45  ALA A CB  1 
ATOM   21   N  N   . VAL A 1 25  ? 2.907   3.199   -13.326 1.00 55.38 ? 46  VAL A N   1 
ATOM   22   C  CA  . VAL A 1 25  ? 3.739   2.360   -12.506 1.00 52.24 ? 46  VAL A CA  1 
ATOM   23   C  C   . VAL A 1 25  ? 2.844   1.236   -12.145 1.00 50.44 ? 46  VAL A C   1 
ATOM   24   O  O   . VAL A 1 25  ? 1.626   1.383   -12.052 1.00 50.96 ? 46  VAL A O   1 
ATOM   25   C  CB  . VAL A 1 25  ? 4.342   2.983   -11.202 1.00 52.50 ? 46  VAL A CB  1 
ATOM   26   C  CG1 . VAL A 1 25  ? 5.502   3.852   -11.540 1.00 52.66 ? 46  VAL A CG1 1 
ATOM   27   C  CG2 . VAL A 1 25  ? 3.289   3.650   -10.368 1.00 51.08 ? 46  VAL A CG2 1 
ATOM   28   N  N   . SER A 1 26  ? 3.478   0.093   -11.973 1.00 46.86 ? 47  SER A N   1 
ATOM   29   C  CA  . SER A 1 26  ? 2.765   -1.127  -11.648 1.00 45.52 ? 47  SER A CA  1 
ATOM   30   C  C   . SER A 1 26  ? 2.921   -1.470  -10.176 1.00 45.13 ? 47  SER A C   1 
ATOM   31   O  O   . SER A 1 26  ? 4.029   -1.657  -9.669  1.00 45.87 ? 47  SER A O   1 
ATOM   32   C  CB  . SER A 1 26  ? 3.284   -2.235  -12.555 1.00 45.13 ? 47  SER A CB  1 
ATOM   33   O  OG  . SER A 1 26  ? 3.051   -3.508  -12.040 1.00 47.57 ? 47  SER A OG  1 
ATOM   34   N  N   . VAL A 1 27  ? 1.777   -1.532  -9.507  1.00 42.84 ? 48  VAL A N   1 
ATOM   35   C  CA  . VAL A 1 27  ? 1.709   -1.848  -8.092  1.00 42.04 ? 48  VAL A CA  1 
ATOM   36   C  C   . VAL A 1 27  ? 0.989   -3.185  -7.927  1.00 43.48 ? 48  VAL A C   1 
ATOM   37   O  O   . VAL A 1 27  ? -0.162  -3.339  -8.318  1.00 42.39 ? 48  VAL A O   1 
ATOM   38   C  CB  . VAL A 1 27  ? 0.915   -0.754  -7.308  1.00 41.00 ? 48  VAL A CB  1 
ATOM   39   C  CG1 . VAL A 1 27  ? 0.798   -1.124  -5.805  1.00 41.01 ? 48  VAL A CG1 1 
ATOM   40   C  CG2 . VAL A 1 27  ? 1.608   0.594   -7.461  1.00 41.97 ? 48  VAL A CG2 1 
ATOM   41   N  N   . TRP A 1 28  ? 1.679   -4.152  -7.346  1.00 41.61 ? 49  TRP A N   1 
ATOM   42   C  CA  . TRP A 1 28  ? 1.083   -5.436  -7.093  1.00 41.95 ? 49  TRP A CA  1 
ATOM   43   C  C   . TRP A 1 28  ? 0.470   -5.294  -5.732  1.00 42.17 ? 49  TRP A C   1 
ATOM   44   O  O   . TRP A 1 28  ? 1.028   -4.643  -4.855  1.00 41.03 ? 49  TRP A O   1 
ATOM   45   C  CB  . TRP A 1 28  ? 2.132   -6.552  -7.175  1.00 41.05 ? 49  TRP A CB  1 
ATOM   46   C  CG  . TRP A 1 28  ? 2.553   -6.853  -8.604  1.00 40.56 ? 49  TRP A CG  1 
ATOM   47   C  CD1 . TRP A 1 28  ? 3.284   -6.055  -9.434  1.00 40.61 ? 49  TRP A CD1 1 
ATOM   48   C  CD2 . TRP A 1 28  ? 2.213   -8.016  -9.363  1.00 40.93 ? 49  TRP A CD2 1 
ATOM   49   N  NE1 . TRP A 1 28  ? 3.424   -6.649  -10.668 1.00 41.56 ? 49  TRP A NE1 1 
ATOM   50   C  CE2 . TRP A 1 28  ? 2.779   -7.858  -10.649 1.00 42.19 ? 49  TRP A CE2 1 
ATOM   51   C  CE3 . TRP A 1 28  ? 1.484   -9.181  -9.078  1.00 43.31 ? 49  TRP A CE3 1 
ATOM   52   C  CZ2 . TRP A 1 28  ? 2.637   -8.817  -11.649 1.00 42.51 ? 49  TRP A CZ2 1 
ATOM   53   C  CZ3 . TRP A 1 28  ? 1.340   -10.143 -10.081 1.00 43.55 ? 49  TRP A CZ3 1 
ATOM   54   C  CH2 . TRP A 1 28  ? 1.920   -9.952  -11.348 1.00 43.15 ? 49  TRP A CH2 1 
ATOM   55   N  N   . GLU A 1 29  ? -0.708  -5.880  -5.586  1.00 44.75 ? 50  GLU A N   1 
ATOM   56   C  CA  . GLU A 1 29  ? -1.472  -5.798  -4.350  1.00 48.81 ? 50  GLU A CA  1 
ATOM   57   C  C   . GLU A 1 29  ? -1.963  -7.165  -3.940  1.00 50.13 ? 50  GLU A C   1 
ATOM   58   O  O   . GLU A 1 29  ? -2.053  -8.087  -4.746  1.00 50.16 ? 50  GLU A O   1 
ATOM   59   C  CB  . GLU A 1 29  ? -2.682  -4.873  -4.539  1.00 49.77 ? 50  GLU A CB  1 
ATOM   60   C  CG  . GLU A 1 29  ? -2.315  -3.497  -5.024  1.00 52.05 ? 50  GLU A CG  1 
ATOM   61   C  CD  . GLU A 1 29  ? -3.515  -2.630  -5.400  1.00 56.39 ? 50  GLU A CD  1 
ATOM   62   O  OE1 . GLU A 1 29  ? -4.627  -3.145  -5.681  1.00 59.11 ? 50  GLU A OE1 1 
ATOM   63   O  OE2 . GLU A 1 29  ? -3.333  -1.397  -5.430  1.00 56.32 ? 50  GLU A OE2 1 
ATOM   64   N  N   . PHE A 1 30  ? -2.284  -7.264  -2.664  1.00 52.58 ? 51  PHE A N   1 
ATOM   65   C  CA  . PHE A 1 30  ? -2.810  -8.482  -2.130  1.00 54.97 ? 51  PHE A CA  1 
ATOM   66   C  C   . PHE A 1 30  ? -4.013  -8.092  -1.276  1.00 58.97 ? 51  PHE A C   1 
ATOM   67   O  O   . PHE A 1 30  ? -4.202  -6.945  -0.881  1.00 58.39 ? 51  PHE A O   1 
ATOM   68   C  CB  . PHE A 1 30  ? -1.733  -9.237  -1.332  1.00 52.31 ? 51  PHE A CB  1 
ATOM   69   C  CG  . PHE A 1 30  ? -1.142  -8.442  -0.196  1.00 50.97 ? 51  PHE A CG  1 
ATOM   70   C  CD1 . PHE A 1 30  ? -0.018  -7.626  -0.381  1.00 49.58 ? 51  PHE A CD1 1 
ATOM   71   C  CD2 . PHE A 1 30  ? -1.681  -8.562  1.083   1.00 49.27 ? 51  PHE A CD2 1 
ATOM   72   C  CE1 . PHE A 1 30  ? 0.524   -6.915  0.683   1.00 48.15 ? 51  PHE A CE1 1 
ATOM   73   C  CE2 . PHE A 1 30  ? -1.147  -7.876  2.164   1.00 48.27 ? 51  PHE A CE2 1 
ATOM   74   C  CZ  . PHE A 1 30  ? -0.027  -7.053  1.967   1.00 47.78 ? 51  PHE A CZ  1 
ATOM   75   N  N   . GLU A 1 31  ? -4.835  -9.093  -1.037  1.00 62.79 ? 52  GLU A N   1 
ATOM   76   C  CA  . GLU A 1 31  ? -6.065  -8.972  -0.292  1.00 66.74 ? 52  GLU A CA  1 
ATOM   77   C  C   . GLU A 1 31  ? -5.749  -9.155  1.195   1.00 68.15 ? 52  GLU A C   1 
ATOM   78   O  O   . GLU A 1 31  ? -5.116  -10.131 1.600   1.00 68.52 ? 52  GLU A O   1 
ATOM   79   C  CB  . GLU A 1 31  ? -7.004  -10.080 -0.773  1.00 68.53 ? 52  GLU A CB  1 
ATOM   80   C  CG  . GLU A 1 31  ? -8.461  -9.740  -0.776  1.00 71.39 ? 52  GLU A CG  1 
ATOM   81   C  CD  . GLU A 1 31  ? -9.292  -10.884 -1.355  1.00 73.80 ? 52  GLU A CD  1 
ATOM   82   O  OE1 . GLU A 1 31  ? -8.743  -11.996 -1.580  1.00 74.44 ? 52  GLU A OE1 1 
ATOM   83   O  OE2 . GLU A 1 31  ? -10.500 -10.672 -1.590  1.00 74.79 ? 52  GLU A OE2 1 
ATOM   84   N  N   . SER A 1 32  ? -6.131  -8.184  2.005   1.00 69.90 ? 53  SER A N   1 
ATOM   85   C  CA  . SER A 1 32  ? -5.947  -8.308  3.433   1.00 71.84 ? 53  SER A CA  1 
ATOM   86   C  C   . SER A 1 32  ? -7.160  -7.604  3.991   1.00 73.36 ? 53  SER A C   1 
ATOM   87   O  O   . SER A 1 32  ? -7.301  -6.371  3.908   1.00 72.97 ? 53  SER A O   1 
ATOM   88   C  CB  . SER A 1 32  ? -4.646  -7.671  3.925   1.00 71.40 ? 53  SER A CB  1 
ATOM   89   O  OG  . SER A 1 32  ? -4.367  -8.124  5.250   1.00 71.73 ? 53  SER A OG  1 
ATOM   90   N  N   . ARG A 1 33  ? -8.044  -8.446  4.517   1.00 74.90 ? 54  ARG A N   1 
ATOM   91   C  CA  . ARG A 1 33  ? -9.288  -8.035  5.127   1.00 75.92 ? 54  ARG A CA  1 
ATOM   92   C  C   . ARG A 1 33  ? -10.182 -7.128  4.249   1.00 75.81 ? 54  ARG A C   1 
ATOM   93   O  O   . ARG A 1 33  ? -10.804 -6.201  4.758   1.00 76.78 ? 54  ARG A O   1 
ATOM   94   C  CB  . ARG A 1 33  ? -9.028  -7.339  6.473   1.00 77.29 ? 54  ARG A CB  1 
ATOM   95   C  CG  . ARG A 1 33  ? -7.554  -7.263  6.975   1.00 80.82 ? 54  ARG A CG  1 
ATOM   96   C  CD  . ARG A 1 33  ? -7.475  -7.367  8.517   1.00 83.39 ? 54  ARG A CD  1 
ATOM   97   N  NE  . ARG A 1 33  ? -7.067  -8.709  8.946   1.00 86.49 ? 54  ARG A NE  1 
ATOM   98   C  CZ  . ARG A 1 33  ? -7.426  -9.296  10.090  1.00 88.13 ? 54  ARG A CZ  1 
ATOM   99   N  NH1 . ARG A 1 33  ? -8.221  -8.669  10.959  1.00 88.56 ? 54  ARG A NH1 1 
ATOM   100  N  NH2 . ARG A 1 33  ? -6.991  -10.524 10.365  1.00 88.94 ? 54  ARG A NH2 1 
ATOM   101  N  N   . GLY A 1 34  ? -10.311 -7.411  2.953   1.00 74.96 ? 55  GLY A N   1 
ATOM   102  C  CA  . GLY A 1 34  ? -11.194 -6.583  2.131   1.00 72.69 ? 55  GLY A CA  1 
ATOM   103  C  C   . GLY A 1 34  ? -10.527 -5.277  1.724   1.00 71.93 ? 55  GLY A C   1 
ATOM   104  O  O   . GLY A 1 34  ? -11.170 -4.331  1.224   1.00 71.69 ? 55  GLY A O   1 
ATOM   105  N  N   . LYS A 1 35  ? -9.222  -5.226  1.975   1.00 69.90 ? 56  LYS A N   1 
ATOM   106  C  CA  . LYS A 1 35  ? -8.409  -4.084  1.604   1.00 68.13 ? 56  LYS A CA  1 
ATOM   107  C  C   . LYS A 1 35  ? -7.408  -4.696  0.639   1.00 66.11 ? 56  LYS A C   1 
ATOM   108  O  O   . LYS A 1 35  ? -6.885  -5.790  0.867   1.00 65.03 ? 56  LYS A O   1 
ATOM   109  C  CB  . LYS A 1 35  ? -7.660  -3.491  2.824   1.00 69.07 ? 56  LYS A CB  1 
ATOM   110  C  CG  . LYS A 1 35  ? -8.542  -2.742  3.881   1.00 70.38 ? 56  LYS A CG  1 
ATOM   111  C  CD  . LYS A 1 35  ? -7.700  -2.259  5.112   1.00 71.17 ? 56  LYS A CD  1 
ATOM   112  C  CE  . LYS A 1 35  ? -8.531  -1.508  6.204   1.00 73.13 ? 56  LYS A CE  1 
ATOM   113  N  NZ  . LYS A 1 35  ? -9.403  -2.350  7.109   1.00 74.71 ? 56  LYS A NZ  1 
ATOM   114  N  N   . TRP A 1 36  ? -7.175  -3.972  -0.440  1.00 64.22 ? 57  TRP A N   1 
ATOM   115  C  CA  . TRP A 1 36  ? -6.210  -4.372  -1.428  1.00 61.92 ? 57  TRP A CA  1 
ATOM   116  C  C   . TRP A 1 36  ? -4.995  -3.540  -1.035  1.00 59.42 ? 57  TRP A C   1 
ATOM   117  O  O   . TRP A 1 36  ? -4.935  -2.338  -1.291  1.00 58.86 ? 57  TRP A O   1 
ATOM   118  C  CB  . TRP A 1 36  ? -6.733  -4.044  -2.825  1.00 64.47 ? 57  TRP A CB  1 
ATOM   119  C  CG  . TRP A 1 36  ? -7.673  -5.071  -3.357  1.00 67.47 ? 57  TRP A CG  1 
ATOM   120  C  CD1 . TRP A 1 36  ? -9.014  -4.930  -3.582  1.00 68.39 ? 57  TRP A CD1 1 
ATOM   121  C  CD2 . TRP A 1 36  ? -7.324  -6.377  -3.819  1.00 68.49 ? 57  TRP A CD2 1 
ATOM   122  N  NE1 . TRP A 1 36  ? -9.518  -6.070  -4.165  1.00 69.08 ? 57  TRP A NE1 1 
ATOM   123  C  CE2 . TRP A 1 36  ? -8.500  -6.974  -4.323  1.00 69.25 ? 57  TRP A CE2 1 
ATOM   124  C  CE3 . TRP A 1 36  ? -6.123  -7.101  -3.862  1.00 68.52 ? 57  TRP A CE3 1 
ATOM   125  C  CZ2 . TRP A 1 36  ? -8.510  -8.259  -4.879  1.00 69.25 ? 57  TRP A CZ2 1 
ATOM   126  C  CZ3 . TRP A 1 36  ? -6.125  -8.371  -4.413  1.00 69.05 ? 57  TRP A CZ3 1 
ATOM   127  C  CH2 . TRP A 1 36  ? -7.313  -8.943  -4.918  1.00 69.25 ? 57  TRP A CH2 1 
ATOM   128  N  N   . LEU A 1 37  ? -4.075  -4.193  -0.331  1.00 55.24 ? 58  LEU A N   1 
ATOM   129  C  CA  . LEU A 1 37  ? -2.857  -3.549  0.144   1.00 52.70 ? 58  LEU A CA  1 
ATOM   130  C  C   . LEU A 1 37  ? -1.681  -3.697  -0.821  1.00 50.80 ? 58  LEU A C   1 
ATOM   131  O  O   . LEU A 1 37  ? -1.532  -4.727  -1.479  1.00 50.44 ? 58  LEU A O   1 
ATOM   132  C  CB  . LEU A 1 37  ? -2.482  -4.099  1.513   1.00 50.92 ? 58  LEU A CB  1 
ATOM   133  C  CG  . LEU A 1 37  ? -3.622  -3.847  2.471   1.00 52.06 ? 58  LEU A CG  1 
ATOM   134  C  CD1 . LEU A 1 37  ? -3.166  -4.095  3.893   1.00 50.31 ? 58  LEU A CD1 1 
ATOM   135  C  CD2 . LEU A 1 37  ? -4.113  -2.387  2.330   1.00 50.85 ? 58  LEU A CD2 1 
ATOM   136  N  N   . PRO A 1 38  ? -0.827  -2.667  -0.911  1.00 48.45 ? 59  PRO A N   1 
ATOM   137  C  CA  . PRO A 1 38  ? 0.327   -2.711  -1.815  1.00 45.91 ? 59  PRO A CA  1 
ATOM   138  C  C   . PRO A 1 38  ? 1.510   -3.560  -1.370  1.00 43.80 ? 59  PRO A C   1 
ATOM   139  O  O   . PRO A 1 38  ? 1.897   -3.530  -0.214  1.00 43.47 ? 59  PRO A O   1 
ATOM   140  C  CB  . PRO A 1 38  ? 0.719   -1.232  -1.913  1.00 46.65 ? 59  PRO A CB  1 
ATOM   141  C  CG  . PRO A 1 38  ? 0.449   -0.768  -0.492  1.00 47.67 ? 59  PRO A CG  1 
ATOM   142  C  CD  . PRO A 1 38  ? -0.922  -1.354  -0.234  1.00 47.30 ? 59  PRO A CD  1 
ATOM   143  N  N   . TYR A 1 39  ? 2.092   -4.296  -2.303  1.00 41.39 ? 60  TYR A N   1 
ATOM   144  C  CA  . TYR A 1 39  ? 3.288   -4.980  -1.913  1.00 41.69 ? 60  TYR A CA  1 
ATOM   145  C  C   . TYR A 1 39  ? 4.271   -3.847  -2.042  1.00 40.71 ? 60  TYR A C   1 
ATOM   146  O  O   . TYR A 1 39  ? 3.975   -2.849  -2.695  1.00 40.32 ? 60  TYR A O   1 
ATOM   147  C  CB  . TYR A 1 39  ? 3.718   -6.092  -2.877  1.00 40.42 ? 60  TYR A CB  1 
ATOM   148  C  CG  . TYR A 1 39  ? 3.022   -7.400  -2.740  1.00 39.43 ? 60  TYR A CG  1 
ATOM   149  C  CD1 . TYR A 1 39  ? 3.342   -8.283  -1.702  1.00 40.70 ? 60  TYR A CD1 1 
ATOM   150  C  CD2 . TYR A 1 39  ? 2.051   -7.773  -3.665  1.00 39.63 ? 60  TYR A CD2 1 
ATOM   151  C  CE1 . TYR A 1 39  ? 2.699   -9.512  -1.581  1.00 39.34 ? 60  TYR A CE1 1 
ATOM   152  C  CE2 . TYR A 1 39  ? 1.417   -9.003  -3.577  1.00 39.91 ? 60  TYR A CE2 1 
ATOM   153  C  CZ  . TYR A 1 39  ? 1.739   -9.865  -2.534  1.00 39.80 ? 60  TYR A CZ  1 
ATOM   154  O  OH  . TYR A 1 39  ? 1.101   -11.083 -2.459  1.00 41.27 ? 60  TYR A OH  1 
ATOM   155  N  N   . SER A 1 40  ? 5.435   -4.029  -1.443  1.00 40.42 ? 61  SER A N   1 
ATOM   156  C  CA  . SER A 1 40  ? 6.506   -3.034  -1.485  1.00 39.91 ? 61  SER A CA  1 
ATOM   157  C  C   . SER A 1 40  ? 7.058   -2.895  -2.894  1.00 39.99 ? 61  SER A C   1 
ATOM   158  O  O   . SER A 1 40  ? 6.840   -3.754  -3.725  1.00 39.13 ? 61  SER A O   1 
ATOM   159  C  CB  . SER A 1 40  ? 7.660   -3.476  -0.564  1.00 40.76 ? 61  SER A CB  1 
ATOM   160  O  OG  . SER A 1 40  ? 8.303   -4.606  -1.131  1.00 42.68 ? 61  SER A OG  1 
ATOM   161  N  N   . PRO A 1 41  ? 7.792   -1.805  -3.157  1.00 40.52 ? 62  PRO A N   1 
ATOM   162  C  CA  . PRO A 1 41  ? 8.386   -1.575  -4.478  1.00 40.71 ? 62  PRO A CA  1 
ATOM   163  C  C   . PRO A 1 41  ? 9.266   -2.761  -4.922  1.00 39.63 ? 62  PRO A C   1 
ATOM   164  O  O   . PRO A 1 41  ? 9.158   -3.258  -6.045  1.00 38.75 ? 62  PRO A O   1 
ATOM   165  C  CB  . PRO A 1 41  ? 9.232   -0.305  -4.283  1.00 41.04 ? 62  PRO A CB  1 
ATOM   166  C  CG  . PRO A 1 41  ? 8.629   0.370   -3.137  1.00 40.88 ? 62  PRO A CG  1 
ATOM   167  C  CD  . PRO A 1 41  ? 8.038   -0.673  -2.241  1.00 39.85 ? 62  PRO A CD  1 
ATOM   168  N  N   . ALA A 1 42  ? 10.147  -3.205  -4.029  1.00 39.89 ? 63  ALA A N   1 
ATOM   169  C  CA  . ALA A 1 42  ? 11.040  -4.318  -4.362  1.00 40.76 ? 63  ALA A CA  1 
ATOM   170  C  C   . ALA A 1 42  ? 10.251  -5.587  -4.686  1.00 39.95 ? 63  ALA A C   1 
ATOM   171  O  O   . ALA A 1 42  ? 10.560  -6.288  -5.647  1.00 39.17 ? 63  ALA A O   1 
ATOM   172  C  CB  . ALA A 1 42  ? 12.052  -4.589  -3.215  1.00 39.23 ? 63  ALA A CB  1 
ATOM   173  N  N   . VAL A 1 43  ? 9.223   -5.881  -3.906  1.00 38.56 ? 64  VAL A N   1 
ATOM   174  C  CA  . VAL A 1 43  ? 8.459   -7.067  -4.207  1.00 39.44 ? 64  VAL A CA  1 
ATOM   175  C  C   . VAL A 1 43  ? 7.635   -6.880  -5.485  1.00 40.36 ? 64  VAL A C   1 
ATOM   176  O  O   . VAL A 1 43  ? 7.511   -7.823  -6.266  1.00 40.23 ? 64  VAL A O   1 
ATOM   177  C  CB  . VAL A 1 43  ? 7.580   -7.474  -3.010  1.00 41.35 ? 64  VAL A CB  1 
ATOM   178  C  CG1 . VAL A 1 43  ? 6.506   -8.470  -3.443  1.00 41.39 ? 64  VAL A CG1 1 
ATOM   179  C  CG2 . VAL A 1 43  ? 8.461   -8.100  -1.921  1.00 39.93 ? 64  VAL A CG2 1 
ATOM   180  N  N   . SER A 1 44  ? 7.115   -5.675  -5.729  1.00 39.03 ? 65  SER A N   1 
ATOM   181  C  CA  . SER A 1 44  ? 6.354   -5.455  -6.944  1.00 38.65 ? 65  SER A CA  1 
ATOM   182  C  C   . SER A 1 44  ? 7.297   -5.525  -8.138  1.00 39.46 ? 65  SER A C   1 
ATOM   183  O  O   . SER A 1 44  ? 6.932   -6.009  -9.199  1.00 37.22 ? 65  SER A O   1 
ATOM   184  C  CB  . SER A 1 44  ? 5.654   -4.096  -6.912  1.00 38.63 ? 65  SER A CB  1 
ATOM   185  O  OG  . SER A 1 44  ? 4.763   -3.976  -5.809  1.00 41.89 ? 65  SER A OG  1 
ATOM   186  N  N   . GLN A 1 45  ? 8.516   -5.042  -7.951  1.00 40.09 ? 66  GLN A N   1 
ATOM   187  C  CA  . GLN A 1 45  ? 9.507   -5.065  -9.008  1.00 44.73 ? 66  GLN A CA  1 
ATOM   188  C  C   . GLN A 1 45  ? 9.841   -6.545  -9.341  1.00 43.46 ? 66  GLN A C   1 
ATOM   189  O  O   . GLN A 1 45  ? 9.978   -6.903  -10.509 1.00 41.64 ? 66  GLN A O   1 
ATOM   190  C  CB  . GLN A 1 45  ? 10.742  -4.256  -8.552  1.00 47.49 ? 66  GLN A CB  1 
ATOM   191  C  CG  . GLN A 1 45  ? 11.797  -3.874  -9.618  1.00 56.59 ? 66  GLN A CG  1 
ATOM   192  C  CD  . GLN A 1 45  ? 11.608  -2.476  -10.219 1.00 59.67 ? 66  GLN A CD  1 
ATOM   193  O  OE1 . GLN A 1 45  ? 11.147  -1.538  -9.552  1.00 63.45 ? 66  GLN A OE1 1 
ATOM   194  N  NE2 . GLN A 1 45  ? 12.008  -2.325  -11.476 1.00 62.02 ? 66  GLN A NE2 1 
ATOM   195  N  N   . HIS A 1 46  ? 9.933   -7.393  -8.320  1.00 44.19 ? 67  HIS A N   1 
ATOM   196  C  CA  . HIS A 1 46  ? 10.221  -8.816  -8.543  1.00 44.74 ? 67  HIS A CA  1 
ATOM   197  C  C   . HIS A 1 46  ? 9.040   -9.504  -9.251  1.00 44.17 ? 67  HIS A C   1 
ATOM   198  O  O   . HIS A 1 46  ? 9.229   -10.303 -10.164 1.00 44.84 ? 67  HIS A O   1 
ATOM   199  C  CB  . HIS A 1 46  ? 10.508  -9.513  -7.212  1.00 45.64 ? 67  HIS A CB  1 
ATOM   200  C  CG  . HIS A 1 46  ? 10.831  -10.978 -7.341  1.00 47.59 ? 67  HIS A CG  1 
ATOM   201  N  ND1 . HIS A 1 46  ? 11.996  -11.443 -7.926  1.00 48.48 ? 67  HIS A ND1 1 
ATOM   202  C  CD2 . HIS A 1 46  ? 10.153  -12.085 -6.945  1.00 46.46 ? 67  HIS A CD2 1 
ATOM   203  C  CE1 . HIS A 1 46  ? 12.021  -12.762 -7.880  1.00 48.14 ? 67  HIS A CE1 1 
ATOM   204  N  NE2 . HIS A 1 46  ? 10.913  -13.179 -7.290  1.00 48.46 ? 67  HIS A NE2 1 
ATOM   205  N  N   . LEU A 1 47  ? 7.822   -9.166  -8.843  1.00 43.04 ? 68  LEU A N   1 
ATOM   206  C  CA  . LEU A 1 47  ? 6.638   -9.759  -9.473  1.00 43.73 ? 68  LEU A CA  1 
ATOM   207  C  C   . LEU A 1 47  ? 6.474   -9.354  -10.940 1.00 44.95 ? 68  LEU A C   1 
ATOM   208  O  O   . LEU A 1 47  ? 6.169   -10.187 -11.802 1.00 43.62 ? 68  LEU A O   1 
ATOM   209  C  CB  . LEU A 1 47  ? 5.366   -9.402  -8.706  1.00 42.69 ? 68  LEU A CB  1 
ATOM   210  C  CG  . LEU A 1 47  ? 5.192   -10.248 -7.446  1.00 42.75 ? 68  LEU A CG  1 
ATOM   211  C  CD1 . LEU A 1 47  ? 4.177   -9.638  -6.504  1.00 40.61 ? 68  LEU A CD1 1 
ATOM   212  C  CD2 . LEU A 1 47  ? 4.801   -11.681 -7.838  1.00 43.25 ? 68  LEU A CD2 1 
ATOM   213  N  N   . GLU A 1 48  ? 6.717   -8.076  -11.211 1.00 44.84 ? 69  GLU A N   1 
ATOM   214  C  CA  . GLU A 1 48  ? 6.630   -7.509  -12.540 1.00 46.34 ? 69  GLU A CA  1 
ATOM   215  C  C   . GLU A 1 48  ? 7.632   -8.174  -13.484 1.00 47.68 ? 69  GLU A C   1 
ATOM   216  O  O   . GLU A 1 48  ? 7.286   -8.534  -14.608 1.00 47.40 ? 69  GLU A O   1 
ATOM   217  C  CB  . GLU A 1 48  ? 6.857   -5.993  -12.447 1.00 45.97 ? 69  GLU A CB  1 
ATOM   218  C  CG  . GLU A 1 48  ? 6.413   -5.225  -13.664 1.00 45.71 ? 69  GLU A CG  1 
ATOM   219  C  CD  . GLU A 1 48  ? 4.948   -5.471  -14.028 1.00 46.62 ? 69  GLU A CD  1 
ATOM   220  O  OE1 . GLU A 1 48  ? 4.104   -5.603  -13.115 1.00 44.80 ? 69  GLU A OE1 1 
ATOM   221  O  OE2 . GLU A 1 48  ? 4.648   -5.531  -15.241 1.00 46.96 ? 69  GLU A OE2 1 
ATOM   222  N  N   . ARG A 1 49  ? 8.862   -8.372  -13.015 1.00 49.11 ? 70  ARG A N   1 
ATOM   223  C  CA  . ARG A 1 49  ? 9.867   -9.002  -13.863 1.00 50.22 ? 70  ARG A CA  1 
ATOM   224  C  C   . ARG A 1 49  ? 9.438   -10.430 -14.222 1.00 49.40 ? 70  ARG A C   1 
ATOM   225  O  O   . ARG A 1 49  ? 9.620   -10.861 -15.360 1.00 49.59 ? 70  ARG A O   1 
ATOM   226  C  CB  . ARG A 1 49  ? 11.279  -8.967  -13.204 1.00 53.36 ? 70  ARG A CB  1 
ATOM   227  C  CG  . ARG A 1 49  ? 12.120  -7.696  -13.554 1.00 58.14 ? 70  ARG A CG  1 
ATOM   228  C  CD  . ARG A 1 49  ? 13.577  -7.723  -13.046 1.00 62.80 ? 70  ARG A CD  1 
ATOM   229  N  NE  . ARG A 1 49  ? 13.615  -7.776  -11.601 1.00 66.32 ? 70  ARG A NE  1 
ATOM   230  C  CZ  . ARG A 1 49  ? 14.097  -6.816  -10.822 1.00 68.94 ? 70  ARG A CZ  1 
ATOM   231  N  NH1 . ARG A 1 49  ? 14.620  -5.700  -11.332 1.00 68.94 ? 70  ARG A NH1 1 
ATOM   232  N  NH2 . ARG A 1 49  ? 13.967  -6.939  -9.510  1.00 69.73 ? 70  ARG A NH2 1 
ATOM   233  N  N   . ALA A 1 50  ? 8.803   -11.133 -13.284 1.00 48.15 ? 71  ALA A N   1 
ATOM   234  C  CA  . ALA A 1 50  ? 8.355   -12.509 -13.539 1.00 48.92 ? 71  ALA A CA  1 
ATOM   235  C  C   . ALA A 1 50  ? 7.179   -12.519 -14.511 1.00 50.31 ? 71  ALA A C   1 
ATOM   236  O  O   . ALA A 1 50  ? 7.032   -13.449 -15.316 1.00 49.15 ? 71  ALA A O   1 
ATOM   237  C  CB  . ALA A 1 50  ? 7.945   -13.185 -12.236 1.00 47.59 ? 71  ALA A CB  1 
ATOM   238  N  N   . HIS A 1 51  ? 6.334   -11.492 -14.417 1.00 51.16 ? 72  HIS A N   1 
ATOM   239  C  CA  . HIS A 1 51  ? 5.190   -11.398 -15.313 1.00 52.45 ? 72  HIS A CA  1 
ATOM   240  C  C   . HIS A 1 51  ? 5.771   -11.104 -16.697 1.00 52.33 ? 72  HIS A C   1 
ATOM   241  O  O   . HIS A 1 51  ? 5.377   -11.701 -17.691 1.00 52.88 ? 72  HIS A O   1 
ATOM   242  C  CB  . HIS A 1 51  ? 4.272   -10.257 -14.857 1.00 53.92 ? 72  HIS A CB  1 
ATOM   243  C  CG  . HIS A 1 51  ? 3.052   -10.071 -15.705 1.00 55.45 ? 72  HIS A CG  1 
ATOM   244  N  ND1 . HIS A 1 51  ? 1.854   -10.697 -15.435 1.00 58.58 ? 72  HIS A ND1 1 
ATOM   245  C  CD2 . HIS A 1 51  ? 2.849   -9.338  -16.824 1.00 55.64 ? 72  HIS A CD2 1 
ATOM   246  C  CE1 . HIS A 1 51  ? 0.964   -10.353 -16.348 1.00 57.12 ? 72  HIS A CE1 1 
ATOM   247  N  NE2 . HIS A 1 51  ? 1.542   -9.528  -17.203 1.00 57.23 ? 72  HIS A NE2 1 
ATOM   248  N  N   . ALA A 1 52  ? 6.723   -10.182 -16.751 1.00 52.69 ? 73  ALA A N   1 
ATOM   249  C  CA  . ALA A 1 52  ? 7.323   -9.846  -18.027 1.00 54.32 ? 73  ALA A CA  1 
ATOM   250  C  C   . ALA A 1 52  ? 7.925   -11.098 -18.659 1.00 55.47 ? 73  ALA A C   1 
ATOM   251  O  O   . ALA A 1 52  ? 7.804   -11.317 -19.868 1.00 54.74 ? 73  ALA A O   1 
ATOM   252  C  CB  . ALA A 1 52  ? 8.397   -8.785  -17.867 1.00 53.32 ? 73  ALA A CB  1 
ATOM   253  N  N   . LYS A 1 53  ? 8.593   -11.919 -17.854 1.00 57.07 ? 74  LYS A N   1 
ATOM   254  C  CA  . LYS A 1 53  ? 9.206   -13.141 -18.391 1.00 58.23 ? 74  LYS A CA  1 
ATOM   255  C  C   . LYS A 1 53  ? 8.182   -14.270 -18.600 1.00 58.34 ? 74  LYS A C   1 
ATOM   256  O  O   . LYS A 1 53  ? 8.557   -15.392 -18.956 1.00 59.98 ? 74  LYS A O   1 
ATOM   257  C  CB  . LYS A 1 53  ? 10.305  -13.672 -17.451 1.00 60.06 ? 74  LYS A CB  1 
ATOM   258  C  CG  . LYS A 1 53  ? 11.622  -12.862 -17.260 1.00 63.49 ? 74  LYS A CG  1 
ATOM   259  C  CD  . LYS A 1 53  ? 12.749  -13.930 -17.130 1.00 66.92 ? 74  LYS A CD  1 
ATOM   260  C  CE  . LYS A 1 53  ? 13.958  -13.555 -16.266 1.00 68.24 ? 74  LYS A CE  1 
ATOM   261  N  NZ  . LYS A 1 53  ? 14.993  -14.652 -16.343 1.00 70.51 ? 74  LYS A NZ  1 
ATOM   262  N  N   . LYS A 1 54  ? 6.899   -13.978 -18.380 1.00 57.58 ? 75  LYS A N   1 
ATOM   263  C  CA  . LYS A 1 54  ? 5.809   -14.975 -18.521 1.00 57.37 ? 75  LYS A CA  1 
ATOM   264  C  C   . LYS A 1 54  ? 5.963   -16.199 -17.589 1.00 55.53 ? 75  LYS A C   1 
ATOM   265  O  O   . LYS A 1 54  ? 5.598   -17.315 -17.951 1.00 54.56 ? 75  LYS A O   1 
ATOM   266  C  CB  . LYS A 1 54  ? 5.682   -15.472 -19.983 1.00 59.89 ? 75  LYS A CB  1 
ATOM   267  C  CG  . LYS A 1 54  ? 5.818   -14.400 -21.082 1.00 63.25 ? 75  LYS A CG  1 
ATOM   268  C  CD  . LYS A 1 54  ? 4.501   -13.760 -21.494 1.00 66.53 ? 75  LYS A CD  1 
ATOM   269  C  CE  . LYS A 1 54  ? 4.768   -12.557 -22.393 1.00 68.55 ? 75  LYS A CE  1 
ATOM   270  N  NZ  . LYS A 1 54  ? 5.364   -12.901 -23.712 1.00 71.57 ? 75  LYS A NZ  1 
ATOM   271  N  N   . LEU A 1 55  ? 6.503   -15.969 -16.395 1.00 52.31 ? 76  LEU A N   1 
ATOM   272  C  CA  . LEU A 1 55  ? 6.657   -17.030 -15.416 1.00 49.26 ? 76  LEU A CA  1 
ATOM   273  C  C   . LEU A 1 55  ? 5.354   -17.179 -14.680 1.00 49.03 ? 76  LEU A C   1 
ATOM   274  O  O   . LEU A 1 55  ? 4.543   -16.253 -14.659 1.00 49.70 ? 76  LEU A O   1 
ATOM   275  C  CB  . LEU A 1 55  ? 7.743   -16.700 -14.391 1.00 47.54 ? 76  LEU A CB  1 
ATOM   276  C  CG  . LEU A 1 55  ? 9.150   -16.550 -14.941 1.00 47.20 ? 76  LEU A CG  1 
ATOM   277  C  CD1 . LEU A 1 55  ? 10.089  -16.135 -13.822 1.00 45.97 ? 76  LEU A CD1 1 
ATOM   278  C  CD2 . LEU A 1 55  ? 9.570   -17.889 -15.529 1.00 45.17 ? 76  LEU A CD2 1 
ATOM   279  N  N   . THR A 1 56  ? 5.200   -18.332 -14.040 1.00 47.63 ? 77  THR A N   1 
ATOM   280  C  CA  . THR A 1 56  ? 4.017   -18.656 -13.278 1.00 46.02 ? 77  THR A CA  1 
ATOM   281  C  C   . THR A 1 56  ? 4.219   -18.592 -11.771 1.00 45.18 ? 77  THR A C   1 
ATOM   282  O  O   . THR A 1 56  ? 3.399   -18.005 -11.079 1.00 45.38 ? 77  THR A O   1 
ATOM   283  C  CB  . THR A 1 56  ? 3.562   -20.065 -13.640 1.00 47.35 ? 77  THR A CB  1 
ATOM   284  O  OG1 . THR A 1 56  ? 3.433   -20.181 -15.068 1.00 49.64 ? 77  THR A OG1 1 
ATOM   285  C  CG2 . THR A 1 56  ? 2.216   -20.380 -12.971 1.00 46.14 ? 77  THR A CG2 1 
ATOM   286  N  N   . ARG A 1 57  ? 5.312   -19.165 -11.278 1.00 44.59 ? 78  ARG A N   1 
ATOM   287  C  CA  . ARG A 1 57  ? 5.546   -19.163 -9.851  1.00 43.39 ? 78  ARG A CA  1 
ATOM   288  C  C   . ARG A 1 57  ? 6.668   -18.270 -9.369  1.00 43.75 ? 78  ARG A C   1 
ATOM   289  O  O   . ARG A 1 57  ? 7.749   -18.203 -9.963  1.00 42.62 ? 78  ARG A O   1 
ATOM   290  C  CB  . ARG A 1 57  ? 5.810   -20.586 -9.374  1.00 41.68 ? 78  ARG A CB  1 
ATOM   291  C  CG  . ARG A 1 57  ? 4.654   -21.556 -9.576  1.00 42.15 ? 78  ARG A CG  1 
ATOM   292  C  CD  . ARG A 1 57  ? 5.015   -22.916 -8.970  1.00 43.36 ? 78  ARG A CD  1 
ATOM   293  N  NE  . ARG A 1 57  ? 4.031   -23.980 -9.171  1.00 43.55 ? 78  ARG A NE  1 
ATOM   294  C  CZ  . ARG A 1 57  ? 4.137   -24.932 -10.104 1.00 43.89 ? 78  ARG A CZ  1 
ATOM   295  N  NH1 . ARG A 1 57  ? 5.181   -24.949 -10.938 1.00 40.22 ? 78  ARG A NH1 1 
ATOM   296  N  NH2 . ARG A 1 57  ? 3.223   -25.904 -10.180 1.00 43.25 ? 78  ARG A NH2 1 
ATOM   297  N  N   . VAL A 1 58  ? 6.397   -17.603 -8.255  1.00 44.65 ? 79  VAL A N   1 
ATOM   298  C  CA  . VAL A 1 58  ? 7.325   -16.656 -7.654  1.00 46.40 ? 79  VAL A CA  1 
ATOM   299  C  C   . VAL A 1 58  ? 7.362   -16.834 -6.148  1.00 47.46 ? 79  VAL A C   1 
ATOM   300  O  O   . VAL A 1 58  ? 6.331   -17.094 -5.522  1.00 49.61 ? 79  VAL A O   1 
ATOM   301  C  CB  . VAL A 1 58  ? 6.859   -15.227 -7.906  1.00 47.19 ? 79  VAL A CB  1 
ATOM   302  C  CG1 . VAL A 1 58  ? 7.902   -14.242 -7.445  1.00 47.06 ? 79  VAL A CG1 1 
ATOM   303  C  CG2 . VAL A 1 58  ? 6.525   -15.037 -9.377  1.00 46.16 ? 79  VAL A CG2 1 
HETATM 304  N  N   . MSE A 1 59  ? 8.556   -16.725 -5.570  1.00 48.12 ? 80  MSE A N   1 
HETATM 305  C  CA  . MSE A 1 59  ? 8.703   -16.810 -4.112  1.00 48.36 ? 80  MSE A CA  1 
HETATM 306  C  C   . MSE A 1 59  ? 9.075   -15.381 -3.729  1.00 47.58 ? 80  MSE A C   1 
HETATM 307  O  O   . MSE A 1 59  ? 10.020  -14.822 -4.272  1.00 45.18 ? 80  MSE A O   1 
HETATM 308  C  CB  . MSE A 1 59  ? 9.827   -17.761 -3.693  1.00 51.06 ? 80  MSE A CB  1 
HETATM 309  C  CG  . MSE A 1 59  ? 9.700   -18.247 -2.248  1.00 51.36 ? 80  MSE A CG  1 
HETATM 310  SE SE  . MSE A 1 59  ? 8.206   -19.420 -1.956  1.00 56.72 ? 80  MSE A SE  1 
HETATM 311  C  CE  . MSE A 1 59  ? 9.028   -21.101 -2.346  1.00 57.10 ? 80  MSE A CE  1 
ATOM   312  N  N   . LEU A 1 60  ? 8.323   -14.785 -2.811  1.00 47.31 ? 81  LEU A N   1 
ATOM   313  C  CA  . LEU A 1 60  ? 8.557   -13.400 -2.414  1.00 48.29 ? 81  LEU A CA  1 
ATOM   314  C  C   . LEU A 1 60  ? 9.833   -13.170 -1.596  1.00 49.42 ? 81  LEU A C   1 
ATOM   315  O  O   . LEU A 1 60  ? 10.355  -12.053 -1.566  1.00 48.64 ? 81  LEU A O   1 
ATOM   316  C  CB  . LEU A 1 60  ? 7.359   -12.888 -1.648  1.00 46.78 ? 81  LEU A CB  1 
ATOM   317  C  CG  . LEU A 1 60  ? 6.045   -12.940 -2.420  1.00 46.88 ? 81  LEU A CG  1 
ATOM   318  C  CD1 . LEU A 1 60  ? 5.044   -12.065 -1.669  1.00 47.02 ? 81  LEU A CD1 1 
ATOM   319  C  CD2 . LEU A 1 60  ? 6.202   -12.401 -3.866  1.00 46.97 ? 81  LEU A CD2 1 
ATOM   320  N  N   . SER A 1 61  ? 10.317  -14.209 -0.919  1.00 49.81 ? 82  SER A N   1 
ATOM   321  C  CA  . SER A 1 61  ? 11.554  -14.040 -0.178  1.00 50.37 ? 82  SER A CA  1 
ATOM   322  C  C   . SER A 1 61  ? 12.683  -13.690 -1.129  1.00 50.18 ? 82  SER A C   1 
ATOM   323  O  O   . SER A 1 61  ? 13.735  -13.215 -0.719  1.00 51.33 ? 82  SER A O   1 
ATOM   324  C  CB  . SER A 1 61  ? 11.915  -15.320 0.619   1.00 52.09 ? 82  SER A CB  1 
ATOM   325  O  OG  . SER A 1 61  ? 11.836  -16.455 -0.188  1.00 53.00 ? 82  SER A OG  1 
ATOM   326  N  N   . ASP A 1 62  ? 12.508  -14.003 -2.403  1.00 50.44 ? 83  ASP A N   1 
ATOM   327  C  CA  . ASP A 1 62  ? 13.593  -13.682 -3.320  1.00 50.90 ? 83  ASP A CA  1 
ATOM   328  C  C   . ASP A 1 62  ? 13.892  -12.187 -3.373  1.00 52.23 ? 83  ASP A C   1 
ATOM   329  O  O   . ASP A 1 62  ? 15.026  -11.771 -3.671  1.00 51.59 ? 83  ASP A O   1 
ATOM   330  C  CB  . ASP A 1 62  ? 13.279  -14.167 -4.729  1.00 50.53 ? 83  ASP A CB  1 
ATOM   331  C  CG  . ASP A 1 62  ? 13.290  -15.677 -4.837  1.00 51.87 ? 83  ASP A CG  1 
ATOM   332  O  OD1 . ASP A 1 62  ? 13.462  -16.376 -3.805  1.00 50.65 ? 83  ASP A OD1 1 
ATOM   333  O  OD2 . ASP A 1 62  ? 13.094  -16.165 -5.960  1.00 49.55 ? 83  ASP A OD2 1 
ATOM   334  N  N   . ALA A 1 63  ? 12.857  -11.390 -3.128  1.00 52.90 ? 84  ALA A N   1 
ATOM   335  C  CA  . ALA A 1 63  ? 13.019  -9.952  -3.169  1.00 54.25 ? 84  ALA A CA  1 
ATOM   336  C  C   . ALA A 1 63  ? 13.066  -9.354  -1.759  1.00 55.94 ? 84  ALA A C   1 
ATOM   337  O  O   . ALA A 1 63  ? 13.664  -8.296  -1.551  1.00 55.81 ? 84  ALA A O   1 
ATOM   338  C  CB  . ALA A 1 63  ? 11.902  -9.340  -3.999  1.00 51.91 ? 84  ALA A CB  1 
ATOM   339  N  N   . ASP A 1 64  ? 12.482  -10.046 -0.776  1.00 58.09 ? 85  ASP A N   1 
ATOM   340  C  CA  . ASP A 1 64  ? 12.456  -9.570  0.621   1.00 60.92 ? 85  ASP A CA  1 
ATOM   341  C  C   . ASP A 1 64  ? 12.651  -10.826 1.475   1.00 61.95 ? 85  ASP A C   1 
ATOM   342  O  O   . ASP A 1 64  ? 11.700  -11.540 1.764   1.00 60.96 ? 85  ASP A O   1 
ATOM   343  C  CB  . ASP A 1 64  ? 11.100  -8.934  0.896   1.00 61.95 ? 85  ASP A CB  1 
ATOM   344  C  CG  . ASP A 1 64  ? 10.939  -8.439  2.342   1.00 64.28 ? 85  ASP A CG  1 
ATOM   345  O  OD1 . ASP A 1 64  ? 11.685  -8.902  3.252   1.00 65.07 ? 85  ASP A OD1 1 
ATOM   346  O  OD2 . ASP A 1 64  ? 10.043  -7.592  2.578   1.00 65.61 ? 85  ASP A OD2 1 
ATOM   347  N  N   . PRO A 1 65  ? 13.892  -11.076 1.944   1.00 64.11 ? 86  PRO A N   1 
ATOM   348  C  CA  . PRO A 1 65  ? 14.121  -12.285 2.748   1.00 64.84 ? 86  PRO A CA  1 
ATOM   349  C  C   . PRO A 1 65  ? 13.245  -12.574 3.979   1.00 66.29 ? 86  PRO A C   1 
ATOM   350  O  O   . PRO A 1 65  ? 13.284  -13.694 4.503   1.00 66.97 ? 86  PRO A O   1 
ATOM   351  C  CB  . PRO A 1 65  ? 15.629  -12.254 3.049   1.00 65.04 ? 86  PRO A CB  1 
ATOM   352  C  CG  . PRO A 1 65  ? 16.039  -10.827 2.916   1.00 65.62 ? 86  PRO A CG  1 
ATOM   353  C  CD  . PRO A 1 65  ? 15.007  -10.113 2.049   1.00 64.80 ? 86  PRO A CD  1 
ATOM   354  N  N   . SER A 1 66  ? 12.437  -11.617 4.426   1.00 67.48 ? 87  SER A N   1 
ATOM   355  C  CA  . SER A 1 66  ? 11.568  -11.905 5.563   1.00 68.31 ? 87  SER A CA  1 
ATOM   356  C  C   . SER A 1 66  ? 10.241  -12.510 5.120   1.00 69.15 ? 87  SER A C   1 
ATOM   357  O  O   . SER A 1 66  ? 9.467   -12.910 5.970   1.00 69.55 ? 87  SER A O   1 
ATOM   358  C  CB  . SER A 1 66  ? 11.310  -10.645 6.408   1.00 68.60 ? 87  SER A CB  1 
ATOM   359  O  OG  . SER A 1 66  ? 10.613  -9.670  5.651   1.00 69.11 ? 87  SER A OG  1 
ATOM   360  N  N   . LEU A 1 67  ? 9.967   -12.576 3.815   1.00 68.71 ? 88  LEU A N   1 
ATOM   361  C  CA  . LEU A 1 67  ? 8.696   -13.176 3.376   1.00 69.79 ? 88  LEU A CA  1 
ATOM   362  C  C   . LEU A 1 67  ? 8.912   -14.683 3.170   1.00 70.50 ? 88  LEU A C   1 
ATOM   363  O  O   . LEU A 1 67  ? 8.868   -15.230 2.068   1.00 70.25 ? 88  LEU A O   1 
ATOM   364  C  CB  . LEU A 1 67  ? 8.177   -12.461 2.124   1.00 68.20 ? 88  LEU A CB  1 
ATOM   365  C  CG  . LEU A 1 67  ? 7.956   -10.993 2.537   1.00 67.27 ? 88  LEU A CG  1 
ATOM   366  C  CD1 . LEU A 1 67  ? 7.630   -10.154 1.318   1.00 67.02 ? 88  LEU A CD1 1 
ATOM   367  C  CD2 . LEU A 1 67  ? 6.843   -10.887 3.603   1.00 67.29 ? 88  LEU A CD2 1 
ATOM   368  N  N   . GLU A 1 68  ? 9.167   -15.303 4.323   1.00 71.92 ? 89  GLU A N   1 
ATOM   369  C  CA  . GLU A 1 68  ? 9.524   -16.713 4.517   1.00 73.40 ? 89  GLU A CA  1 
ATOM   370  C  C   . GLU A 1 68  ? 9.049   -17.720 3.458   1.00 72.27 ? 89  GLU A C   1 
ATOM   371  O  O   . GLU A 1 68  ? 9.898   -18.156 2.700   1.00 72.97 ? 89  GLU A O   1 
ATOM   372  C  CB  . GLU A 1 68  ? 9.177   -17.133 5.974   1.00 76.03 ? 89  GLU A CB  1 
ATOM   373  C  CG  . GLU A 1 68  ? 9.182   -15.911 6.994   1.00 79.43 ? 89  GLU A CG  1 
ATOM   374  C  CD  . GLU A 1 68  ? 9.944   -16.104 8.336   1.00 81.84 ? 89  GLU A CD  1 
ATOM   375  O  OE1 . GLU A 1 68  ? 10.526  -17.187 8.584   1.00 82.25 ? 89  GLU A OE1 1 
ATOM   376  O  OE2 . GLU A 1 68  ? 9.960   -15.144 9.161   1.00 82.93 ? 89  GLU A OE2 1 
ATOM   377  N  N   . GLN A 1 69  ? 7.795   -18.158 3.359   1.00 71.03 ? 90  GLN A N   1 
ATOM   378  C  CA  . GLN A 1 69  ? 7.533   -19.068 2.227   1.00 70.13 ? 90  GLN A CA  1 
ATOM   379  C  C   . GLN A 1 69  ? 6.242   -18.506 1.664   1.00 68.79 ? 90  GLN A C   1 
ATOM   380  O  O   . GLN A 1 69  ? 5.173   -19.103 1.772   1.00 69.73 ? 90  GLN A O   1 
ATOM   381  C  CB  . GLN A 1 69  ? 7.438   -20.570 2.650   1.00 70.80 ? 90  GLN A CB  1 
ATOM   382  C  CG  . GLN A 1 69  ? 8.823   -21.310 2.946   1.00 70.76 ? 90  GLN A CG  1 
ATOM   383  C  CD  . GLN A 1 69  ? 9.364   -22.260 1.830   1.00 71.62 ? 90  GLN A CD  1 
ATOM   384  O  OE1 . GLN A 1 69  ? 8.711   -22.511 0.806   1.00 71.10 ? 90  GLN A OE1 1 
ATOM   385  N  NE2 . GLN A 1 69  ? 10.564  -22.804 2.061   1.00 71.36 ? 90  GLN A NE2 1 
ATOM   386  N  N   . TYR A 1 70  ? 6.358   -17.287 1.137   1.00 66.09 ? 91  TYR A N   1 
ATOM   387  C  CA  . TYR A 1 70  ? 5.229   -16.622 0.502   1.00 63.59 ? 91  TYR A CA  1 
ATOM   388  C  C   . TYR A 1 70  ? 5.384   -16.946 -0.974  1.00 60.18 ? 91  TYR A C   1 
ATOM   389  O  O   . TYR A 1 70  ? 6.339   -16.540 -1.644  1.00 57.80 ? 91  TYR A O   1 
ATOM   390  C  CB  . TYR A 1 70  ? 5.251   -15.117 0.706   1.00 66.45 ? 91  TYR A CB  1 
ATOM   391  C  CG  . TYR A 1 70  ? 4.757   -14.685 2.064   1.00 69.27 ? 91  TYR A CG  1 
ATOM   392  C  CD1 . TYR A 1 70  ? 5.324   -15.199 3.236   1.00 70.24 ? 91  TYR A CD1 1 
ATOM   393  C  CD2 . TYR A 1 70  ? 3.756   -13.721 2.180   1.00 70.48 ? 91  TYR A CD2 1 
ATOM   394  C  CE1 . TYR A 1 70  ? 4.904   -14.756 4.500   1.00 71.25 ? 91  TYR A CE1 1 
ATOM   395  C  CE2 . TYR A 1 70  ? 3.328   -13.263 3.431   1.00 71.04 ? 91  TYR A CE2 1 
ATOM   396  C  CZ  . TYR A 1 70  ? 3.900   -13.780 4.590   1.00 71.76 ? 91  TYR A CZ  1 
ATOM   397  O  OH  . TYR A 1 70  ? 3.453   -13.320 5.822   1.00 72.74 ? 91  TYR A OH  1 
ATOM   398  N  N   . TYR A 1 71  ? 4.418   -17.701 -1.458  1.00 57.46 ? 92  TYR A N   1 
ATOM   399  C  CA  . TYR A 1 71  ? 4.397   -18.182 -2.815  1.00 55.79 ? 92  TYR A CA  1 
ATOM   400  C  C   . TYR A 1 71  ? 3.288   -17.512 -3.618  1.00 52.88 ? 92  TYR A C   1 
ATOM   401  O  O   . TYR A 1 71  ? 2.113   -17.619 -3.289  1.00 50.21 ? 92  TYR A O   1 
ATOM   402  C  CB  . TYR A 1 71  ? 4.229   -19.719 -2.756  1.00 56.92 ? 92  TYR A CB  1 
ATOM   403  C  CG  . TYR A 1 71  ? 3.625   -20.345 -3.978  1.00 58.37 ? 92  TYR A CG  1 
ATOM   404  C  CD1 . TYR A 1 71  ? 4.004   -19.938 -5.263  1.00 57.78 ? 92  TYR A CD1 1 
ATOM   405  C  CD2 . TYR A 1 71  ? 2.690   -21.363 -3.855  1.00 59.56 ? 92  TYR A CD2 1 
ATOM   406  C  CE1 . TYR A 1 71  ? 3.454   -20.527 -6.401  1.00 59.74 ? 92  TYR A CE1 1 
ATOM   407  C  CE2 . TYR A 1 71  ? 2.139   -21.982 -4.990  1.00 59.87 ? 92  TYR A CE2 1 
ATOM   408  C  CZ  . TYR A 1 71  ? 2.524   -21.554 -6.257  1.00 60.65 ? 92  TYR A CZ  1 
ATOM   409  O  OH  . TYR A 1 71  ? 1.982   -22.135 -7.382  1.00 60.23 ? 92  TYR A OH  1 
ATOM   410  N  N   . VAL A 1 72  ? 3.674   -16.823 -4.682  1.00 50.73 ? 93  VAL A N   1 
ATOM   411  C  CA  . VAL A 1 72  ? 2.690   -16.179 -5.524  1.00 49.42 ? 93  VAL A CA  1 
ATOM   412  C  C   . VAL A 1 72  ? 2.598   -16.873 -6.867  1.00 48.92 ? 93  VAL A C   1 
ATOM   413  O  O   . VAL A 1 72  ? 3.592   -17.040 -7.563  1.00 47.10 ? 93  VAL A O   1 
ATOM   414  C  CB  . VAL A 1 72  ? 2.984   -14.652 -5.753  1.00 48.61 ? 93  VAL A CB  1 
ATOM   415  C  CG1 . VAL A 1 72  ? 2.094   -14.124 -6.879  1.00 49.82 ? 93  VAL A CG1 1 
ATOM   416  C  CG2 . VAL A 1 72  ? 2.687   -13.854 -4.487  1.00 50.62 ? 93  VAL A CG2 1 
ATOM   417  N  N   . ASN A 1 73  ? 1.392   -17.324 -7.187  1.00 48.83 ? 94  ASN A N   1 
ATOM   418  C  CA  . ASN A 1 73  ? 1.147   -17.951 -8.465  1.00 49.52 ? 94  ASN A CA  1 
ATOM   419  C  C   . ASN A 1 73  ? 0.493   -16.872 -9.308  1.00 50.47 ? 94  ASN A C   1 
ATOM   420  O  O   . ASN A 1 73  ? -0.604  -16.398 -9.012  1.00 50.51 ? 94  ASN A O   1 
ATOM   421  C  CB  . ASN A 1 73  ? 0.217   -19.151 -8.331  1.00 49.42 ? 94  ASN A CB  1 
ATOM   422  C  CG  . ASN A 1 73  ? -0.142  -19.752 -9.685  1.00 51.08 ? 94  ASN A CG  1 
ATOM   423  O  OD1 . ASN A 1 73  ? -0.338  -19.036 -10.657 1.00 50.72 ? 94  ASN A OD1 1 
ATOM   424  N  ND2 . ASN A 1 73  ? -0.206  -21.071 -9.753  1.00 53.05 ? 94  ASN A ND2 1 
ATOM   425  N  N   . VAL A 1 74  ? 1.205   -16.489 -10.358 1.00 52.49 ? 95  VAL A N   1 
ATOM   426  C  CA  . VAL A 1 74  ? 0.808   -15.437 -11.298 1.00 56.00 ? 95  VAL A CA  1 
ATOM   427  C  C   . VAL A 1 74  ? -0.332  -15.759 -12.293 1.00 58.14 ? 95  VAL A C   1 
ATOM   428  O  O   . VAL A 1 74  ? -0.931  -14.864 -12.884 1.00 60.00 ? 95  VAL A O   1 
ATOM   429  C  CB  . VAL A 1 74  ? 2.085   -14.956 -12.028 1.00 56.59 ? 95  VAL A CB  1 
ATOM   430  C  CG1 . VAL A 1 74  ? 1.743   -14.339 -13.356 1.00 57.47 ? 95  VAL A CG1 1 
ATOM   431  C  CG2 . VAL A 1 74  ? 2.832   -13.956 -11.123 1.00 55.15 ? 95  VAL A CG2 1 
ATOM   432  N  N   . ARG A 1 75  ? -0.648  -17.045 -12.423 1.00 60.01 ? 96  ARG A N   1 
ATOM   433  C  CA  . ARG A 1 75  ? -1.696  -17.562 -13.318 1.00 60.54 ? 96  ARG A CA  1 
ATOM   434  C  C   . ARG A 1 75  ? -3.058  -17.510 -12.583 1.00 59.48 ? 96  ARG A C   1 
ATOM   435  O  O   . ARG A 1 75  ? -4.056  -17.027 -13.120 1.00 60.61 ? 96  ARG A O   1 
ATOM   436  C  CB  . ARG A 1 75  ? -1.321  -19.011 -13.747 1.00 62.48 ? 96  ARG A CB  1 
ATOM   437  C  CG  . ARG A 1 75  ? -1.799  -19.483 -15.154 1.00 66.98 ? 96  ARG A CG  1 
ATOM   438  C  CD  . ARG A 1 75  ? -0.791  -19.238 -16.306 1.00 70.19 ? 96  ARG A CD  1 
ATOM   439  N  NE  . ARG A 1 75  ? -0.118  -17.957 -16.124 1.00 72.71 ? 96  ARG A NE  1 
ATOM   440  C  CZ  . ARG A 1 75  ? 0.806   -17.439 -16.933 1.00 74.34 ? 96  ARG A CZ  1 
ATOM   441  N  NH1 . ARG A 1 75  ? 1.211   -18.072 -18.038 1.00 73.62 ? 96  ARG A NH1 1 
ATOM   442  N  NH2 . ARG A 1 75  ? 1.352   -16.280 -16.601 1.00 74.57 ? 96  ARG A NH2 1 
ATOM   443  N  N   . THR A 1 76  ? -3.081  -17.992 -11.345 1.00 57.60 ? 97  THR A N   1 
ATOM   444  C  CA  . THR A 1 76  ? -4.289  -17.968 -10.527 1.00 55.81 ? 97  THR A CA  1 
ATOM   445  C  C   . THR A 1 76  ? -4.410  -16.654 -9.762  1.00 54.34 ? 97  THR A C   1 
ATOM   446  O  O   . THR A 1 76  ? -5.423  -16.401 -9.088  1.00 53.08 ? 97  THR A O   1 
ATOM   447  C  CB  . THR A 1 76  ? -4.291  -19.080 -9.470  1.00 54.82 ? 97  THR A CB  1 
ATOM   448  O  OG1 . THR A 1 76  ? -3.078  -19.028 -8.715  1.00 54.87 ? 97  THR A OG1 1 
ATOM   449  C  CG2 . THR A 1 76  ? -4.460  -20.452 -10.122 1.00 56.45 ? 97  THR A CG2 1 
HETATM 450  N  N   . MSE A 1 77  ? -3.369  -15.825 -9.852  1.00 53.90 ? 98  MSE A N   1 
HETATM 451  C  CA  . MSE A 1 77  ? -3.360  -14.549 -9.141  1.00 52.83 ? 98  MSE A CA  1 
HETATM 452  C  C   . MSE A 1 77  ? -3.729  -14.746 -7.653  1.00 51.99 ? 98  MSE A C   1 
HETATM 453  O  O   . MSE A 1 77  ? -4.692  -14.169 -7.146  1.00 51.27 ? 98  MSE A O   1 
HETATM 454  C  CB  . MSE A 1 77  ? -4.321  -13.553 -9.814  1.00 52.97 ? 98  MSE A CB  1 
HETATM 455  C  CG  . MSE A 1 77  ? -3.794  -12.943 -11.110 1.00 54.78 ? 98  MSE A CG  1 
HETATM 456  SE SE  . MSE A 1 77  ? -1.981  -12.226 -11.043 1.00 56.45 ? 98  MSE A SE  1 
HETATM 457  C  CE  . MSE A 1 77  ? -2.290  -10.362 -10.587 1.00 55.03 ? 98  MSE A CE  1 
ATOM   458  N  N   . THR A 1 78  ? -2.948  -15.582 -6.973  1.00 51.15 ? 99  THR A N   1 
ATOM   459  C  CA  . THR A 1 78  ? -3.149  -15.860 -5.567  1.00 51.16 ? 99  THR A CA  1 
ATOM   460  C  C   . THR A 1 78  ? -1.801  -15.954 -4.858  1.00 52.13 ? 99  THR A C   1 
ATOM   461  O  O   . THR A 1 78  ? -0.776  -16.156 -5.491  1.00 51.11 ? 99  THR A O   1 
ATOM   462  C  CB  . THR A 1 78  ? -3.887  -17.198 -5.356  1.00 51.90 ? 99  THR A CB  1 
ATOM   463  O  OG1 . THR A 1 78  ? -3.147  -18.253 -5.969  1.00 52.33 ? 99  THR A OG1 1 
ATOM   464  C  CG2 . THR A 1 78  ? -5.293  -17.157 -5.969  1.00 50.35 ? 99  THR A CG2 1 
ATOM   465  N  N   . GLN A 1 79  ? -1.805  -15.806 -3.537  1.00 54.01 ? 100 GLN A N   1 
ATOM   466  C  CA  . GLN A 1 79  ? -0.595  -15.902 -2.712  1.00 57.13 ? 100 GLN A CA  1 
ATOM   467  C  C   . GLN A 1 79  ? -0.857  -16.959 -1.640  1.00 60.25 ? 100 GLN A C   1 
ATOM   468  O  O   . GLN A 1 79  ? -1.933  -16.963 -1.064  1.00 61.41 ? 100 GLN A O   1 
ATOM   469  C  CB  . GLN A 1 79  ? -0.321  -14.560 -2.001  1.00 55.89 ? 100 GLN A CB  1 
ATOM   470  C  CG  . GLN A 1 79  ? 0.773   -14.680 -0.954  1.00 55.33 ? 100 GLN A CG  1 
ATOM   471  C  CD  . GLN A 1 79  ? 0.776   -13.550 0.055   1.00 56.72 ? 100 GLN A CD  1 
ATOM   472  O  OE1 . GLN A 1 79  ? 0.278   -13.692 1.177   1.00 57.10 ? 100 GLN A OE1 1 
ATOM   473  N  NE2 . GLN A 1 79  ? 1.311   -12.409 -0.348  1.00 54.89 ? 100 GLN A NE2 1 
ATOM   474  N  N   . GLU A 1 80  ? 0.107   -17.840 -1.362  1.00 62.97 ? 101 GLU A N   1 
ATOM   475  C  CA  . GLU A 1 80  ? -0.064  -18.854 -0.300  1.00 65.75 ? 101 GLU A CA  1 
ATOM   476  C  C   . GLU A 1 80  ? 1.069   -18.630 0.696   1.00 66.76 ? 101 GLU A C   1 
ATOM   477  O  O   . GLU A 1 80  ? 2.215   -18.445 0.275   1.00 67.36 ? 101 GLU A O   1 
ATOM   478  C  CB  . GLU A 1 80  ? 0.086   -20.293 -0.810  1.00 66.38 ? 101 GLU A CB  1 
ATOM   479  C  CG  . GLU A 1 80  ? -0.843  -20.781 -1.900  1.00 69.39 ? 101 GLU A CG  1 
ATOM   480  C  CD  . GLU A 1 80  ? -0.721  -22.299 -2.054  1.00 70.87 ? 101 GLU A CD  1 
ATOM   481  O  OE1 . GLU A 1 80  ? -0.068  -22.932 -1.185  1.00 71.26 ? 101 GLU A OE1 1 
ATOM   482  O  OE2 . GLU A 1 80  ? -1.264  -22.862 -3.027  1.00 71.08 ? 101 GLU A OE2 1 
ATOM   483  N  N   . SER A 1 81  ? 0.786   -18.682 1.999   1.00 67.47 ? 102 SER A N   1 
ATOM   484  C  CA  . SER A 1 81  ? 1.878   -18.482 2.965   1.00 68.80 ? 102 SER A CA  1 
ATOM   485  C  C   . SER A 1 81  ? 1.864   -19.209 4.323   1.00 69.72 ? 102 SER A C   1 
ATOM   486  O  O   . SER A 1 81  ? 0.931   -19.927 4.683   1.00 70.32 ? 102 SER A O   1 
ATOM   487  C  CB  . SER A 1 81  ? 2.060   -16.983 3.229   1.00 68.38 ? 102 SER A CB  1 
ATOM   488  O  OG  . SER A 1 81  ? 0.891   -16.458 3.844   1.00 67.95 ? 102 SER A OG  1 
ATOM   489  N  N   . LEU A 1 91  ? -2.466  -18.362 1.988   1.00 73.82 ? 112 LEU A N   1 
ATOM   490  C  CA  . LEU A 1 91  ? -3.592  -19.279 1.807   1.00 73.89 ? 112 LEU A CA  1 
ATOM   491  C  C   . LEU A 1 91  ? -4.701  -19.023 0.753   1.00 74.01 ? 112 LEU A C   1 
ATOM   492  O  O   . LEU A 1 91  ? -4.641  -19.556 -0.348  1.00 73.61 ? 112 LEU A O   1 
ATOM   493  C  CB  . LEU A 1 91  ? -4.288  -19.499 3.150   1.00 74.91 ? 112 LEU A CB  1 
ATOM   494  C  CG  . LEU A 1 91  ? -3.246  -20.055 4.112   1.00 75.98 ? 112 LEU A CG  1 
ATOM   495  C  CD1 . LEU A 1 91  ? -2.802  -18.924 5.029   1.00 75.30 ? 112 LEU A CD1 1 
ATOM   496  C  CD2 . LEU A 1 91  ? -3.824  -21.236 4.900   1.00 75.75 ? 112 LEU A CD2 1 
ATOM   497  N  N   . THR A 1 92  ? -5.726  -18.260 1.147   1.00 73.76 ? 113 THR A N   1 
ATOM   498  C  CA  . THR A 1 92  ? -6.918  -17.960 0.326   1.00 73.99 ? 113 THR A CA  1 
ATOM   499  C  C   . THR A 1 92  ? -6.705  -16.724 -0.523  1.00 72.04 ? 113 THR A C   1 
ATOM   500  O  O   . THR A 1 92  ? -7.428  -16.435 -1.481  1.00 72.46 ? 113 THR A O   1 
ATOM   501  C  CB  . THR A 1 92  ? -8.118  -17.702 1.314   1.00 75.75 ? 113 THR A CB  1 
ATOM   502  O  OG1 . THR A 1 92  ? -9.136  -18.647 0.989   1.00 76.99 ? 113 THR A OG1 1 
ATOM   503  C  CG2 . THR A 1 92  ? -8.689  -16.259 1.245   1.00 76.10 ? 113 THR A CG2 1 
ATOM   504  N  N   . ILE A 1 93  ? -5.642  -16.030 -0.174  1.00 69.77 ? 114 ILE A N   1 
ATOM   505  C  CA  . ILE A 1 93  ? -5.469  -14.723 -0.730  1.00 66.26 ? 114 ILE A CA  1 
ATOM   506  C  C   . ILE A 1 93  ? -5.207  -14.318 -2.182  1.00 63.39 ? 114 ILE A C   1 
ATOM   507  O  O   . ILE A 1 93  ? -4.344  -14.779 -2.947  1.00 62.75 ? 114 ILE A O   1 
ATOM   508  C  CB  . ILE A 1 93  ? -4.658  -13.972 0.355   1.00 67.55 ? 114 ILE A CB  1 
ATOM   509  C  CG1 . ILE A 1 93  ? -3.576  -13.072 -0.165  1.00 67.22 ? 114 ILE A CG1 1 
ATOM   510  C  CG2 . ILE A 1 93  ? -4.082  -15.007 1.336   1.00 68.82 ? 114 ILE A CG2 1 
ATOM   511  C  CD1 . ILE A 1 93  ? -3.056  -12.152 1.001   1.00 66.47 ? 114 ILE A CD1 1 
ATOM   512  N  N   . GLY A 1 94  ? -6.088  -13.399 -2.538  1.00 60.01 ? 115 GLY A N   1 
ATOM   513  C  CA  . GLY A 1 94  ? -6.108  -12.793 -3.844  1.00 56.19 ? 115 GLY A CA  1 
ATOM   514  C  C   . GLY A 1 94  ? -4.948  -11.843 -3.995  1.00 54.03 ? 115 GLY A C   1 
ATOM   515  O  O   . GLY A 1 94  ? -4.472  -11.225 -3.039  1.00 53.72 ? 115 GLY A O   1 
ATOM   516  N  N   . VAL A 1 95  ? -4.539  -11.718 -5.244  1.00 51.59 ? 116 VAL A N   1 
ATOM   517  C  CA  . VAL A 1 95  ? -3.435  -10.881 -5.632  1.00 49.22 ? 116 VAL A CA  1 
ATOM   518  C  C   . VAL A 1 95  ? -3.816  -10.201 -6.934  1.00 49.48 ? 116 VAL A C   1 
ATOM   519  O  O   . VAL A 1 95  ? -4.539  -10.781 -7.740  1.00 49.81 ? 116 VAL A O   1 
ATOM   520  C  CB  . VAL A 1 95  ? -2.166  -11.764 -5.866  1.00 49.01 ? 116 VAL A CB  1 
ATOM   521  C  CG1 . VAL A 1 95  ? -1.116  -11.004 -6.666  1.00 43.34 ? 116 VAL A CG1 1 
ATOM   522  C  CG2 . VAL A 1 95  ? -1.593  -12.221 -4.521  1.00 47.84 ? 116 VAL A CG2 1 
ATOM   523  N  N   . ARG A 1 96  ? -3.360  -8.972  -7.137  1.00 48.93 ? 117 ARG A N   1 
ATOM   524  C  CA  . ARG A 1 96  ? -3.628  -8.290  -8.394  1.00 49.45 ? 117 ARG A CA  1 
ATOM   525  C  C   . ARG A 1 96  ? -2.517  -7.334  -8.721  1.00 48.20 ? 117 ARG A C   1 
ATOM   526  O  O   . ARG A 1 96  ? -1.734  -6.927  -7.871  1.00 46.90 ? 117 ARG A O   1 
ATOM   527  C  CB  . ARG A 1 96  ? -4.970  -7.549  -8.391  1.00 51.80 ? 117 ARG A CB  1 
ATOM   528  C  CG  . ARG A 1 96  ? -5.159  -6.570  -7.273  1.00 53.09 ? 117 ARG A CG  1 
ATOM   529  C  CD  . ARG A 1 96  ? -6.560  -5.956  -7.251  1.00 53.88 ? 117 ARG A CD  1 
ATOM   530  N  NE  . ARG A 1 96  ? -6.457  -4.590  -6.762  1.00 56.56 ? 117 ARG A NE  1 
ATOM   531  C  CZ  . ARG A 1 96  ? -7.463  -3.727  -6.702  1.00 57.98 ? 117 ARG A CZ  1 
ATOM   532  N  NH1 . ARG A 1 96  ? -8.687  -4.084  -7.098  1.00 58.03 ? 117 ARG A NH1 1 
ATOM   533  N  NH2 . ARG A 1 96  ? -7.230  -2.493  -6.271  1.00 55.27 ? 117 ARG A NH2 1 
ATOM   534  N  N   . ARG A 1 97  ? -2.458  -7.009  -9.996  1.00 47.50 ? 118 ARG A N   1 
ATOM   535  C  CA  . ARG A 1 97  ? -1.458  -6.122  -10.546 1.00 50.07 ? 118 ARG A CA  1 
ATOM   536  C  C   . ARG A 1 97  ? -2.283  -4.923  -10.958 1.00 51.46 ? 118 ARG A C   1 
ATOM   537  O  O   . ARG A 1 97  ? -3.213  -5.076  -11.758 1.00 52.01 ? 118 ARG A O   1 
ATOM   538  C  CB  . ARG A 1 97  ? -0.823  -6.825  -11.751 1.00 50.03 ? 118 ARG A CB  1 
ATOM   539  C  CG  . ARG A 1 97  ? 0.237   -6.063  -12.515 1.00 50.72 ? 118 ARG A CG  1 
ATOM   540  C  CD  . ARG A 1 97  ? 0.470   -6.759  -13.841 1.00 49.36 ? 118 ARG A CD  1 
ATOM   541  N  NE  . ARG A 1 97  ? 1.529   -6.137  -14.612 1.00 51.72 ? 118 ARG A NE  1 
ATOM   542  C  CZ  . ARG A 1 97  ? 1.463   -5.886  -15.914 1.00 52.43 ? 118 ARG A CZ  1 
ATOM   543  N  NH1 . ARG A 1 97  ? 0.381   -6.207  -16.618 1.00 55.11 ? 118 ARG A NH1 1 
ATOM   544  N  NH2 . ARG A 1 97  ? 2.477   -5.280  -16.504 1.00 53.36 ? 118 ARG A NH2 1 
HETATM 545  N  N   . MSE A 1 98  ? -1.975  -3.760  -10.381 1.00 51.00 ? 119 MSE A N   1 
HETATM 546  C  CA  . MSE A 1 98  ? -2.682  -2.518  -10.672 1.00 51.33 ? 119 MSE A CA  1 
HETATM 547  C  C   . MSE A 1 98  ? -1.728  -1.470  -11.215 1.00 50.45 ? 119 MSE A C   1 
HETATM 548  O  O   . MSE A 1 98  ? -0.573  -1.437  -10.843 1.00 50.61 ? 119 MSE A O   1 
HETATM 549  C  CB  . MSE A 1 98  ? -3.337  -1.939  -9.402  1.00 53.12 ? 119 MSE A CB  1 
HETATM 550  C  CG  . MSE A 1 98  ? -4.624  -2.595  -9.019  1.00 58.97 ? 119 MSE A CG  1 
HETATM 551  SE SE  . MSE A 1 98  ? -5.978  -2.943  -10.375 1.00 65.42 ? 119 MSE A SE  1 
HETATM 552  C  CE  . MSE A 1 98  ? -5.850  -1.472  -11.411 1.00 63.43 ? 119 MSE A CE  1 
ATOM   553  N  N   . PHE A 1 99  ? -2.225  -0.604  -12.084 1.00 48.64 ? 120 PHE A N   1 
ATOM   554  C  CA  . PHE A 1 99  ? -1.423  0.483   -12.622 1.00 47.77 ? 120 PHE A CA  1 
ATOM   555  C  C   . PHE A 1 99  ? -1.877  1.774   -12.013 1.00 46.64 ? 120 PHE A C   1 
ATOM   556  O  O   . PHE A 1 99  ? -3.075  2.001   -11.857 1.00 43.68 ? 120 PHE A O   1 
ATOM   557  C  CB  . PHE A 1 99  ? -1.583  0.641   -14.130 1.00 50.50 ? 120 PHE A CB  1 
ATOM   558  C  CG  . PHE A 1 99  ? -1.024  -0.476  -14.941 1.00 54.57 ? 120 PHE A CG  1 
ATOM   559  C  CD1 . PHE A 1 99  ? 0.008   -1.272  -14.485 1.00 55.52 ? 120 PHE A CD1 1 
ATOM   560  C  CD2 . PHE A 1 99  ? -1.513  -0.673  -16.228 1.00 56.96 ? 120 PHE A CD2 1 
ATOM   561  C  CE1 . PHE A 1 99  ? 0.546   -2.263  -15.313 1.00 58.19 ? 120 PHE A CE1 1 
ATOM   562  C  CE2 . PHE A 1 99  ? -0.995  -1.647  -17.059 1.00 59.60 ? 120 PHE A CE2 1 
ATOM   563  C  CZ  . PHE A 1 99  ? 0.055   -2.448  -16.601 1.00 60.39 ? 120 PHE A CZ  1 
ATOM   564  N  N   . TYR A 1 100 ? -0.904  2.621   -11.698 1.00 42.82 ? 121 TYR A N   1 
ATOM   565  C  CA  . TYR A 1 100 ? -1.162  3.934   -11.108 1.00 42.77 ? 121 TYR A CA  1 
ATOM   566  C  C   . TYR A 1 100 ? -0.374  4.975   -11.912 1.00 42.29 ? 121 TYR A C   1 
ATOM   567  O  O   . TYR A 1 100 ? 0.594   4.595   -12.579 1.00 40.03 ? 121 TYR A O   1 
ATOM   568  C  CB  . TYR A 1 100 ? -0.782  3.939   -9.615  1.00 41.06 ? 121 TYR A CB  1 
ATOM   569  C  CG  . TYR A 1 100 ? -1.799  3.278   -8.715  1.00 43.23 ? 121 TYR A CG  1 
ATOM   570  C  CD1 . TYR A 1 100 ? -1.783  1.905   -8.475  1.00 41.99 ? 121 TYR A CD1 1 
ATOM   571  C  CD2 . TYR A 1 100 ? -2.838  4.060   -8.099  1.00 41.63 ? 121 TYR A CD2 1 
ATOM   572  C  CE1 . TYR A 1 100 ? -2.777  1.301   -7.660  1.00 43.88 ? 121 TYR A CE1 1 
ATOM   573  C  CE2 . TYR A 1 100 ? -3.803  3.467   -7.281  1.00 44.13 ? 121 TYR A CE2 1 
ATOM   574  C  CZ  . TYR A 1 100 ? -3.766  2.065   -7.074  1.00 45.83 ? 121 TYR A CZ  1 
ATOM   575  O  OH  . TYR A 1 100 ? -4.712  1.514   -6.245  1.00 50.25 ? 121 TYR A OH  1 
ATOM   576  N  N   . ALA A 1 101 ? -0.769  6.246   -11.865 1.00 41.39 ? 122 ALA A N   1 
ATOM   577  C  CA  . ALA A 1 101 ? -0.051  7.240   -12.637 1.00 41.32 ? 122 ALA A CA  1 
ATOM   578  C  C   . ALA A 1 101 ? 1.302   7.591   -12.038 1.00 41.69 ? 122 ALA A C   1 
ATOM   579  O  O   . ALA A 1 101 ? 1.579   7.291   -10.897 1.00 40.90 ? 122 ALA A O   1 
ATOM   580  C  CB  . ALA A 1 101 ? -0.894  8.546   -12.760 1.00 38.35 ? 122 ALA A CB  1 
ATOM   581  N  N   . PRO A 1 102 ? 2.169   8.226   -12.834 1.00 42.58 ? 123 PRO A N   1 
ATOM   582  C  CA  . PRO A 1 102 ? 3.501   8.648   -12.398 1.00 42.34 ? 123 PRO A CA  1 
ATOM   583  C  C   . PRO A 1 102 ? 3.340   9.662   -11.268 1.00 42.54 ? 123 PRO A C   1 
ATOM   584  O  O   . PRO A 1 102 ? 4.161   9.740   -10.365 1.00 43.38 ? 123 PRO A O   1 
ATOM   585  C  CB  . PRO A 1 102 ? 4.089   9.231   -13.675 1.00 43.87 ? 123 PRO A CB  1 
ATOM   586  C  CG  . PRO A 1 102 ? 3.541   8.307   -14.695 1.00 45.12 ? 123 PRO A CG  1 
ATOM   587  C  CD  . PRO A 1 102 ? 2.099   8.149   -14.302 1.00 43.62 ? 123 PRO A CD  1 
ATOM   588  N  N   . SER A 1 103 ? 2.215   10.376  -11.298 1.00 42.43 ? 124 SER A N   1 
ATOM   589  C  CA  . SER A 1 103 ? 1.927   11.365  -10.272 1.00 43.94 ? 124 SER A CA  1 
ATOM   590  C  C   . SER A 1 103 ? 1.384   10.813  -8.947  1.00 43.78 ? 124 SER A C   1 
ATOM   591  O  O   . SER A 1 103 ? 1.277   11.569  -7.955  1.00 42.29 ? 124 SER A O   1 
ATOM   592  C  CB  . SER A 1 103 ? 0.991   12.458  -10.803 1.00 44.74 ? 124 SER A CB  1 
ATOM   593  O  OG  . SER A 1 103 ? -0.246  11.889  -11.245 1.00 48.60 ? 124 SER A OG  1 
ATOM   594  N  N   . SER A 1 104 ? 1.060   9.521   -8.912  1.00 41.79 ? 125 SER A N   1 
ATOM   595  C  CA  . SER A 1 104 ? 0.582   8.918   -7.678  1.00 41.94 ? 125 SER A CA  1 
ATOM   596  C  C   . SER A 1 104 ? 1.767   8.813   -6.746  1.00 41.87 ? 125 SER A C   1 
ATOM   597  O  O   . SER A 1 104 ? 2.909   9.049   -7.144  1.00 41.00 ? 125 SER A O   1 
ATOM   598  C  CB  . SER A 1 104 ? 0.038   7.517   -7.979  1.00 41.63 ? 125 SER A CB  1 
ATOM   599  O  OG  . SER A 1 104 ? 1.060   6.725   -8.550  1.00 41.18 ? 125 SER A OG  1 
ATOM   600  N  N   . PRO A 1 105 ? 1.497   8.462   -5.489  1.00 42.29 ? 126 PRO A N   1 
ATOM   601  C  CA  . PRO A 1 105 ? 2.542   8.310   -4.484  1.00 42.46 ? 126 PRO A CA  1 
ATOM   602  C  C   . PRO A 1 105 ? 3.486   7.199   -4.934  1.00 41.99 ? 126 PRO A C   1 
ATOM   603  O  O   . PRO A 1 105 ? 4.704   7.331   -4.829  1.00 40.72 ? 126 PRO A O   1 
ATOM   604  C  CB  . PRO A 1 105 ? 1.761   7.955   -3.220  1.00 42.61 ? 126 PRO A CB  1 
ATOM   605  C  CG  . PRO A 1 105 ? 0.441   8.620   -3.430  1.00 43.87 ? 126 PRO A CG  1 
ATOM   606  C  CD  . PRO A 1 105 ? 0.156   8.363   -4.892  1.00 42.18 ? 126 PRO A CD  1 
ATOM   607  N  N   . ALA A 1 106 ? 2.914   6.117   -5.456  1.00 40.63 ? 127 ALA A N   1 
ATOM   608  C  CA  . ALA A 1 106 ? 3.706   5.008   -5.943  1.00 42.24 ? 127 ALA A CA  1 
ATOM   609  C  C   . ALA A 1 106 ? 4.693   5.480   -7.018  1.00 43.02 ? 127 ALA A C   1 
ATOM   610  O  O   . ALA A 1 106 ? 5.856   5.091   -7.019  1.00 42.21 ? 127 ALA A O   1 
ATOM   611  C  CB  . ALA A 1 106 ? 2.792   3.922   -6.536  1.00 40.37 ? 127 ALA A CB  1 
ATOM   612  N  N   . GLY A 1 107 ? 4.186   6.305   -7.931  1.00 43.34 ? 128 GLY A N   1 
ATOM   613  C  CA  . GLY A 1 107 ? 4.978   6.813   -9.027  1.00 46.58 ? 128 GLY A CA  1 
ATOM   614  C  C   . GLY A 1 107 ? 6.015   7.849   -8.648  1.00 47.67 ? 128 GLY A C   1 
ATOM   615  O  O   . GLY A 1 107 ? 7.104   7.865   -9.250  1.00 47.96 ? 128 GLY A O   1 
ATOM   616  N  N   . LYS A 1 108 ? 5.695   8.705   -7.668  1.00 49.19 ? 129 LYS A N   1 
ATOM   617  C  CA  . LYS A 1 108 ? 6.609   9.774   -7.246  1.00 50.36 ? 129 LYS A CA  1 
ATOM   618  C  C   . LYS A 1 108 ? 7.618   9.380   -6.192  1.00 50.11 ? 129 LYS A C   1 
ATOM   619  O  O   . LYS A 1 108 ? 8.436   10.199  -5.827  1.00 49.96 ? 129 LYS A O   1 
ATOM   620  C  CB  . LYS A 1 108 ? 5.904   10.942  -6.615  1.00 52.19 ? 129 LYS A CB  1 
ATOM   621  C  CG  . LYS A 1 108 ? 4.842   11.676  -7.310  1.00 57.16 ? 129 LYS A CG  1 
ATOM   622  C  CD  . LYS A 1 108 ? 4.455   12.422  -6.077  1.00 59.96 ? 129 LYS A CD  1 
ATOM   623  C  CE  . LYS A 1 108 ? 3.228   13.234  -6.087  1.00 62.73 ? 129 LYS A CE  1 
ATOM   624  N  NZ  . LYS A 1 108 ? 2.898   13.368  -4.629  1.00 64.16 ? 129 LYS A NZ  1 
ATOM   625  N  N   . GLY A 1 109 ? 7.546   8.166   -5.668  1.00 49.32 ? 130 GLY A N   1 
ATOM   626  C  CA  . GLY A 1 109 ? 8.491   7.800   -4.639  1.00 48.33 ? 130 GLY A CA  1 
ATOM   627  C  C   . GLY A 1 109 ? 8.084   8.218   -3.226  1.00 49.23 ? 130 GLY A C   1 
ATOM   628  O  O   . GLY A 1 109 ? 8.938   8.591   -2.422  1.00 47.97 ? 130 GLY A O   1 
ATOM   629  N  N   . THR A 1 110 ? 6.795   8.152   -2.897  1.00 48.39 ? 131 THR A N   1 
ATOM   630  C  CA  . THR A 1 110 ? 6.382   8.490   -1.538  1.00 48.89 ? 131 THR A CA  1 
ATOM   631  C  C   . THR A 1 110 ? 5.237   7.607   -1.035  1.00 47.30 ? 131 THR A C   1 
ATOM   632  O  O   . THR A 1 110 ? 4.439   7.082   -1.814  1.00 46.34 ? 131 THR A O   1 
ATOM   633  C  CB  . THR A 1 110 ? 5.994   9.993   -1.397  1.00 50.47 ? 131 THR A CB  1 
ATOM   634  O  OG1 . THR A 1 110 ? 4.692   10.238  -1.945  1.00 53.07 ? 131 THR A OG1 1 
ATOM   635  C  CG2 . THR A 1 110 ? 7.032   10.881  -2.110  1.00 52.29 ? 131 THR A CG2 1 
ATOM   636  N  N   . LYS A 1 111 ? 5.187   7.401   0.273   1.00 45.66 ? 132 LYS A N   1 
ATOM   637  C  CA  . LYS A 1 111 ? 4.127   6.597   0.847   1.00 45.50 ? 132 LYS A CA  1 
ATOM   638  C  C   . LYS A 1 111 ? 3.604   7.142   2.159   1.00 43.77 ? 132 LYS A C   1 
ATOM   639  O  O   . LYS A 1 111 ? 4.288   7.870   2.900   1.00 44.70 ? 132 LYS A O   1 
ATOM   640  C  CB  . LYS A 1 111 ? 4.562   5.143   1.059   1.00 47.28 ? 132 LYS A CB  1 
ATOM   641  C  CG  . LYS A 1 111 ? 5.728   4.988   2.010   1.00 51.84 ? 132 LYS A CG  1 
ATOM   642  C  CD  . LYS A 1 111 ? 6.019   3.547   2.437   1.00 54.00 ? 132 LYS A CD  1 
ATOM   643  C  CE  . LYS A 1 111 ? 7.267   3.572   3.316   1.00 55.12 ? 132 LYS A CE  1 
ATOM   644  N  NZ  . LYS A 1 111 ? 7.875   2.248   3.637   1.00 57.07 ? 132 LYS A NZ  1 
ATOM   645  N  N   . TRP A 1 112 ? 2.349   6.777   2.390   1.00 40.92 ? 133 TRP A N   1 
ATOM   646  C  CA  . TRP A 1 112 ? 1.608   7.117   3.582   1.00 39.20 ? 133 TRP A CA  1 
ATOM   647  C  C   . TRP A 1 112 ? 1.349   5.780   4.255   1.00 39.92 ? 133 TRP A C   1 
ATOM   648  O  O   . TRP A 1 112 ? 0.895   4.795   3.632   1.00 37.12 ? 133 TRP A O   1 
ATOM   649  C  CB  . TRP A 1 112 ? 0.302   7.812   3.239   1.00 37.21 ? 133 TRP A CB  1 
ATOM   650  C  CG  . TRP A 1 112 ? 0.454   9.259   2.880   1.00 36.04 ? 133 TRP A CG  1 
ATOM   651  C  CD1 . TRP A 1 112 ? 0.522   9.802   1.629   1.00 37.05 ? 133 TRP A CD1 1 
ATOM   652  C  CD2 . TRP A 1 112 ? 0.482   10.360  3.796   1.00 37.44 ? 133 TRP A CD2 1 
ATOM   653  N  NE1 . TRP A 1 112 ? 0.594   11.173  1.712   1.00 36.77 ? 133 TRP A NE1 1 
ATOM   654  C  CE2 . TRP A 1 112 ? 0.585   11.540  3.032   1.00 37.36 ? 133 TRP A CE2 1 
ATOM   655  C  CE3 . TRP A 1 112 ? 0.451   10.458  5.193   1.00 36.43 ? 133 TRP A CE3 1 
ATOM   656  C  CZ2 . TRP A 1 112 ? 0.627   12.817  3.625   1.00 37.58 ? 133 TRP A CZ2 1 
ATOM   657  C  CZ3 . TRP A 1 112 ? 0.491   11.730  5.792   1.00 38.78 ? 133 TRP A CZ3 1 
ATOM   658  C  CH2 . TRP A 1 112 ? 0.592   12.890  5.007   1.00 41.15 ? 133 TRP A CH2 1 
ATOM   659  N  N   . GLU A 1 113 ? 1.675   5.771   5.541   1.00 42.15 ? 134 GLU A N   1 
ATOM   660  C  CA  . GLU A 1 113 ? 1.584   4.609   6.424   1.00 45.09 ? 134 GLU A CA  1 
ATOM   661  C  C   . GLU A 1 113 ? 0.981   5.007   7.758   1.00 45.46 ? 134 GLU A C   1 
ATOM   662  O  O   . GLU A 1 113 ? 0.952   6.176   8.104   1.00 42.56 ? 134 GLU A O   1 
ATOM   663  C  CB  . GLU A 1 113 ? 2.987   4.129   6.765   1.00 47.35 ? 134 GLU A CB  1 
ATOM   664  C  CG  . GLU A 1 113 ? 3.656   3.448   5.633   1.00 54.16 ? 134 GLU A CG  1 
ATOM   665  C  CD  . GLU A 1 113 ? 5.075   3.031   6.005   1.00 56.70 ? 134 GLU A CD  1 
ATOM   666  O  OE1 . GLU A 1 113 ? 5.804   3.842   6.621   1.00 57.04 ? 134 GLU A OE1 1 
ATOM   667  O  OE2 . GLU A 1 113 ? 5.461   1.886   5.697   1.00 58.37 ? 134 GLU A OE2 1 
ATOM   668  N  N   . TRP A 1 114 ? 0.507   4.018   8.509   1.00 46.27 ? 135 TRP A N   1 
ATOM   669  C  CA  . TRP A 1 114 ? -0.020  4.243   9.854   1.00 50.45 ? 135 TRP A CA  1 
ATOM   670  C  C   . TRP A 1 114 ? 0.698   3.298   10.819  1.00 53.85 ? 135 TRP A C   1 
ATOM   671  O  O   . TRP A 1 114 ? 1.158   2.217   10.386  1.00 53.76 ? 135 TRP A O   1 
ATOM   672  C  CB  . TRP A 1 114 ? -1.536  4.084   9.948   1.00 47.63 ? 135 TRP A CB  1 
ATOM   673  C  CG  . TRP A 1 114 ? -2.065  2.796   9.448   1.00 47.89 ? 135 TRP A CG  1 
ATOM   674  C  CD1 . TRP A 1 114 ? -2.339  2.481   8.169   1.00 47.85 ? 135 TRP A CD1 1 
ATOM   675  C  CD2 . TRP A 1 114 ? -2.347  1.630   10.230  1.00 47.28 ? 135 TRP A CD2 1 
ATOM   676  N  NE1 . TRP A 1 114 ? -2.780  1.188   8.087   1.00 46.99 ? 135 TRP A NE1 1 
ATOM   677  C  CE2 . TRP A 1 114 ? -2.802  0.642   9.341   1.00 47.30 ? 135 TRP A CE2 1 
ATOM   678  C  CE3 . TRP A 1 114 ? -2.264  1.331   11.605  1.00 47.66 ? 135 TRP A CE3 1 
ATOM   679  C  CZ2 . TRP A 1 114 ? -3.175  -0.635  9.760   1.00 47.90 ? 135 TRP A CZ2 1 
ATOM   680  C  CZ3 . TRP A 1 114 ? -2.632  0.050   12.036  1.00 47.05 ? 135 TRP A CZ3 1 
ATOM   681  C  CH2 . TRP A 1 114 ? -3.090  -0.917  11.102  1.00 48.68 ? 135 TRP A CH2 1 
ATOM   682  N  N   . SER A 1 115 ? 0.762   3.690   12.101  1.00 57.47 ? 136 SER A N   1 
ATOM   683  C  CA  . SER A 1 115 ? 1.518   2.936   13.112  1.00 62.55 ? 136 SER A CA  1 
ATOM   684  C  C   . SER A 1 115 ? 0.729   1.818   13.886  1.00 65.35 ? 136 SER A C   1 
ATOM   685  O  O   . SER A 1 115 ? -0.254  2.055   14.578  1.00 64.68 ? 136 SER A O   1 
ATOM   686  C  CB  . SER A 1 115 ? 2.166   3.895   14.107  1.00 62.98 ? 136 SER A CB  1 
ATOM   687  O  OG  . SER A 1 115 ? 3.014   3.155   14.967  1.00 65.93 ? 136 SER A OG  1 
ATOM   688  N  N   . GLY A 1 116 ? 1.421   0.687   14.006  1.00 69.52 ? 137 GLY A N   1 
ATOM   689  C  CA  . GLY A 1 116 ? 0.751   -0.505  14.508  1.00 73.83 ? 137 GLY A CA  1 
ATOM   690  C  C   . GLY A 1 116 ? 0.707   -0.893  16.009  1.00 76.78 ? 137 GLY A C   1 
ATOM   691  O  O   . GLY A 1 116 ? 0.122   -1.936  16.237  1.00 77.47 ? 137 GLY A O   1 
ATOM   692  N  N   . GLY A 1 117 ? 1.252   -0.219  17.055  1.00 79.04 ? 138 GLY A N   1 
ATOM   693  C  CA  . GLY A 1 117 ? 1.092   -0.837  18.424  1.00 81.75 ? 138 GLY A CA  1 
ATOM   694  C  C   . GLY A 1 117 ? 1.188   -0.180  19.843  1.00 84.30 ? 138 GLY A C   1 
ATOM   695  O  O   . GLY A 1 117 ? 0.752   -0.785  20.833  1.00 85.19 ? 138 GLY A O   1 
ATOM   696  N  N   . SER A 1 118 ? 1.807   1.004   19.960  1.00 85.45 ? 139 SER A N   1 
ATOM   697  C  CA  . SER A 1 118 ? 1.859   1.802   21.212  1.00 86.96 ? 139 SER A CA  1 
ATOM   698  C  C   . SER A 1 118 ? 1.730   3.189   20.563  1.00 88.28 ? 139 SER A C   1 
ATOM   699  O  O   . SER A 1 118 ? 1.446   3.220   19.377  1.00 88.97 ? 139 SER A O   1 
ATOM   700  C  CB  . SER A 1 118 ? 3.118   1.583   22.082  1.00 87.15 ? 139 SER A CB  1 
ATOM   701  O  OG  . SER A 1 118 ? 2.699   1.496   23.453  1.00 84.73 ? 139 SER A OG  1 
ATOM   702  N  N   . ALA A 1 119 ? 1.903   4.298   21.282  1.00 89.55 ? 140 ALA A N   1 
ATOM   703  C  CA  . ALA A 1 119 ? 1.652   5.645   20.702  1.00 90.87 ? 140 ALA A CA  1 
ATOM   704  C  C   . ALA A 1 119 ? 2.780   6.316   19.928  1.00 91.56 ? 140 ALA A C   1 
ATOM   705  O  O   . ALA A 1 119 ? 2.607   6.818   18.783  1.00 92.14 ? 140 ALA A O   1 
ATOM   706  C  CB  . ALA A 1 119 ? 1.222   6.606   21.800  1.00 90.72 ? 140 ALA A CB  1 
ATOM   707  N  N   . ASP A 1 120 ? 3.906   6.449   20.622  1.00 92.13 ? 141 ASP A N   1 
ATOM   708  C  CA  . ASP A 1 120 ? 5.108   7.056   20.069  1.00 92.06 ? 141 ASP A CA  1 
ATOM   709  C  C   . ASP A 1 120 ? 6.099   5.833   19.994  1.00 91.60 ? 141 ASP A C   1 
ATOM   710  O  O   . ASP A 1 120 ? 7.220   5.797   20.499  1.00 91.71 ? 141 ASP A O   1 
ATOM   711  C  CB  . ASP A 1 120 ? 5.529   8.236   20.965  1.00 92.47 ? 141 ASP A CB  1 
ATOM   712  C  CG  . ASP A 1 120 ? 4.630   9.482   20.735  1.00 93.28 ? 141 ASP A CG  1 
ATOM   713  O  OD1 . ASP A 1 120 ? 3.912   9.529   19.695  1.00 93.76 ? 141 ASP A OD1 1 
ATOM   714  O  OD2 . ASP A 1 120 ? 4.605   10.427  21.550  1.00 93.31 ? 141 ASP A OD2 1 
ATOM   715  N  N   . SER A 1 121 ? 5.576   4.879   19.211  1.00 91.52 ? 142 SER A N   1 
ATOM   716  C  CA  . SER A 1 121 ? 6.179   3.586   18.812  1.00 90.87 ? 142 SER A CA  1 
ATOM   717  C  C   . SER A 1 121 ? 6.234   3.871   17.346  1.00 90.60 ? 142 SER A C   1 
ATOM   718  O  O   . SER A 1 121 ? 5.312   4.503   16.814  1.00 90.44 ? 142 SER A O   1 
ATOM   719  C  CB  . SER A 1 121 ? 5.298   2.303   19.131  1.00 90.52 ? 142 SER A CB  1 
ATOM   720  O  OG  . SER A 1 121 ? 4.400   1.998   18.053  1.00 89.24 ? 142 SER A OG  1 
ATOM   721  N  N   . ASN A 1 122 ? 7.374   3.455   16.782  1.00 89.66 ? 143 ASN A N   1 
ATOM   722  C  CA  . ASN A 1 122 ? 7.827   3.627   15.376  1.00 88.84 ? 143 ASN A CA  1 
ATOM   723  C  C   . ASN A 1 122 ? 8.225   2.274   14.643  1.00 87.73 ? 143 ASN A C   1 
ATOM   724  O  O   . ASN A 1 122 ? 8.606   2.293   13.449  1.00 88.48 ? 143 ASN A O   1 
ATOM   725  C  CB  . ASN A 1 122 ? 9.124   4.484   15.371  1.00 89.94 ? 143 ASN A CB  1 
ATOM   726  C  CG  . ASN A 1 122 ? 8.908   6.016   15.362  1.00 91.00 ? 143 ASN A CG  1 
ATOM   727  O  OD1 . ASN A 1 122 ? 7.837   6.565   15.695  1.00 92.08 ? 143 ASN A OD1 1 
ATOM   728  N  ND2 . ASN A 1 122 ? 9.982   6.712   15.013  1.00 90.62 ? 143 ASN A ND2 1 
ATOM   729  N  N   . ASN A 1 123 ? 8.201   1.137   15.360  1.00 85.83 ? 144 ASN A N   1 
ATOM   730  C  CA  . ASN A 1 123 ? 8.624   -0.175  14.803  1.00 83.29 ? 144 ASN A CA  1 
ATOM   731  C  C   . ASN A 1 123 ? 7.760   -1.022  13.848  1.00 81.13 ? 144 ASN A C   1 
ATOM   732  O  O   . ASN A 1 123 ? 8.296   -1.843  13.113  1.00 81.43 ? 144 ASN A O   1 
ATOM   733  C  CB  . ASN A 1 123 ? 9.115   -1.112  15.948  1.00 84.50 ? 144 ASN A CB  1 
ATOM   734  C  CG  . ASN A 1 123 ? 8.089   -1.295  17.099  1.00 85.38 ? 144 ASN A CG  1 
ATOM   735  O  OD1 . ASN A 1 123 ? 8.301   -0.789  18.206  1.00 85.92 ? 144 ASN A OD1 1 
ATOM   736  N  ND2 . ASN A 1 123 ? 7.009   -2.050  16.849  1.00 85.73 ? 144 ASN A ND2 1 
ATOM   737  N  N   . ASP A 1 124 ? 6.445   -0.835  13.872  1.00 77.96 ? 145 ASP A N   1 
ATOM   738  C  CA  . ASP A 1 124 ? 5.520   -1.601  13.046  1.00 74.47 ? 145 ASP A CA  1 
ATOM   739  C  C   . ASP A 1 124 ? 4.624   -0.675  12.188  1.00 71.69 ? 145 ASP A C   1 
ATOM   740  O  O   . ASP A 1 124 ? 3.491   -0.366  12.584  1.00 70.47 ? 145 ASP A O   1 
ATOM   741  C  CB  . ASP A 1 124 ? 4.692   -2.515  13.980  1.00 74.92 ? 145 ASP A CB  1 
ATOM   742  C  CG  . ASP A 1 124 ? 3.722   -3.401  13.224  1.00 75.22 ? 145 ASP A CG  1 
ATOM   743  O  OD1 . ASP A 1 124 ? 3.597   -3.236  11.958  1.00 75.71 ? 145 ASP A OD1 1 
ATOM   744  O  OD2 . ASP A 1 124 ? 3.055   -4.238  13.881  1.00 76.38 ? 145 ASP A OD2 1 
ATOM   745  N  N   . TRP A 1 125 ? 5.137   -0.257  11.022  1.00 68.15 ? 146 TRP A N   1 
ATOM   746  C  CA  . TRP A 1 125 ? 4.396   0.616   10.119  1.00 64.61 ? 146 TRP A CA  1 
ATOM   747  C  C   . TRP A 1 125 ? 3.614   -0.078  8.981   1.00 61.88 ? 146 TRP A C   1 
ATOM   748  O  O   . TRP A 1 125 ? 4.080   -1.041  8.369   1.00 60.97 ? 146 TRP A O   1 
ATOM   749  C  CB  . TRP A 1 125 ? 5.345   1.642   9.509   1.00 62.56 ? 146 TRP A CB  1 
ATOM   750  C  CG  . TRP A 1 125 ? 5.832   2.658   10.534  1.00 62.51 ? 146 TRP A CG  1 
ATOM   751  C  CD1 . TRP A 1 125 ? 7.009   2.629   11.274  1.00 62.54 ? 146 TRP A CD1 1 
ATOM   752  C  CD2 . TRP A 1 125 ? 5.148   3.853   10.933  1.00 62.09 ? 146 TRP A CD2 1 
ATOM   753  N  NE1 . TRP A 1 125 ? 7.072   3.740   12.110  1.00 61.89 ? 146 TRP A NE1 1 
ATOM   754  C  CE2 . TRP A 1 125 ? 5.936   4.494   11.928  1.00 61.72 ? 146 TRP A CE2 1 
ATOM   755  C  CE3 . TRP A 1 125 ? 3.924   4.429   10.568  1.00 61.09 ? 146 TRP A CE3 1 
ATOM   756  C  CZ2 . TRP A 1 125 ? 5.546   5.715   12.525  1.00 61.44 ? 146 TRP A CZ2 1 
ATOM   757  C  CZ3 . TRP A 1 125 ? 3.529   5.650   11.164  1.00 60.10 ? 146 TRP A CZ3 1 
ATOM   758  C  CH2 . TRP A 1 125 ? 4.333   6.263   12.143  1.00 61.90 ? 146 TRP A CH2 1 
ATOM   759  N  N   . ARG A 1 126 ? 2.441   0.453   8.644   1.00 60.14 ? 147 ARG A N   1 
ATOM   760  C  CA  . ARG A 1 126 ? 1.630   -0.163  7.596   1.00 58.92 ? 147 ARG A CA  1 
ATOM   761  C  C   . ARG A 1 126 ? 1.077   0.717   6.525   1.00 56.34 ? 147 ARG A C   1 
ATOM   762  O  O   . ARG A 1 126 ? 0.516   1.783   6.791   1.00 55.80 ? 147 ARG A O   1 
ATOM   763  C  CB  . ARG A 1 126 ? 0.512   -0.935  8.235   1.00 61.75 ? 147 ARG A CB  1 
ATOM   764  C  CG  . ARG A 1 126 ? 1.100   -1.714  9.322   1.00 64.74 ? 147 ARG A CG  1 
ATOM   765  C  CD  . ARG A 1 126 ? 0.156   -2.637  9.879   1.00 67.56 ? 147 ARG A CD  1 
ATOM   766  N  NE  . ARG A 1 126 ? 0.684   -3.086  11.139  1.00 69.49 ? 147 ARG A NE  1 
ATOM   767  C  CZ  . ARG A 1 126 ? 0.018   -3.901  11.934  1.00 70.43 ? 147 ARG A CZ  1 
ATOM   768  N  NH1 . ARG A 1 126 ? -1.183  -4.329  11.561  1.00 70.54 ? 147 ARG A NH1 1 
ATOM   769  N  NH2 . ARG A 1 126 ? 0.534   -4.268  13.097  1.00 70.11 ? 147 ARG A NH2 1 
ATOM   770  N  N   . PRO A 1 127 ? 1.228   0.259   5.289   1.00 53.88 ? 148 PRO A N   1 
ATOM   771  C  CA  . PRO A 1 127 ? 0.741   1.017   4.153   1.00 51.20 ? 148 PRO A CA  1 
ATOM   772  C  C   . PRO A 1 127 ? -0.769  0.962   4.042   1.00 49.53 ? 148 PRO A C   1 
ATOM   773  O  O   . PRO A 1 127 ? -1.408  -0.008  4.446   1.00 48.65 ? 148 PRO A O   1 
ATOM   774  C  CB  . PRO A 1 127 ? 1.451   0.361   2.974   1.00 52.12 ? 148 PRO A CB  1 
ATOM   775  C  CG  . PRO A 1 127 ? 1.587   -1.072  3.414   1.00 52.96 ? 148 PRO A CG  1 
ATOM   776  C  CD  . PRO A 1 127 ? 1.749   -1.068  4.906   1.00 53.70 ? 148 PRO A CD  1 
ATOM   777  N  N   . TYR A 1 128 ? -1.333  2.033   3.504   1.00 46.49 ? 149 TYR A N   1 
ATOM   778  C  CA  . TYR A 1 128 ? -2.765  2.084   3.273   1.00 44.01 ? 149 TYR A CA  1 
ATOM   779  C  C   . TYR A 1 128 ? -2.873  1.571   1.869   1.00 44.79 ? 149 TYR A C   1 
ATOM   780  O  O   . TYR A 1 128 ? -1.866  1.477   1.174   1.00 44.63 ? 149 TYR A O   1 
ATOM   781  C  CB  . TYR A 1 128 ? -3.328  3.527   3.245   1.00 41.29 ? 149 TYR A CB  1 
ATOM   782  C  CG  . TYR A 1 128 ? -3.438  4.249   4.545   1.00 40.59 ? 149 TYR A CG  1 
ATOM   783  C  CD1 . TYR A 1 128 ? -2.376  5.012   5.028   1.00 38.77 ? 149 TYR A CD1 1 
ATOM   784  C  CD2 . TYR A 1 128 ? -4.591  4.177   5.293   1.00 38.44 ? 149 TYR A CD2 1 
ATOM   785  C  CE1 . TYR A 1 128 ? -2.469  5.681   6.247   1.00 39.19 ? 149 TYR A CE1 1 
ATOM   786  C  CE2 . TYR A 1 128 ? -4.707  4.850   6.495   1.00 39.48 ? 149 TYR A CE2 1 
ATOM   787  C  CZ  . TYR A 1 128 ? -3.658  5.591   6.976   1.00 39.99 ? 149 TYR A CZ  1 
ATOM   788  O  OH  . TYR A 1 128 ? -3.782  6.221   8.182   1.00 39.68 ? 149 TYR A OH  1 
ATOM   789  N  N   . ASN A 1 129 ? -4.100  1.280   1.456   1.00 44.21 ? 150 ASN A N   1 
ATOM   790  C  CA  . ASN A 1 129 ? -4.358  0.856   0.090   1.00 42.82 ? 150 ASN A CA  1 
ATOM   791  C  C   . ASN A 1 129 ? -3.796  1.972   -0.752  1.00 43.33 ? 150 ASN A C   1 
ATOM   792  O  O   . ASN A 1 129 ? -3.879  3.114   -0.339  1.00 42.82 ? 150 ASN A O   1 
ATOM   793  C  CB  . ASN A 1 129 ? -5.876  0.728   -0.075  1.00 43.75 ? 150 ASN A CB  1 
ATOM   794  C  CG  . ASN A 1 129 ? -6.353  0.938   -1.507  1.00 44.36 ? 150 ASN A CG  1 
ATOM   795  O  OD1 . ASN A 1 129 ? -6.628  2.069   -1.952  1.00 46.44 ? 150 ASN A OD1 1 
ATOM   796  N  ND2 . ASN A 1 129 ? -6.442  -0.158  -2.249  1.00 48.65 ? 150 ASN A ND2 1 
HETATM 797  N  N   . MSE A 1 130 ? -3.255  1.660   -1.930  1.00 43.02 ? 151 MSE A N   1 
HETATM 798  C  CA  . MSE A 1 130 ? -2.657  2.706   -2.768  1.00 41.44 ? 151 MSE A CA  1 
HETATM 799  C  C   . MSE A 1 130 ? -3.609  3.850   -3.136  1.00 41.75 ? 151 MSE A C   1 
HETATM 800  O  O   . MSE A 1 130 ? -3.194  5.012   -3.186  1.00 40.18 ? 151 MSE A O   1 
HETATM 801  C  CB  . MSE A 1 130 ? -2.117  2.104   -4.049  1.00 42.11 ? 151 MSE A CB  1 
HETATM 802  C  CG  . MSE A 1 130 ? -1.239  3.040   -4.839  1.00 42.43 ? 151 MSE A CG  1 
HETATM 803  SE SE  . MSE A 1 130 ? 0.297   3.494   -3.782  1.00 42.56 ? 151 MSE A SE  1 
HETATM 804  C  CE  . MSE A 1 130 ? 0.263   5.392   -4.080  1.00 43.04 ? 151 MSE A CE  1 
ATOM   805  N  N   . HIS A 1 131 ? -4.878  3.532   -3.389  1.00 41.40 ? 152 HIS A N   1 
ATOM   806  C  CA  . HIS A 1 131 ? -5.846  4.552   -3.750  1.00 40.74 ? 152 HIS A CA  1 
ATOM   807  C  C   . HIS A 1 131 ? -6.022  5.464   -2.562  1.00 37.61 ? 152 HIS A C   1 
ATOM   808  O  O   . HIS A 1 131 ? -6.082  6.669   -2.700  1.00 36.76 ? 152 HIS A O   1 
ATOM   809  C  CB  . HIS A 1 131 ? -7.183  3.922   -4.173  1.00 43.00 ? 152 HIS A CB  1 
ATOM   810  C  CG  . HIS A 1 131 ? -8.172  4.936   -4.639  1.00 43.34 ? 152 HIS A CG  1 
ATOM   811  N  ND1 . HIS A 1 131 ? -7.887  5.833   -5.647  1.00 45.68 ? 152 HIS A ND1 1 
ATOM   812  C  CD2 . HIS A 1 131 ? -9.384  5.290   -4.155  1.00 45.11 ? 152 HIS A CD2 1 
ATOM   813  C  CE1 . HIS A 1 131 ? -8.871  6.708   -5.750  1.00 44.79 ? 152 HIS A CE1 1 
ATOM   814  N  NE2 . HIS A 1 131 ? -9.789  6.404   -4.851  1.00 46.31 ? 152 HIS A NE2 1 
ATOM   815  N  N   . VAL A 1 132 ? -6.144  4.858   -1.392  1.00 39.12 ? 153 VAL A N   1 
ATOM   816  C  CA  . VAL A 1 132 ? -6.280  5.653   -0.180  1.00 37.64 ? 153 VAL A CA  1 
ATOM   817  C  C   . VAL A 1 132 ? -5.036  6.530   0.025   1.00 35.83 ? 153 VAL A C   1 
ATOM   818  O  O   . VAL A 1 132 ? -5.139  7.689   0.414   1.00 36.70 ? 153 VAL A O   1 
ATOM   819  C  CB  . VAL A 1 132 ? -6.526  4.750   1.057   1.00 39.41 ? 153 VAL A CB  1 
ATOM   820  C  CG1 . VAL A 1 132 ? -6.559  5.592   2.351   1.00 38.27 ? 153 VAL A CG1 1 
ATOM   821  C  CG2 . VAL A 1 132 ? -7.843  4.017   0.877   1.00 40.06 ? 153 VAL A CG2 1 
ATOM   822  N  N   . GLN A 1 133 ? -3.861  5.989   -0.273  1.00 35.74 ? 154 GLN A N   1 
ATOM   823  C  CA  . GLN A 1 133 ? -2.658  6.796   -0.129  1.00 37.27 ? 154 GLN A CA  1 
ATOM   824  C  C   . GLN A 1 133 ? -2.756  8.013   -1.047  1.00 36.68 ? 154 GLN A C   1 
ATOM   825  O  O   . GLN A 1 133 ? -2.382  9.116   -0.663  1.00 36.95 ? 154 GLN A O   1 
ATOM   826  C  CB  . GLN A 1 133 ? -1.387  6.000   -0.467  1.00 37.53 ? 154 GLN A CB  1 
ATOM   827  C  CG  . GLN A 1 133 ? -0.936  4.996   0.601   1.00 39.69 ? 154 GLN A CG  1 
ATOM   828  C  CD  . GLN A 1 133 ? 0.378   4.287   0.278   1.00 42.87 ? 154 GLN A CD  1 
ATOM   829  O  OE1 . GLN A 1 133 ? 0.453   3.054   0.360   1.00 44.89 ? 154 GLN A OE1 1 
ATOM   830  N  NE2 . GLN A 1 133 ? 1.407   5.050   -0.087  1.00 36.73 ? 154 GLN A NE2 1 
ATOM   831  N  N   . SER A 1 134 ? -3.311  7.840   -2.244  1.00 37.50 ? 155 SER A N   1 
ATOM   832  C  CA  . SER A 1 134 ? -3.419  8.984   -3.146  1.00 38.49 ? 155 SER A CA  1 
ATOM   833  C  C   . SER A 1 134 ? -4.400  10.040  -2.679  1.00 37.85 ? 155 SER A C   1 
ATOM   834  O  O   . SER A 1 134 ? -4.195  11.241  -2.909  1.00 38.36 ? 155 SER A O   1 
ATOM   835  C  CB  . SER A 1 134 ? -3.749  8.529   -4.578  1.00 40.26 ? 155 SER A CB  1 
ATOM   836  O  OG  . SER A 1 134 ? -4.961  7.820   -4.646  1.00 45.08 ? 155 SER A OG  1 
ATOM   837  N  N   . ILE A 1 135 ? -5.470  9.581   -2.045  1.00 36.91 ? 156 ILE A N   1 
ATOM   838  C  CA  . ILE A 1 135 ? -6.497  10.474  -1.535  1.00 36.88 ? 156 ILE A CA  1 
ATOM   839  C  C   . ILE A 1 135 ? -5.962  11.233  -0.318  1.00 37.22 ? 156 ILE A C   1 
ATOM   840  O  O   . ILE A 1 135 ? -6.240  12.419  -0.131  1.00 36.80 ? 156 ILE A O   1 
ATOM   841  C  CB  . ILE A 1 135 ? -7.779  9.675   -1.172  1.00 39.87 ? 156 ILE A CB  1 
ATOM   842  C  CG1 . ILE A 1 135 ? -8.409  9.102   -2.459  1.00 42.21 ? 156 ILE A CG1 1 
ATOM   843  C  CG2 . ILE A 1 135 ? -8.752  10.564  -0.396  1.00 42.36 ? 156 ILE A CG2 1 
ATOM   844  C  CD1 . ILE A 1 135 ? -8.758  10.185  -3.519  1.00 43.59 ? 156 ILE A CD1 1 
ATOM   845  N  N   . ILE A 1 136 ? -5.162  10.550  0.495   1.00 35.37 ? 157 ILE A N   1 
ATOM   846  C  CA  . ILE A 1 136 ? -4.577  11.189  1.673   1.00 36.69 ? 157 ILE A CA  1 
ATOM   847  C  C   . ILE A 1 136 ? -3.564  12.223  1.184   1.00 36.33 ? 157 ILE A C   1 
ATOM   848  O  O   . ILE A 1 136 ? -3.555  13.368  1.628   1.00 35.49 ? 157 ILE A O   1 
ATOM   849  C  CB  . ILE A 1 136 ? -3.871  10.154  2.613   1.00 34.81 ? 157 ILE A CB  1 
ATOM   850  C  CG1 . ILE A 1 136 ? -4.920  9.277   3.311   1.00 37.21 ? 157 ILE A CG1 1 
ATOM   851  C  CG2 . ILE A 1 136 ? -3.047  10.873  3.675   1.00 34.63 ? 157 ILE A CG2 1 
ATOM   852  C  CD1 . ILE A 1 136 ? -4.321  8.148   4.155   1.00 35.71 ? 157 ILE A CD1 1 
ATOM   853  N  N   . GLU A 1 137 ? -2.723  11.802  0.250   1.00 37.11 ? 158 GLU A N   1 
ATOM   854  C  CA  . GLU A 1 137 ? -1.716  12.691  -0.318  1.00 39.56 ? 158 GLU A CA  1 
ATOM   855  C  C   . GLU A 1 137 ? -2.383  13.935  -0.930  1.00 40.76 ? 158 GLU A C   1 
ATOM   856  O  O   . GLU A 1 137 ? -1.960  15.074  -0.745  1.00 40.36 ? 158 GLU A O   1 
ATOM   857  C  CB  . GLU A 1 137 ? -0.913  11.955  -1.395  1.00 38.13 ? 158 GLU A CB  1 
ATOM   858  C  CG  . GLU A 1 137 ? -0.040  12.864  -2.209  1.00 41.43 ? 158 GLU A CG  1 
ATOM   859  C  CD  . GLU A 1 137 ? 1.174   13.347  -1.446  1.00 42.82 ? 158 GLU A CD  1 
ATOM   860  O  OE1 . GLU A 1 137 ? 1.405   12.921  -0.284  1.00 41.10 ? 158 GLU A OE1 1 
ATOM   861  O  OE2 . GLU A 1 137 ? 1.950   14.127  -2.023  1.00 42.22 ? 158 GLU A OE2 1 
ATOM   862  N  N   . ASP A 1 138 ? -3.453  13.686  -1.668  1.00 41.59 ? 159 ASP A N   1 
ATOM   863  C  CA  . ASP A 1 138 ? -4.186  14.770  -2.297  1.00 42.83 ? 159 ASP A CA  1 
ATOM   864  C  C   . ASP A 1 138 ? -4.804  15.717  -1.273  1.00 42.82 ? 159 ASP A C   1 
ATOM   865  O  O   . ASP A 1 138 ? -4.789  16.929  -1.490  1.00 44.45 ? 159 ASP A O   1 
ATOM   866  C  CB  . ASP A 1 138 ? -5.271  14.231  -3.260  1.00 47.01 ? 159 ASP A CB  1 
ATOM   867  C  CG  . ASP A 1 138 ? -5.979  15.337  -4.029  1.00 50.25 ? 159 ASP A CG  1 
ATOM   868  O  OD1 . ASP A 1 138 ? -6.987  15.846  -3.500  1.00 53.24 ? 159 ASP A OD1 1 
ATOM   869  O  OD2 . ASP A 1 138 ? -5.537  15.698  -5.152  1.00 51.47 ? 159 ASP A OD2 1 
ATOM   870  N  N   . ALA A 1 139 ? -5.360  15.195  -0.181  1.00 40.42 ? 160 ALA A N   1 
ATOM   871  C  CA  . ALA A 1 139 ? -5.954  16.078  0.823   1.00 39.69 ? 160 ALA A CA  1 
ATOM   872  C  C   . ALA A 1 139 ? -4.860  16.829  1.567   1.00 39.96 ? 160 ALA A C   1 
ATOM   873  O  O   . ALA A 1 139 ? -5.022  17.992  1.917   1.00 37.75 ? 160 ALA A O   1 
ATOM   874  C  CB  . ALA A 1 139 ? -6.799  15.283  1.808   1.00 40.15 ? 160 ALA A CB  1 
ATOM   875  N  N   . TRP A 1 140 ? -3.750  16.145  1.814   1.00 38.83 ? 161 TRP A N   1 
ATOM   876  C  CA  . TRP A 1 140 ? -2.627  16.752  2.492   1.00 37.93 ? 161 TRP A CA  1 
ATOM   877  C  C   . TRP A 1 140 ? -2.121  17.909  1.625   1.00 37.41 ? 161 TRP A C   1 
ATOM   878  O  O   . TRP A 1 140 ? -2.034  19.040  2.096   1.00 36.67 ? 161 TRP A O   1 
ATOM   879  C  CB  . TRP A 1 140 ? -1.516  15.708  2.691   1.00 38.81 ? 161 TRP A CB  1 
ATOM   880  C  CG  . TRP A 1 140 ? -0.300  16.229  3.339   1.00 39.78 ? 161 TRP A CG  1 
ATOM   881  C  CD1 . TRP A 1 140 ? -0.131  16.538  4.668   1.00 40.44 ? 161 TRP A CD1 1 
ATOM   882  C  CD2 . TRP A 1 140 ? 0.921   16.603  2.678   1.00 40.19 ? 161 TRP A CD2 1 
ATOM   883  N  NE1 . TRP A 1 140 ? 1.115   17.085  4.861   1.00 40.17 ? 161 TRP A NE1 1 
ATOM   884  C  CE2 . TRP A 1 140 ? 1.778   17.150  3.661   1.00 41.34 ? 161 TRP A CE2 1 
ATOM   885  C  CE3 . TRP A 1 140 ? 1.360   16.560  1.344   1.00 40.21 ? 161 TRP A CE3 1 
ATOM   886  C  CZ2 . TRP A 1 140 ? 3.081   17.635  3.348   1.00 41.33 ? 161 TRP A CZ2 1 
ATOM   887  C  CZ3 . TRP A 1 140 ? 2.634   17.037  1.036   1.00 41.10 ? 161 TRP A CZ3 1 
ATOM   888  C  CH2 . TRP A 1 140 ? 3.480   17.580  2.031   1.00 41.90 ? 161 TRP A CH2 1 
ATOM   889  N  N   . ALA A 1 141 ? -1.786  17.618  0.368   1.00 36.08 ? 162 ALA A N   1 
ATOM   890  C  CA  . ALA A 1 141 ? -1.275  18.646  -0.528  1.00 39.04 ? 162 ALA A CA  1 
ATOM   891  C  C   . ALA A 1 141 ? -2.215  19.845  -0.708  1.00 41.44 ? 162 ALA A C   1 
ATOM   892  O  O   . ALA A 1 141 ? -1.747  20.985  -0.793  1.00 41.31 ? 162 ALA A O   1 
ATOM   893  C  CB  . ALA A 1 141 ? -0.951  18.061  -1.875  1.00 34.66 ? 162 ALA A CB  1 
ATOM   894  N  N   . ARG A 1 142 ? -3.530  19.600  -0.786  1.00 44.52 ? 163 ARG A N   1 
ATOM   895  C  CA  . ARG A 1 142 ? -4.482  20.725  -0.938  1.00 48.04 ? 163 ARG A CA  1 
ATOM   896  C  C   . ARG A 1 142 ? -4.686  21.487  0.382   1.00 48.65 ? 163 ARG A C   1 
ATOM   897  O  O   . ARG A 1 142 ? -5.483  22.439  0.414   1.00 49.86 ? 163 ARG A O   1 
ATOM   898  C  CB  . ARG A 1 142 ? -5.913  20.314  -1.365  1.00 49.65 ? 163 ARG A CB  1 
ATOM   899  C  CG  . ARG A 1 142 ? -6.123  19.453  -2.614  1.00 54.00 ? 163 ARG A CG  1 
ATOM   900  C  CD  . ARG A 1 142 ? -7.612  18.962  -2.767  1.00 58.11 ? 163 ARG A CD  1 
ATOM   901  N  NE  . ARG A 1 142 ? -8.394  18.709  -1.534  1.00 60.11 ? 163 ARG A NE  1 
ATOM   902  C  CZ  . ARG A 1 142 ? -8.847  17.519  -1.140  1.00 61.26 ? 163 ARG A CZ  1 
ATOM   903  N  NH1 . ARG A 1 142 ? -8.584  16.430  -1.851  1.00 62.19 ? 163 ARG A NH1 1 
ATOM   904  N  NH2 . ARG A 1 142 ? -9.639  17.431  -0.082  1.00 63.76 ? 163 ARG A NH2 1 
ATOM   905  N  N   . GLY A 1 143 ? -4.024  21.094  1.470   1.00 48.47 ? 164 GLY A N   1 
ATOM   906  C  CA  . GLY A 1 143 ? -4.200  21.825  2.722   1.00 47.85 ? 164 GLY A CA  1 
ATOM   907  C  C   . GLY A 1 143 ? -5.431  21.521  3.568   1.00 48.69 ? 164 GLY A C   1 
ATOM   908  O  O   . GLY A 1 143 ? -5.835  22.368  4.359   1.00 48.98 ? 164 GLY A O   1 
ATOM   909  N  N   . GLU A 1 144 ? -6.032  20.341  3.433   1.00 48.46 ? 165 GLU A N   1 
ATOM   910  C  CA  . GLU A 1 144 ? -7.202  19.999  4.256   1.00 50.33 ? 165 GLU A CA  1 
ATOM   911  C  C   . GLU A 1 144 ? -6.714  19.836  5.704   1.00 50.01 ? 165 GLU A C   1 
ATOM   912  O  O   . GLU A 1 144 ? -5.579  19.433  5.913   1.00 49.42 ? 165 GLU A O   1 
ATOM   913  C  CB  . GLU A 1 144 ? -7.804  18.665  3.819   1.00 51.67 ? 165 GLU A CB  1 
ATOM   914  C  CG  . GLU A 1 144 ? -8.487  18.637  2.463   1.00 55.24 ? 165 GLU A CG  1 
ATOM   915  C  CD  . GLU A 1 144 ? -9.753  19.468  2.415   1.00 58.01 ? 165 GLU A CD  1 
ATOM   916  O  OE1 . GLU A 1 144 ? -10.282 19.808  3.504   1.00 59.60 ? 165 GLU A OE1 1 
ATOM   917  O  OE2 . GLU A 1 144 ? -10.219 19.756  1.285   1.00 55.82 ? 165 GLU A OE2 1 
ATOM   918  N  N   . GLN A 1 145 ? -7.560  20.124  6.690   1.00 51.29 ? 166 GLN A N   1 
ATOM   919  C  CA  . GLN A 1 145 ? -7.151  19.959  8.082   1.00 52.78 ? 166 GLN A CA  1 
ATOM   920  C  C   . GLN A 1 145 ? -7.497  18.511  8.412   1.00 52.36 ? 166 GLN A C   1 
ATOM   921  O  O   . GLN A 1 145 ? -6.861  17.855  9.230   1.00 52.38 ? 166 GLN A O   1 
ATOM   922  C  CB  . GLN A 1 145 ? -7.987  20.855  9.059   1.00 56.64 ? 166 GLN A CB  1 
ATOM   923  C  CG  . GLN A 1 145 ? -7.603  22.367  9.257   1.00 61.19 ? 166 GLN A CG  1 
ATOM   924  C  CD  . GLN A 1 145 ? -8.693  23.180  10.014  1.00 65.06 ? 166 GLN A CD  1 
ATOM   925  O  OE1 . GLN A 1 145 ? -9.208  22.758  11.057  1.00 66.42 ? 166 GLN A OE1 1 
ATOM   926  N  NE2 . GLN A 1 145 ? -9.021  24.354  9.487   1.00 67.15 ? 166 GLN A NE2 1 
ATOM   927  N  N   . THR A 1 146 ? -8.520  18.014  7.737   1.00 49.80 ? 167 THR A N   1 
ATOM   928  C  CA  . THR A 1 146 ? -9.054  16.709  8.064   1.00 50.45 ? 167 THR A CA  1 
ATOM   929  C  C   . THR A 1 146 ? -9.584  15.904  6.841   1.00 50.06 ? 167 THR A C   1 
ATOM   930  O  O   . THR A 1 146 ? -10.030 16.480  5.855   1.00 50.73 ? 167 THR A O   1 
ATOM   931  C  CB  . THR A 1 146 ? -10.207 16.987  9.109   1.00 52.14 ? 167 THR A CB  1 
ATOM   932  O  OG1 . THR A 1 146 ? -10.089 16.110  10.242  1.00 53.47 ? 167 THR A OG1 1 
ATOM   933  C  CG2 . THR A 1 146 ? -11.555 16.916  8.427   1.00 51.80 ? 167 THR A CG2 1 
ATOM   934  N  N   . LEU A 1 147 ? -9.532  14.575  6.896   1.00 49.94 ? 168 LEU A N   1 
ATOM   935  C  CA  . LEU A 1 147 ? -10.060 13.738  5.810   1.00 48.55 ? 168 LEU A CA  1 
ATOM   936  C  C   . LEU A 1 147 ? -10.823 12.561  6.409   1.00 49.38 ? 168 LEU A C   1 
ATOM   937  O  O   . LEU A 1 147 ? -10.236 11.705  7.087   1.00 46.71 ? 168 LEU A O   1 
ATOM   938  C  CB  . LEU A 1 147 ? -8.945  13.214  4.895   1.00 48.07 ? 168 LEU A CB  1 
ATOM   939  C  CG  . LEU A 1 147 ? -9.395  12.163  3.873   1.00 49.07 ? 168 LEU A CG  1 
ATOM   940  C  CD1 . LEU A 1 147 ? -10.385 12.770  2.877   1.00 46.34 ? 168 LEU A CD1 1 
ATOM   941  C  CD2 . LEU A 1 147 ? -8.172  11.614  3.146   1.00 50.57 ? 168 LEU A CD2 1 
ATOM   942  N  N   . ASP A 1 148 ? -12.128 12.520  6.146   1.00 48.56 ? 169 ASP A N   1 
ATOM   943  C  CA  . ASP A 1 148 ? -12.948 11.434  6.676   1.00 49.07 ? 169 ASP A CA  1 
ATOM   944  C  C   . ASP A 1 148 ? -13.027 10.272  5.680   1.00 48.58 ? 169 ASP A C   1 
ATOM   945  O  O   . ASP A 1 148 ? -13.852 10.291  4.776   1.00 49.89 ? 169 ASP A O   1 
ATOM   946  C  CB  . ASP A 1 148 ? -14.356 11.947  6.997   1.00 50.63 ? 169 ASP A CB  1 
ATOM   947  C  CG  . ASP A 1 148 ? -15.240 10.889  7.580   1.00 51.30 ? 169 ASP A CG  1 
ATOM   948  O  OD1 . ASP A 1 148 ? -14.931 9.677   7.496   1.00 49.73 ? 169 ASP A OD1 1 
ATOM   949  O  OD2 . ASP A 1 148 ? -16.330 11.210  8.091   1.00 54.51 ? 169 ASP A OD2 1 
ATOM   950  N  N   . LEU A 1 149 ? -12.190 9.255   5.882   1.00 48.54 ? 170 LEU A N   1 
ATOM   951  C  CA  . LEU A 1 149 ? -12.157 8.117   4.989   1.00 50.59 ? 170 LEU A CA  1 
ATOM   952  C  C   . LEU A 1 149 ? -13.444 7.348   4.879   1.00 54.46 ? 170 LEU A C   1 
ATOM   953  O  O   . LEU A 1 149 ? -13.595 6.503   3.997   1.00 54.67 ? 170 LEU A O   1 
ATOM   954  C  CB  . LEU A 1 149 ? -11.053 7.160   5.393   1.00 47.91 ? 170 LEU A CB  1 
ATOM   955  C  CG  . LEU A 1 149 ? -9.676  7.785   5.373   1.00 48.05 ? 170 LEU A CG  1 
ATOM   956  C  CD1 . LEU A 1 149 ? -8.625  6.803   5.857   1.00 47.18 ? 170 LEU A CD1 1 
ATOM   957  C  CD2 . LEU A 1 149 ? -9.392  8.251   3.966   1.00 46.42 ? 170 LEU A CD2 1 
ATOM   958  N  N   . SER A 1 150 ? -14.409 7.605   5.744   1.00 58.22 ? 171 SER A N   1 
ATOM   959  C  CA  . SER A 1 150 ? -15.627 6.821   5.582   1.00 63.27 ? 171 SER A CA  1 
ATOM   960  C  C   . SER A 1 150 ? -16.504 7.307   4.411   1.00 67.10 ? 171 SER A C   1 
ATOM   961  O  O   . SER A 1 150 ? -17.330 6.544   3.893   1.00 67.71 ? 171 SER A O   1 
ATOM   962  C  CB  . SER A 1 150 ? -16.436 6.766   6.889   1.00 60.41 ? 171 SER A CB  1 
ATOM   963  O  OG  . SER A 1 150 ? -16.945 8.013   7.285   1.00 59.79 ? 171 SER A OG  1 
ATOM   964  N  N   . ASN A 1 151 ? -16.299 8.561   3.992   1.00 71.50 ? 172 ASN A N   1 
ATOM   965  C  CA  . ASN A 1 151 ? -17.031 9.208   2.874   1.00 74.94 ? 172 ASN A CA  1 
ATOM   966  C  C   . ASN A 1 151 ? -16.591 8.659   1.543   1.00 76.64 ? 172 ASN A C   1 
ATOM   967  O  O   . ASN A 1 151 ? -17.317 8.045   0.767   1.00 77.12 ? 172 ASN A O   1 
ATOM   968  C  CB  . ASN A 1 151 ? -16.648 10.673  2.704   1.00 75.04 ? 172 ASN A CB  1 
ATOM   969  C  CG  . ASN A 1 151 ? -17.208 11.558  3.746   1.00 76.99 ? 172 ASN A CG  1 
ATOM   970  O  OD1 . ASN A 1 151 ? -18.285 11.298  4.293   1.00 78.53 ? 172 ASN A OD1 1 
ATOM   971  N  ND2 . ASN A 1 151 ? -16.495 12.644  4.033   1.00 77.54 ? 172 ASN A ND2 1 
ATOM   972  N  N   . THR A 1 152 ? -15.410 9.162   1.246   1.00 79.06 ? 173 THR A N   1 
ATOM   973  C  CA  . THR A 1 152 ? -14.669 8.877   0.068   1.00 81.74 ? 173 THR A CA  1 
ATOM   974  C  C   . THR A 1 152 ? -15.182 7.572   -0.512  1.00 83.02 ? 173 THR A C   1 
ATOM   975  O  O   . THR A 1 152 ? -16.106 7.473   -1.334  1.00 83.15 ? 173 THR A O   1 
ATOM   976  C  CB  . THR A 1 152 ? -13.189 8.679   0.499   1.00 82.18 ? 173 THR A CB  1 
ATOM   977  O  OG1 . THR A 1 152 ? -13.062 7.509   1.337   1.00 82.58 ? 173 THR A OG1 1 
ATOM   978  C  CG2 . THR A 1 152 ? -12.796 9.844   1.373   1.00 81.49 ? 173 THR A CG2 1 
ATOM   979  N  N   . HIS A 1 153 ? -14.547 6.565   0.032   1.00 83.87 ? 174 HIS A N   1 
ATOM   980  C  CA  . HIS A 1 153 ? -14.625 5.189   -0.369  1.00 85.06 ? 174 HIS A CA  1 
ATOM   981  C  C   . HIS A 1 153 ? -15.644 4.104   -0.109  1.00 85.34 ? 174 HIS A C   1 
ATOM   982  O  O   . HIS A 1 153 ? -16.303 3.522   -0.968  1.00 85.74 ? 174 HIS A O   1 
ATOM   983  C  CB  . HIS A 1 153 ? -13.369 4.543   0.199   1.00 86.68 ? 174 HIS A CB  1 
ATOM   984  C  CG  . HIS A 1 153 ? -12.152 5.394   0.125   1.00 88.64 ? 174 HIS A CG  1 
ATOM   985  N  ND1 . HIS A 1 153 ? -11.609 5.819   -1.068  1.00 89.36 ? 174 HIS A ND1 1 
ATOM   986  C  CD2 . HIS A 1 153 ? -11.347 5.872   1.098   1.00 89.68 ? 174 HIS A CD2 1 
ATOM   987  C  CE1 . HIS A 1 153 ? -10.517 6.522   -0.826  1.00 90.01 ? 174 HIS A CE1 1 
ATOM   988  N  NE2 . HIS A 1 153 ? -10.337 6.569   0.482   1.00 90.59 ? 174 HIS A NE2 1 
ATOM   989  N  N   . ILE A 1 154 ? -15.671 4.024   1.199   1.00 84.64 ? 175 ILE A N   1 
ATOM   990  C  CA  . ILE A 1 154 ? -15.857 2.891   1.975   1.00 82.97 ? 175 ILE A CA  1 
ATOM   991  C  C   . ILE A 1 154 ? -16.659 2.073   2.980   1.00 81.93 ? 175 ILE A C   1 
ATOM   992  O  O   . ILE A 1 154 ? -17.869 1.795   2.940   1.00 82.98 ? 175 ILE A O   1 
ATOM   993  C  CB  . ILE A 1 154 ? -14.443 3.025   2.444   1.00 82.55 ? 175 ILE A CB  1 
ATOM   994  C  CG1 . ILE A 1 154 ? -13.598 1.840   1.949   1.00 82.04 ? 175 ILE A CG1 1 
ATOM   995  C  CG2 . ILE A 1 154 ? -14.508 3.679   3.781   1.00 82.80 ? 175 ILE A CG2 1 
ATOM   996  C  CD1 . ILE A 1 154 ? -12.110 2.307   1.461   1.00 81.87 ? 175 ILE A CD1 1 
ATOM   997  N  N   . GLY A 1 155 ? -15.747 1.665   3.867   1.00 79.69 ? 176 GLY A N   1 
ATOM   998  C  CA  . GLY A 1 155 ? -15.903 0.857   5.036   1.00 75.78 ? 176 GLY A CA  1 
ATOM   999  C  C   . GLY A 1 155 ? -14.574 0.998   5.830   1.00 73.13 ? 176 GLY A C   1 
ATOM   1000 O  O   . GLY A 1 155 ? -14.070 0.036   6.410   1.00 73.71 ? 176 GLY A O   1 
ATOM   1001 N  N   . LEU A 1 156 ? -14.036 2.229   5.879   1.00 68.78 ? 177 LEU A N   1 
ATOM   1002 C  CA  . LEU A 1 156 ? -12.817 2.631   6.630   1.00 63.70 ? 177 LEU A CA  1 
ATOM   1003 C  C   . LEU A 1 156 ? -13.330 3.700   7.538   1.00 59.39 ? 177 LEU A C   1 
ATOM   1004 O  O   . LEU A 1 156 ? -13.363 4.860   7.157   1.00 57.91 ? 177 LEU A O   1 
ATOM   1005 C  CB  . LEU A 1 156 ? -11.704 3.286   5.753   1.00 63.84 ? 177 LEU A CB  1 
ATOM   1006 C  CG  . LEU A 1 156 ? -10.934 2.666   4.571   1.00 65.22 ? 177 LEU A CG  1 
ATOM   1007 C  CD1 . LEU A 1 156 ? -9.418  2.803   4.735   1.00 65.68 ? 177 LEU A CD1 1 
ATOM   1008 C  CD2 . LEU A 1 156 ? -11.332 1.213   4.514   1.00 66.88 ? 177 LEU A CD2 1 
ATOM   1009 N  N   . PRO A 1 157 ? -13.785 3.307   8.720   1.00 54.93 ? 178 PRO A N   1 
ATOM   1010 C  CA  . PRO A 1 157 ? -14.306 4.271   9.678   1.00 51.32 ? 178 PRO A CA  1 
ATOM   1011 C  C   . PRO A 1 157 ? -13.145 4.968   10.393  1.00 49.42 ? 178 PRO A C   1 
ATOM   1012 O  O   . PRO A 1 157 ? -12.924 4.784   11.599  1.00 46.76 ? 178 PRO A O   1 
ATOM   1013 C  CB  . PRO A 1 157 ? -15.152 3.411   10.585  1.00 52.74 ? 178 PRO A CB  1 
ATOM   1014 C  CG  . PRO A 1 157 ? -14.375 2.134   10.645  1.00 53.29 ? 178 PRO A CG  1 
ATOM   1015 C  CD  . PRO A 1 157 ? -13.744 1.938   9.266   1.00 54.62 ? 178 PRO A CD  1 
ATOM   1016 N  N   . TYR A 1 158 ? -12.394 5.753   9.618   1.00 46.85 ? 179 TYR A N   1 
ATOM   1017 C  CA  . TYR A 1 158 ? -11.263 6.511   10.141  1.00 45.10 ? 179 TYR A CA  1 
ATOM   1018 C  C   . TYR A 1 158 ? -11.219 7.954   9.676   1.00 44.38 ? 179 TYR A C   1 
ATOM   1019 O  O   . TYR A 1 158 ? -11.558 8.254   8.536   1.00 45.88 ? 179 TYR A O   1 
ATOM   1020 C  CB  . TYR A 1 158 ? -9.925  5.872   9.730   1.00 44.10 ? 179 TYR A CB  1 
ATOM   1021 C  CG  . TYR A 1 158 ? -9.719  4.478   10.232  1.00 45.52 ? 179 TYR A CG  1 
ATOM   1022 C  CD1 . TYR A 1 158 ? -10.255 3.400   9.539   1.00 46.40 ? 179 TYR A CD1 1 
ATOM   1023 C  CD2 . TYR A 1 158 ? -9.071  4.240   11.449  1.00 45.92 ? 179 TYR A CD2 1 
ATOM   1024 C  CE1 . TYR A 1 158 ? -10.183 2.107   10.044  1.00 49.32 ? 179 TYR A CE1 1 
ATOM   1025 C  CE2 . TYR A 1 158 ? -8.961  2.955   11.974  1.00 47.61 ? 179 TYR A CE2 1 
ATOM   1026 C  CZ  . TYR A 1 158 ? -9.538  1.889   11.264  1.00 50.21 ? 179 TYR A CZ  1 
ATOM   1027 O  OH  . TYR A 1 158 ? -9.541  0.634   11.807  1.00 53.86 ? 179 TYR A OH  1 
ATOM   1028 N  N   . THR A 1 159 ? -10.745 8.823   10.561  1.00 42.78 ? 180 THR A N   1 
ATOM   1029 C  CA  . THR A 1 159 ? -10.619 10.236  10.253  1.00 41.69 ? 180 THR A CA  1 
ATOM   1030 C  C   . THR A 1 159 ? -9.143  10.580  10.395  1.00 43.16 ? 180 THR A C   1 
ATOM   1031 O  O   . THR A 1 159 ? -8.487  10.257  11.393  1.00 41.89 ? 180 THR A O   1 
ATOM   1032 C  CB  . THR A 1 159 ? -11.397 11.108  11.244  1.00 42.19 ? 180 THR A CB  1 
ATOM   1033 O  OG1 . THR A 1 159 ? -12.808 10.841  11.156  1.00 42.89 ? 180 THR A OG1 1 
ATOM   1034 C  CG2 . THR A 1 159 ? -11.126 12.577  10.980  1.00 40.29 ? 180 THR A CG2 1 
ATOM   1035 N  N   . ILE A 1 160 ? -8.602  11.203  9.365   1.00 43.43 ? 181 ILE A N   1 
ATOM   1036 C  CA  . ILE A 1 160 ? -7.212  11.576  9.411   1.00 44.45 ? 181 ILE A CA  1 
ATOM   1037 C  C   . ILE A 1 160 ? -7.120  13.049  9.767   1.00 45.81 ? 181 ILE A C   1 
ATOM   1038 O  O   . ILE A 1 160 ? -7.902  13.860  9.267   1.00 45.26 ? 181 ILE A O   1 
ATOM   1039 C  CB  . ILE A 1 160 ? -6.555  11.288  8.057   1.00 45.93 ? 181 ILE A CB  1 
ATOM   1040 C  CG1 . ILE A 1 160 ? -6.124  9.830   8.059   1.00 47.90 ? 181 ILE A CG1 1 
ATOM   1041 C  CG2 . ILE A 1 160 ? -5.351  12.202  7.794   1.00 44.03 ? 181 ILE A CG2 1 
ATOM   1042 C  CD1 . ILE A 1 160 ? -6.322  9.209   6.739   1.00 51.58 ? 181 ILE A CD1 1 
ATOM   1043 N  N   . ASN A 1 161 ? -6.192  13.395  10.658  1.00 46.50 ? 182 ASN A N   1 
ATOM   1044 C  CA  . ASN A 1 161 ? -5.992  14.798  11.000  1.00 48.24 ? 182 ASN A CA  1 
ATOM   1045 C  C   . ASN A 1 161 ? -4.547  15.085  10.597  1.00 48.63 ? 182 ASN A C   1 
ATOM   1046 O  O   . ASN A 1 161 ? -3.589  14.443  11.060  1.00 46.65 ? 182 ASN A O   1 
ATOM   1047 C  CB  . ASN A 1 161 ? -6.208  15.075  12.500  1.00 48.77 ? 182 ASN A CB  1 
ATOM   1048 C  CG  . ASN A 1 161 ? -5.997  16.560  12.878  1.00 51.06 ? 182 ASN A CG  1 
ATOM   1049 O  OD1 . ASN A 1 161 ? -4.991  17.168  12.525  1.00 53.84 ? 182 ASN A OD1 1 
ATOM   1050 N  ND2 . ASN A 1 161 ? -6.944  17.127  13.627  1.00 52.17 ? 182 ASN A ND2 1 
ATOM   1051 N  N   . PHE A 1 162 ? -4.411  16.024  9.671   1.00 49.52 ? 183 PHE A N   1 
ATOM   1052 C  CA  . PHE A 1 162 ? -3.110  16.424  9.173   1.00 50.95 ? 183 PHE A CA  1 
ATOM   1053 C  C   . PHE A 1 162 ? -2.362  17.397  10.088  1.00 54.38 ? 183 PHE A C   1 
ATOM   1054 O  O   . PHE A 1 162 ? -1.131  17.484  10.012  1.00 56.37 ? 183 PHE A O   1 
ATOM   1055 C  CB  . PHE A 1 162 ? -3.250  17.023  7.778   1.00 47.84 ? 183 PHE A CB  1 
ATOM   1056 C  CG  . PHE A 1 162 ? -3.793  16.052  6.761   1.00 46.53 ? 183 PHE A CG  1 
ATOM   1057 C  CD1 . PHE A 1 162 ? -3.025  14.992  6.311   1.00 44.28 ? 183 PHE A CD1 1 
ATOM   1058 C  CD2 . PHE A 1 162 ? -5.086  16.212  6.239   1.00 45.22 ? 183 PHE A CD2 1 
ATOM   1059 C  CE1 . PHE A 1 162 ? -3.539  14.089  5.349   1.00 44.13 ? 183 PHE A CE1 1 
ATOM   1060 C  CE2 . PHE A 1 162 ? -5.596  15.331  5.279   1.00 43.64 ? 183 PHE A CE2 1 
ATOM   1061 C  CZ  . PHE A 1 162 ? -4.803  14.259  4.833   1.00 43.54 ? 183 PHE A CZ  1 
ATOM   1062 N  N   . SER A 1 163 ? -3.071  18.116  10.959  1.00 56.14 ? 184 SER A N   1 
ATOM   1063 C  CA  . SER A 1 163 ? -2.348  19.036  11.833  1.00 57.98 ? 184 SER A CA  1 
ATOM   1064 C  C   . SER A 1 163 ? -1.579  18.289  12.911  1.00 57.27 ? 184 SER A C   1 
ATOM   1065 O  O   . SER A 1 163 ? -0.581  18.796  13.393  1.00 56.80 ? 184 SER A O   1 
ATOM   1066 C  CB  . SER A 1 163 ? -3.267  20.145  12.429  1.00 59.23 ? 184 SER A CB  1 
ATOM   1067 O  OG  . SER A 1 163 ? -4.505  19.679  12.978  1.00 61.49 ? 184 SER A OG  1 
ATOM   1068 N  N   . ASN A 1 164 ? -2.014  17.086  13.271  1.00 56.55 ? 185 ASN A N   1 
ATOM   1069 C  CA  . ASN A 1 164 ? -1.255  16.308  14.245  1.00 55.78 ? 185 ASN A CA  1 
ATOM   1070 C  C   . ASN A 1 164 ? -0.801  14.969  13.675  1.00 54.84 ? 185 ASN A C   1 
ATOM   1071 O  O   . ASN A 1 164 ? -0.186  14.164  14.372  1.00 55.47 ? 185 ASN A O   1 
ATOM   1072 C  CB  . ASN A 1 164 ? -2.057  16.087  15.528  1.00 58.33 ? 185 ASN A CB  1 
ATOM   1073 C  CG  . ASN A 1 164 ? -3.425  15.530  15.276  1.00 61.84 ? 185 ASN A CG  1 
ATOM   1074 O  OD1 . ASN A 1 164 ? -4.390  15.962  15.906  1.00 64.13 ? 185 ASN A OD1 1 
ATOM   1075 N  ND2 . ASN A 1 164 ? -3.530  14.573  14.354  1.00 60.59 ? 185 ASN A ND2 1 
ATOM   1076 N  N   . LEU A 1 165 ? -1.106  14.743  12.400  1.00 53.08 ? 186 LEU A N   1 
ATOM   1077 C  CA  . LEU A 1 165 ? -0.720  13.513  11.710  1.00 50.92 ? 186 LEU A CA  1 
ATOM   1078 C  C   . LEU A 1 165 ? -1.169  12.232  12.429  1.00 49.21 ? 186 LEU A C   1 
ATOM   1079 O  O   . LEU A 1 165 ? -0.335  11.436  12.867  1.00 48.10 ? 186 LEU A O   1 
ATOM   1080 C  CB  . LEU A 1 165 ? 0.800   13.480  11.505  1.00 52.44 ? 186 LEU A CB  1 
ATOM   1081 C  CG  . LEU A 1 165 ? 1.370   14.525  10.546  1.00 54.35 ? 186 LEU A CG  1 
ATOM   1082 C  CD1 . LEU A 1 165 ? 2.875   14.515  10.666  1.00 54.65 ? 186 LEU A CD1 1 
ATOM   1083 C  CD2 . LEU A 1 165 ? 0.934   14.240  9.115   1.00 54.21 ? 186 LEU A CD2 1 
ATOM   1084 N  N   . THR A 1 166 ? -2.482  12.056  12.547  1.00 45.89 ? 187 THR A N   1 
ATOM   1085 C  CA  . THR A 1 166 ? -3.035  10.878  13.149  1.00 44.07 ? 187 THR A CA  1 
ATOM   1086 C  C   . THR A 1 166 ? -4.230  10.403  12.368  1.00 44.21 ? 187 THR A C   1 
ATOM   1087 O  O   . THR A 1 166 ? -4.815  11.105  11.536  1.00 43.29 ? 187 THR A O   1 
ATOM   1088 C  CB  . THR A 1 166 ? -3.528  11.072  14.594  1.00 45.98 ? 187 THR A CB  1 
ATOM   1089 O  OG1 . THR A 1 166 ? -4.481  12.138  14.647  1.00 43.55 ? 187 THR A OG1 1 
ATOM   1090 C  CG2 . THR A 1 166 ? -2.379  11.313  15.550  1.00 44.52 ? 187 THR A CG2 1 
ATOM   1091 N  N   . GLN A 1 167 ? -4.559  9.165   12.683  1.00 44.32 ? 188 GLN A N   1 
ATOM   1092 C  CA  . GLN A 1 167 ? -5.660  8.415   12.115  1.00 45.26 ? 188 GLN A CA  1 
ATOM   1093 C  C   . GLN A 1 167 ? -6.501  8.099   13.352  1.00 45.82 ? 188 GLN A C   1 
ATOM   1094 O  O   . GLN A 1 167 ? -5.981  7.549   14.301  1.00 45.25 ? 188 GLN A O   1 
ATOM   1095 C  CB  . GLN A 1 167 ? -5.119  7.111   11.505  1.00 44.90 ? 188 GLN A CB  1 
ATOM   1096 C  CG  . GLN A 1 167 ? -6.206  6.207   10.906  1.00 50.29 ? 188 GLN A CG  1 
ATOM   1097 C  CD  . GLN A 1 167 ? -5.651  4.824   10.668  1.00 51.41 ? 188 GLN A CD  1 
ATOM   1098 O  OE1 . GLN A 1 167 ? -5.544  4.043   11.604  1.00 51.19 ? 188 GLN A OE1 1 
ATOM   1099 N  NE2 . GLN A 1 167 ? -5.291  4.512   9.425   1.00 49.79 ? 188 GLN A NE2 1 
ATOM   1100 N  N   . LEU A 1 168 ? -7.775  8.457   13.336  1.00 44.40 ? 189 LEU A N   1 
ATOM   1101 C  CA  . LEU A 1 168 ? -8.641  8.220   14.468  1.00 45.11 ? 189 LEU A CA  1 
ATOM   1102 C  C   . LEU A 1 168 ? -9.678  7.183   14.105  1.00 44.72 ? 189 LEU A C   1 
ATOM   1103 O  O   . LEU A 1 168 ? -10.392 7.381   13.137  1.00 43.38 ? 189 LEU A O   1 
ATOM   1104 C  CB  . LEU A 1 168 ? -9.338  9.531   14.890  1.00 45.65 ? 189 LEU A CB  1 
ATOM   1105 C  CG  . LEU A 1 168 ? -10.440 9.366   15.961  1.00 47.67 ? 189 LEU A CG  1 
ATOM   1106 C  CD1 . LEU A 1 168 ? -9.817  9.614   17.324  1.00 48.02 ? 189 LEU A CD1 1 
ATOM   1107 C  CD2 . LEU A 1 168 ? -11.554 10.362  15.711  1.00 48.72 ? 189 LEU A CD2 1 
ATOM   1108 N  N   . ARG A 1 169 ? -9.756  6.091   14.872  1.00 44.61 ? 190 ARG A N   1 
ATOM   1109 C  CA  . ARG A 1 169 ? -10.783 5.069   14.630  1.00 45.30 ? 190 ARG A CA  1 
ATOM   1110 C  C   . ARG A 1 169 ? -12.059 5.694   15.157  1.00 44.53 ? 190 ARG A C   1 
ATOM   1111 O  O   . ARG A 1 169 ? -12.108 6.148   16.296  1.00 41.34 ? 190 ARG A O   1 
ATOM   1112 C  CB  . ARG A 1 169 ? -10.446 3.762   15.359  1.00 47.71 ? 190 ARG A CB  1 
ATOM   1113 C  CG  . ARG A 1 169 ? -11.596 2.695   15.533  1.00 51.91 ? 190 ARG A CG  1 
ATOM   1114 C  CD  . ARG A 1 169 ? -11.801 1.765   14.323  1.00 56.59 ? 190 ARG A CD  1 
ATOM   1115 N  NE  . ARG A 1 169 ? -12.659 0.606   14.595  1.00 61.59 ? 190 ARG A NE  1 
ATOM   1116 C  CZ  . ARG A 1 169 ? -12.350 -0.357  15.472  1.00 66.05 ? 190 ARG A CZ  1 
ATOM   1117 N  NH1 . ARG A 1 169 ? -11.203 -0.303  16.181  1.00 66.75 ? 190 ARG A NH1 1 
ATOM   1118 N  NH2 . ARG A 1 169 ? -13.166 -1.401  15.618  1.00 67.83 ? 190 ARG A NH2 1 
ATOM   1119 N  N   . GLN A 1 170 ? -13.074 5.752   14.298  1.00 44.86 ? 191 GLN A N   1 
ATOM   1120 C  CA  . GLN A 1 170 ? -14.357 6.341   14.679  1.00 46.35 ? 191 GLN A CA  1 
ATOM   1121 C  C   . GLN A 1 170 ? -15.115 5.407   15.643  1.00 45.99 ? 191 GLN A C   1 
ATOM   1122 O  O   . GLN A 1 170 ? -15.070 4.158   15.519  1.00 45.68 ? 191 GLN A O   1 
ATOM   1123 C  CB  . GLN A 1 170 ? -15.206 6.657   13.437  1.00 46.49 ? 191 GLN A CB  1 
ATOM   1124 C  CG  . GLN A 1 170 ? -14.502 7.738   12.515  1.00 48.46 ? 191 GLN A CG  1 
ATOM   1125 C  CD  . GLN A 1 170 ? -15.084 7.802   11.070  1.00 50.00 ? 191 GLN A CD  1 
ATOM   1126 O  OE1 . GLN A 1 170 ? -15.938 6.999   10.712  1.00 49.25 ? 191 GLN A OE1 1 
ATOM   1127 N  NE2 . GLN A 1 170 ? -14.599 8.740   10.244  1.00 48.15 ? 191 GLN A NE2 1 
ATOM   1128 N  N   . PRO A 1 171 ? -15.858 5.985   16.633  1.00 47.02 ? 192 PRO A N   1 
ATOM   1129 C  CA  . PRO A 1 171 ? -15.960 7.448   16.814  1.00 48.32 ? 192 PRO A CA  1 
ATOM   1130 C  C   . PRO A 1 171 ? -14.872 8.302   17.466  1.00 49.24 ? 192 PRO A C   1 
ATOM   1131 O  O   . PRO A 1 171 ? -14.709 9.449   17.073  1.00 50.17 ? 192 PRO A O   1 
ATOM   1132 C  CB  . PRO A 1 171 ? -17.351 7.644   17.511  1.00 47.88 ? 192 PRO A CB  1 
ATOM   1133 C  CG  . PRO A 1 171 ? -17.617 6.270   18.142  1.00 47.83 ? 192 PRO A CG  1 
ATOM   1134 C  CD  . PRO A 1 171 ? -16.619 5.256   17.681  1.00 48.66 ? 192 PRO A CD  1 
ATOM   1135 N  N   . SER A 1 172 ? -14.180 7.789   18.466  1.00 48.60 ? 193 SER A N   1 
ATOM   1136 C  CA  . SER A 1 172 ? -13.245 8.631   19.127  1.00 49.43 ? 193 SER A CA  1 
ATOM   1137 C  C   . SER A 1 172 ? -11.853 8.094   19.426  1.00 49.82 ? 193 SER A C   1 
ATOM   1138 O  O   . SER A 1 172 ? -11.251 8.431   20.481  1.00 48.63 ? 193 SER A O   1 
ATOM   1139 C  CB  . SER A 1 172 ? -13.940 9.109   20.383  1.00 50.10 ? 193 SER A CB  1 
ATOM   1140 O  OG  . SER A 1 172 ? -14.643 8.046   20.975  1.00 48.69 ? 193 SER A OG  1 
ATOM   1141 N  N   . GLY A 1 173 ? -11.352 7.286   18.489  1.00 49.67 ? 194 GLY A N   1 
ATOM   1142 C  CA  . GLY A 1 173 ? -10.034 6.695   18.647  1.00 49.12 ? 194 GLY A CA  1 
ATOM   1143 C  C   . GLY A 1 173 ? -10.126 5.174   18.851  1.00 48.11 ? 194 GLY A C   1 
ATOM   1144 O  O   . GLY A 1 173 ? -11.290 4.600   18.739  1.00 49.20 ? 194 GLY A O   1 
ATOM   1145 N  N   . PRO A 1 174 ? -9.005  4.430   18.977  1.00 46.78 ? 195 PRO A N   1 
ATOM   1146 C  CA  . PRO A 1 174 ? -7.625  4.924   18.959  1.00 46.86 ? 195 PRO A CA  1 
ATOM   1147 C  C   . PRO A 1 174 ? -7.108  5.945   17.935  1.00 45.81 ? 195 PRO A C   1 
ATOM   1148 O  O   . PRO A 1 174 ? -7.493  5.950   16.759  1.00 44.29 ? 195 PRO A O   1 
ATOM   1149 C  CB  . PRO A 1 174 ? -6.803  3.633   18.795  1.00 48.30 ? 195 PRO A CB  1 
ATOM   1150 C  CG  . PRO A 1 174 ? -7.579  2.657   19.420  1.00 44.87 ? 195 PRO A CG  1 
ATOM   1151 C  CD  . PRO A 1 174 ? -8.993  2.956   18.966  1.00 46.04 ? 195 PRO A CD  1 
HETATM 1152 N  N   . MSE A 1 175 ? -6.133  6.736   18.370  1.00 46.24 ? 196 MSE A N   1 
HETATM 1153 C  CA  . MSE A 1 175 ? -5.531  7.635   17.404  1.00 49.07 ? 196 MSE A CA  1 
HETATM 1154 C  C   . MSE A 1 175 ? -4.168  7.034   17.193  1.00 49.86 ? 196 MSE A C   1 
HETATM 1155 O  O   . MSE A 1 175 ? -3.424  6.793   18.141  1.00 50.67 ? 196 MSE A O   1 
HETATM 1156 C  CB  . MSE A 1 175 ? -5.400  9.049   17.944  1.00 50.50 ? 196 MSE A CB  1 
HETATM 1157 C  CG  . MSE A 1 175 ? -6.698  9.651   18.355  1.00 53.98 ? 196 MSE A CG  1 
HETATM 1158 SE SE  . MSE A 1 175 ? -6.529  11.415  19.022  1.00 58.93 ? 196 MSE A SE  1 
HETATM 1159 C  CE  . MSE A 1 175 ? -4.975  11.980  18.023  1.00 54.73 ? 196 MSE A CE  1 
ATOM   1160 N  N   . ARG A 1 176 ? -3.848  6.774   15.940  1.00 49.03 ? 197 ARG A N   1 
ATOM   1161 C  CA  . ARG A 1 176 ? -2.565  6.213   15.637  1.00 48.62 ? 197 ARG A CA  1 
ATOM   1162 C  C   . ARG A 1 176 ? -1.811  7.180   14.756  1.00 48.74 ? 197 ARG A C   1 
ATOM   1163 O  O   . ARG A 1 176 ? -2.400  7.933   13.989  1.00 49.84 ? 197 ARG A O   1 
ATOM   1164 C  CB  . ARG A 1 176 ? -2.713  4.859   14.949  1.00 49.39 ? 197 ARG A CB  1 
ATOM   1165 C  CG  . ARG A 1 176 ? -3.149  3.742   15.911  1.00 51.56 ? 197 ARG A CG  1 
ATOM   1166 C  CD  . ARG A 1 176 ? -3.688  2.536   15.136  1.00 54.48 ? 197 ARG A CD  1 
ATOM   1167 N  NE  . ARG A 1 176 ? -4.166  1.457   16.011  1.00 56.48 ? 197 ARG A NE  1 
ATOM   1168 C  CZ  . ARG A 1 176 ? -3.375  0.717   16.794  1.00 60.51 ? 197 ARG A CZ  1 
ATOM   1169 N  NH1 . ARG A 1 176 ? -2.068  0.932   16.815  1.00 62.02 ? 197 ARG A NH1 1 
ATOM   1170 N  NH2 . ARG A 1 176 ? -3.888  -0.243  17.565  1.00 60.81 ? 197 ARG A NH2 1 
ATOM   1171 N  N   . SER A 1 177 ? -0.493  7.198   14.876  1.00 46.68 ? 198 SER A N   1 
ATOM   1172 C  CA  . SER A 1 177 ? 0.325   8.102   14.073  1.00 46.55 ? 198 SER A CA  1 
ATOM   1173 C  C   . SER A 1 177 ? 0.354   7.705   12.607  1.00 43.85 ? 198 SER A C   1 
ATOM   1174 O  O   . SER A 1 177 ? 0.346   6.533   12.267  1.00 43.84 ? 198 SER A O   1 
ATOM   1175 C  CB  . SER A 1 177 ? 1.779   8.113   14.583  1.00 48.55 ? 198 SER A CB  1 
ATOM   1176 O  OG  . SER A 1 177 ? 1.976   8.986   15.667  1.00 50.99 ? 198 SER A OG  1 
ATOM   1177 N  N   . ILE A 1 178 ? 0.406   8.693   11.734  1.00 42.59 ? 199 ILE A N   1 
ATOM   1178 C  CA  . ILE A 1 178 ? 0.525   8.361   10.328  1.00 41.83 ? 199 ILE A CA  1 
ATOM   1179 C  C   . ILE A 1 178 ? 1.754   9.104   9.908   1.00 42.56 ? 199 ILE A C   1 
ATOM   1180 O  O   . ILE A 1 178 ? 2.211   9.986   10.627  1.00 42.13 ? 199 ILE A O   1 
ATOM   1181 C  CB  . ILE A 1 178 ? -0.658  8.827   9.449   1.00 40.40 ? 199 ILE A CB  1 
ATOM   1182 C  CG1 . ILE A 1 178 ? -0.746  10.330  9.424   1.00 39.76 ? 199 ILE A CG1 1 
ATOM   1183 C  CG2 . ILE A 1 178 ? -1.937  8.214   9.924   1.00 38.67 ? 199 ILE A CG2 1 
ATOM   1184 C  CD1 . ILE A 1 178 ? -1.769  10.862  8.469   1.00 41.78 ? 199 ILE A CD1 1 
ATOM   1185 N  N   . ARG A 1 179 ? 2.304   8.750   8.762   1.00 43.00 ? 200 ARG A N   1 
ATOM   1186 C  CA  . ARG A 1 179 ? 3.475   9.447   8.290   1.00 45.17 ? 200 ARG A CA  1 
ATOM   1187 C  C   . ARG A 1 179 ? 3.622   9.293   6.792   1.00 44.89 ? 200 ARG A C   1 
ATOM   1188 O  O   . ARG A 1 179 ? 3.073   8.378   6.177   1.00 42.99 ? 200 ARG A O   1 
ATOM   1189 C  CB  . ARG A 1 179 ? 4.760   8.973   8.988   1.00 47.11 ? 200 ARG A CB  1 
ATOM   1190 C  CG  . ARG A 1 179 ? 5.304   7.682   8.446   1.00 49.20 ? 200 ARG A CG  1 
ATOM   1191 C  CD  . ARG A 1 179 ? 6.589   7.228   9.081   1.00 53.36 ? 200 ARG A CD  1 
ATOM   1192 N  NE  . ARG A 1 179 ? 6.917   5.928   8.512   1.00 55.84 ? 200 ARG A NE  1 
ATOM   1193 C  CZ  . ARG A 1 179 ? 8.006   5.227   8.818   1.00 57.89 ? 200 ARG A CZ  1 
ATOM   1194 N  NH1 . ARG A 1 179 ? 8.900   5.686   9.691   1.00 57.37 ? 200 ARG A NH1 1 
ATOM   1195 N  NH2 . ARG A 1 179 ? 8.198   4.050   8.254   1.00 56.26 ? 200 ARG A NH2 1 
ATOM   1196 N  N   . ARG A 1 180 ? 4.364   10.231  6.217   1.00 45.26 ? 201 ARG A N   1 
ATOM   1197 C  CA  . ARG A 1 180 ? 4.659   10.290  4.793   1.00 46.45 ? 201 ARG A CA  1 
ATOM   1198 C  C   . ARG A 1 180 ? 6.160   10.174  4.657   1.00 48.03 ? 201 ARG A C   1 
ATOM   1199 O  O   . ARG A 1 180 ? 6.902   11.025  5.132   1.00 49.20 ? 201 ARG A O   1 
ATOM   1200 C  CB  . ARG A 1 180 ? 4.215   11.620  4.221   1.00 44.27 ? 201 ARG A CB  1 
ATOM   1201 C  CG  . ARG A 1 180 ? 4.486   11.822  2.738   1.00 42.54 ? 201 ARG A CG  1 
ATOM   1202 C  CD  . ARG A 1 180 ? 4.201   13.255  2.395   1.00 41.29 ? 201 ARG A CD  1 
ATOM   1203 N  NE  . ARG A 1 180 ? 4.038   13.507  0.970   1.00 39.96 ? 201 ARG A NE  1 
ATOM   1204 C  CZ  . ARG A 1 180 ? 5.040   13.676  0.105   1.00 40.98 ? 201 ARG A CZ  1 
ATOM   1205 N  NH1 . ARG A 1 180 ? 6.304   13.616  0.513   1.00 41.13 ? 201 ARG A NH1 1 
ATOM   1206 N  NH2 . ARG A 1 180 ? 4.784   13.928  -1.175  1.00 39.36 ? 201 ARG A NH2 1 
ATOM   1207 N  N   . THR A 1 181 ? 6.597   9.104   4.007   1.00 49.32 ? 202 THR A N   1 
ATOM   1208 C  CA  . THR A 1 181 ? 8.024   8.863   3.835   1.00 51.39 ? 202 THR A CA  1 
ATOM   1209 C  C   . THR A 1 181 ? 8.400   8.557   2.384   1.00 51.02 ? 202 THR A C   1 
ATOM   1210 O  O   . THR A 1 181 ? 7.545   8.170   1.570   1.00 50.33 ? 202 THR A O   1 
ATOM   1211 C  CB  . THR A 1 181 ? 8.487   7.674   4.699   1.00 52.51 ? 202 THR A CB  1 
ATOM   1212 O  OG1 . THR A 1 181 ? 8.302   6.438   3.994   1.00 56.32 ? 202 THR A OG1 1 
ATOM   1213 C  CG2 . THR A 1 181 ? 7.679   7.642   5.998   1.00 53.50 ? 202 THR A CG2 1 
ATOM   1214 N  N   . GLN A 1 182 ? 9.685   8.746   2.085   1.00 49.93 ? 203 GLN A N   1 
ATOM   1215 C  CA  . GLN A 1 182 ? 10.257  8.477   0.778   1.00 50.87 ? 203 GLN A CA  1 
ATOM   1216 C  C   . GLN A 1 182 ? 10.322  6.969   0.619   1.00 49.91 ? 203 GLN A C   1 
ATOM   1217 O  O   . GLN A 1 182 ? 10.533  6.231   1.578   1.00 51.11 ? 203 GLN A O   1 
ATOM   1218 C  CB  . GLN A 1 182 ? 11.674  9.018   0.708   1.00 52.99 ? 203 GLN A CB  1 
ATOM   1219 C  CG  . GLN A 1 182 ? 11.781  10.491  0.471   1.00 57.33 ? 203 GLN A CG  1 
ATOM   1220 C  CD  . GLN A 1 182 ? 13.221  10.976  0.611   1.00 60.76 ? 203 GLN A CD  1 
ATOM   1221 O  OE1 . GLN A 1 182 ? 14.100  10.589  -0.161  1.00 62.23 ? 203 GLN A OE1 1 
ATOM   1222 N  NE2 . GLN A 1 182 ? 13.474  11.795  1.635   1.00 61.37 ? 203 GLN A NE2 1 
ATOM   1223 N  N   . GLN A 1 183 ? 10.172  6.521   -0.612  1.00 47.94 ? 204 GLN A N   1 
ATOM   1224 C  CA  . GLN A 1 183 ? 10.202  5.110   -0.921  1.00 47.77 ? 204 GLN A CA  1 
ATOM   1225 C  C   . GLN A 1 183 ? 10.741  4.969   -2.327  1.00 47.46 ? 204 GLN A C   1 
ATOM   1226 O  O   . GLN A 1 183 ? 10.689  5.920   -3.100  1.00 44.02 ? 204 GLN A O   1 
ATOM   1227 C  CB  . GLN A 1 183 ? 8.772   4.549   -0.735  1.00 48.79 ? 204 GLN A CB  1 
ATOM   1228 C  CG  . GLN A 1 183 ? 8.190   3.657   -1.796  1.00 48.51 ? 204 GLN A CG  1 
ATOM   1229 C  CD  . GLN A 1 183 ? 6.714   3.321   -1.502  1.00 51.67 ? 204 GLN A CD  1 
ATOM   1230 O  OE1 . GLN A 1 183 ? 6.383   2.536   -0.602  1.00 52.64 ? 204 GLN A OE1 1 
ATOM   1231 N  NE2 . GLN A 1 183 ? 5.823   3.971   -2.231  1.00 52.30 ? 204 GLN A NE2 1 
ATOM   1232 N  N   . ALA A 1 184 ? 11.263  3.786   -2.637  1.00 47.81 ? 205 ALA A N   1 
ATOM   1233 C  CA  . ALA A 1 184 ? 11.808  3.534   -3.952  1.00 48.96 ? 205 ALA A CA  1 
ATOM   1234 C  C   . ALA A 1 184 ? 10.687  3.571   -4.944  1.00 50.16 ? 205 ALA A C   1 
ATOM   1235 O  O   . ALA A 1 184 ? 9.538   3.428   -4.588  1.00 48.68 ? 205 ALA A O   1 
ATOM   1236 C  CB  . ALA A 1 184 ? 12.518  2.191   -3.986  1.00 49.99 ? 205 ALA A CB  1 
ATOM   1237 N  N   . PRO A 1 185 ? 11.017  3.723   -6.226  1.00 52.30 ? 206 PRO A N   1 
ATOM   1238 C  CA  . PRO A 1 185 ? 10.020  3.780   -7.296  1.00 52.59 ? 206 PRO A CA  1 
ATOM   1239 C  C   . PRO A 1 185 ? 9.462   2.389   -7.591  1.00 51.04 ? 206 PRO A C   1 
ATOM   1240 O  O   . PRO A 1 185 ? 10.151  1.383   -7.469  1.00 52.12 ? 206 PRO A O   1 
ATOM   1241 C  CB  . PRO A 1 185 ? 10.822  4.317   -8.477  1.00 53.86 ? 206 PRO A CB  1 
ATOM   1242 C  CG  . PRO A 1 185 ? 12.139  3.648   -8.262  1.00 53.42 ? 206 PRO A CG  1 
ATOM   1243 C  CD  . PRO A 1 185 ? 12.371  3.574   -6.786  1.00 53.57 ? 206 PRO A CD  1 
ATOM   1244 N  N   . TYR A 1 186 ? 8.192   2.356   -7.962  1.00 50.23 ? 207 TYR A N   1 
ATOM   1245 C  CA  . TYR A 1 186 ? 7.559   1.100   -8.307  1.00 48.99 ? 207 TYR A CA  1 
ATOM   1246 C  C   . TYR A 1 186 ? 7.961   0.915   -9.756  1.00 50.01 ? 207 TYR A C   1 
ATOM   1247 O  O   . TYR A 1 186 ? 8.368   1.874   -10.410 1.00 49.87 ? 207 TYR A O   1 
ATOM   1248 C  CB  . TYR A 1 186 ? 6.031   1.144   -8.136  1.00 46.08 ? 207 TYR A CB  1 
ATOM   1249 C  CG  . TYR A 1 186 ? 5.555   0.799   -6.743  1.00 44.23 ? 207 TYR A CG  1 
ATOM   1250 C  CD1 . TYR A 1 186 ? 5.600   1.748   -5.713  1.00 43.09 ? 207 TYR A CD1 1 
ATOM   1251 C  CD2 . TYR A 1 186 ? 5.104   -0.491  -6.437  1.00 41.33 ? 207 TYR A CD2 1 
ATOM   1252 C  CE1 . TYR A 1 186 ? 5.190   1.412   -4.410  1.00 40.41 ? 207 TYR A CE1 1 
ATOM   1253 C  CE2 . TYR A 1 186 ? 4.728   -0.844  -5.140  1.00 39.85 ? 207 TYR A CE2 1 
ATOM   1254 C  CZ  . TYR A 1 186 ? 4.764   0.102   -4.135  1.00 40.26 ? 207 TYR A CZ  1 
ATOM   1255 O  OH  . TYR A 1 186 ? 4.393   -0.256  -2.859  1.00 38.73 ? 207 TYR A OH  1 
ATOM   1256 N  N   . PRO A 1 187 ? 7.880   -0.326  -10.280 1.00 50.65 ? 208 PRO A N   1 
ATOM   1257 C  CA  . PRO A 1 187 ? 8.278   -0.530  -11.677 1.00 52.49 ? 208 PRO A CA  1 
ATOM   1258 C  C   . PRO A 1 187 ? 7.470   0.254   -12.689 1.00 54.73 ? 208 PRO A C   1 
ATOM   1259 O  O   . PRO A 1 187 ? 6.240   0.281   -12.649 1.00 52.81 ? 208 PRO A O   1 
ATOM   1260 C  CB  . PRO A 1 187 ? 8.139   -2.040  -11.914 1.00 51.51 ? 208 PRO A CB  1 
ATOM   1261 C  CG  . PRO A 1 187 ? 7.795   -2.634  -10.638 1.00 50.64 ? 208 PRO A CG  1 
ATOM   1262 C  CD  . PRO A 1 187 ? 7.403   -1.574  -9.659  1.00 48.91 ? 208 PRO A CD  1 
ATOM   1263 N  N   . LEU A 1 188 ? 8.212   0.867   -13.604 1.00 57.65 ? 209 LEU A N   1 
ATOM   1264 C  CA  . LEU A 1 188 ? 7.704   1.688   -14.692 1.00 60.71 ? 209 LEU A CA  1 
ATOM   1265 C  C   . LEU A 1 188 ? 7.267   0.780   -15.847 1.00 63.00 ? 209 LEU A C   1 
ATOM   1266 O  O   . LEU A 1 188 ? 7.913   -0.231  -16.134 1.00 63.21 ? 209 LEU A O   1 
ATOM   1267 C  CB  . LEU A 1 188 ? 8.820   2.618   -15.108 1.00 60.85 ? 209 LEU A CB  1 
ATOM   1268 C  CG  . LEU A 1 188 ? 8.612   3.980   -15.701 1.00 63.27 ? 209 LEU A CG  1 
ATOM   1269 C  CD1 . LEU A 1 188 ? 7.689   4.835   -14.865 1.00 62.10 ? 209 LEU A CD1 1 
ATOM   1270 C  CD2 . LEU A 1 188 ? 9.994   4.554   -15.773 1.00 62.89 ? 209 LEU A CD2 1 
ATOM   1271 N  N   . VAL A 1 189 ? 6.181   1.167   -16.512 1.00 65.82 ? 210 VAL A N   1 
ATOM   1272 C  CA  . VAL A 1 189 ? 5.598   0.369   -17.591 1.00 68.92 ? 210 VAL A CA  1 
ATOM   1273 C  C   . VAL A 1 189 ? 5.048   1.170   -18.808 1.00 71.73 ? 210 VAL A C   1 
ATOM   1274 O  O   . VAL A 1 189 ? 4.572   2.296   -18.641 1.00 72.72 ? 210 VAL A O   1 
ATOM   1275 C  CB  . VAL A 1 189 ? 4.461   -0.514  -16.992 1.00 69.11 ? 210 VAL A CB  1 
ATOM   1276 C  CG1 . VAL A 1 189 ? 3.683   -1.187  -18.097 1.00 68.60 ? 210 VAL A CG1 1 
ATOM   1277 C  CG2 . VAL A 1 189 ? 5.064   -1.543  -16.034 1.00 69.19 ? 210 VAL A CG2 1 
ATOM   1278 N  N   . LYS A 1 190 ? 5.092   0.530   -19.997 1.00 74.69 ? 211 LYS A N   1 
ATOM   1279 C  CA  . LYS A 1 190 ? 4.650   1.051   -21.332 1.00 76.86 ? 211 LYS A CA  1 
ATOM   1280 C  C   . LYS A 1 190 ? 3.161   1.348   -21.327 1.00 77.61 ? 211 LYS A C   1 
ATOM   1281 O  O   . LYS A 1 190 ? 2.684   2.505   -21.411 1.00 77.86 ? 211 LYS A O   1 
ATOM   1282 C  CB  . LYS A 1 190 ? 4.789   -0.004  -22.482 1.00 78.20 ? 211 LYS A CB  1 
ATOM   1283 C  CG  . LYS A 1 190 ? 6.120   -0.708  -22.814 1.00 80.30 ? 211 LYS A CG  1 
ATOM   1284 C  CD  . LYS A 1 190 ? 5.955   -2.258  -22.799 1.00 81.66 ? 211 LYS A CD  1 
ATOM   1285 C  CE  . LYS A 1 190 ? 5.957   -2.807  -21.371 1.00 82.77 ? 211 LYS A CE  1 
ATOM   1286 N  NZ  . LYS A 1 190 ? 4.724   -3.525  -20.923 1.00 83.17 ? 211 LYS A NZ  1 
HETATM 1287 O  O   . HOH B 2 .   ? 3.135   4.599   -2.257  1.00 36.16 ? 262 HOH A O   1 
HETATM 1288 O  O   . HOH B 2 .   ? 7.324   4.923   -4.653  1.00 53.12 ? 263 HOH A O   1 
HETATM 1289 O  O   . HOH B 2 .   ? -7.212  1.644   15.515  1.00 46.23 ? 264 HOH A O   1 
HETATM 1290 O  O   . HOH B 2 .   ? -6.009  8.178   -7.147  1.00 47.10 ? 265 HOH A O   1 
HETATM 1291 O  O   . HOH B 2 .   ? -8.377  13.545  -1.453  1.00 46.31 ? 266 HOH A O   1 
HETATM 1292 O  O   . HOH B 2 .   ? -2.987  -0.984  -2.859  1.00 47.40 ? 267 HOH A O   1 
HETATM 1293 O  O   . HOH B 2 .   ? 5.158   12.672  7.711   1.00 51.83 ? 268 HOH A O   1 
HETATM 1294 O  O   . HOH B 2 .   ? 11.282  -19.011 0.538   1.00 63.45 ? 269 HOH A O   1 
HETATM 1295 O  O   . HOH B 2 .   ? 10.669  -2.184  -1.456  1.00 48.98 ? 270 HOH A O   1 
HETATM 1296 O  O   . HOH B 2 .   ? -1.159  -16.026 1.950   1.00 61.73 ? 271 HOH A O   1 
HETATM 1297 O  O   . HOH B 2 .   ? 13.707  -4.195  -13.261 1.00 68.60 ? 272 HOH A O   1 
HETATM 1298 O  O   . HOH B 2 .   ? -6.655  0.311   -5.194  1.00 75.18 ? 273 HOH A O   1 
HETATM 1299 O  O   . HOH B 2 .   ? 10.716  -16.165 -7.366  1.00 45.69 ? 274 HOH A O   1 
HETATM 1300 O  O   . HOH B 2 .   ? 7.521   12.530  2.906   1.00 61.23 ? 275 HOH A O   1 
HETATM 1301 O  O   . HOH B 2 .   ? -13.613 14.650  4.646   1.00 52.48 ? 276 HOH A O   1 
HETATM 1302 O  O   . HOH B 2 .   ? -4.456  -0.862  -13.306 1.00 58.74 ? 277 HOH A O   1 
HETATM 1303 O  O   . HOH B 2 .   ? 0.419   11.598  -5.293  1.00 52.51 ? 278 HOH A O   1 
HETATM 1304 O  O   . HOH B 2 .   ? -8.940  -1.809  -0.534  1.00 66.28 ? 279 HOH A O   1 
HETATM 1305 O  O   . HOH B 2 .   ? -6.519  4.603   14.466  1.00 47.02 ? 280 HOH A O   1 
HETATM 1306 O  O   . HOH B 2 .   ? 4.378   15.979  -5.129  1.00 58.38 ? 281 HOH A O   1 
HETATM 1307 O  O   . HOH B 2 .   ? -11.049 16.788  3.283   1.00 70.19 ? 282 HOH A O   1 
HETATM 1308 O  O   . HOH B 2 .   ? 16.415  -11.599 -1.673  1.00 85.46 ? 283 HOH A O   1 
HETATM 1309 O  O   . HOH B 2 .   ? 0.716   11.460  -13.932 1.00 52.78 ? 284 HOH A O   1 
HETATM 1310 O  O   . HOH B 2 .   ? -3.581  -0.507  5.909   1.00 54.85 ? 285 HOH A O   1 
HETATM 1311 O  O   . HOH B 2 .   ? 7.483   0.855   1.046   1.00 61.98 ? 286 HOH A O   1 
HETATM 1312 O  O   . HOH B 2 .   ? 1.768   11.740  14.958  1.00 60.22 ? 287 HOH A O   1 
HETATM 1313 O  O   . HOH B 2 .   ? -6.391  1.496   3.110   1.00 47.75 ? 288 HOH A O   1 
HETATM 1314 O  O   . HOH B 2 .   ? -14.059 12.143  13.215  1.00 65.16 ? 289 HOH A O   1 
HETATM 1315 O  O   . HOH B 2 .   ? -7.222  12.054  13.812  1.00 50.24 ? 290 HOH A O   1 
HETATM 1316 O  O   . HOH B 2 .   ? -15.848 10.640  14.786  1.00 55.20 ? 291 HOH A O   1 
HETATM 1317 O  O   . HOH B 2 .   ? -9.805  -6.188  -8.423  1.00 65.87 ? 292 HOH A O   1 
HETATM 1318 O  O   . HOH B 2 .   ? -8.476  -0.058  17.193  1.00 59.07 ? 293 HOH A O   1 
HETATM 1319 O  O   . HOH B 2 .   ? 6.008   -6.189  0.082   1.00 52.54 ? 294 HOH A O   1 
HETATM 1320 O  O   . HOH B 2 .   ? 14.312  -16.753 -1.337  1.00 52.63 ? 295 HOH A O   1 
HETATM 1321 O  O   . HOH B 2 .   ? 7.350   1.210   17.722  1.00 86.57 ? 296 HOH A O   1 
HETATM 1322 O  O   . HOH B 2 .   ? 10.252  -17.144 -9.848  1.00 51.99 ? 297 HOH A O   1 
HETATM 1323 O  O   . HOH B 2 .   ? -10.208 19.738  6.194   1.00 57.71 ? 298 HOH A O   1 
HETATM 1324 O  O   . HOH B 2 .   ? 3.267   1.940   -0.314  1.00 59.15 ? 299 HOH A O   1 
HETATM 1325 O  O   . HOH B 2 .   ? -6.014  0.774   5.698   1.00 53.18 ? 300 HOH A O   1 
HETATM 1326 O  O   . HOH B 2 .   ? -18.756 8.859   5.516   1.00 73.89 ? 301 HOH A O   1 
HETATM 1327 O  O   . HOH B 2 .   ? 1.863   18.130  7.684   1.00 61.08 ? 302 HOH A O   1 
HETATM 1328 O  O   . HOH B 2 .   ? -10.990 13.216  -0.951  1.00 59.56 ? 303 HOH A O   1 
HETATM 1329 O  O   . HOH B 2 .   ? 5.072   -19.580 -16.977 1.00 70.32 ? 304 HOH A O   1 
HETATM 1330 O  O   . HOH B 2 .   ? -14.124 14.638  12.393  1.00 71.58 ? 305 HOH A O   1 
HETATM 1331 O  O   . HOH B 2 .   ? 2.311   -20.309 7.086   1.00 72.40 ? 306 HOH A O   1 
HETATM 1332 O  O   . HOH B 2 .   ? 0.927   3.743   -19.738 1.00 79.60 ? 307 HOH A O   1 
HETATM 1333 O  O   . HOH B 2 .   ? -15.616 -0.507  1.827   1.00 75.07 ? 308 HOH A O   1 
HETATM 1334 O  O   . HOH B 2 .   ? -9.012  -0.687  9.313   1.00 83.01 ? 309 HOH A O   1 
HETATM 1335 O  O   . HOH B 2 .   ? 1.010   -24.607 -7.851  1.00 79.37 ? 310 HOH A O   1 
HETATM 1336 O  O   . HOH B 2 .   ? -4.471  -3.286  7.139   1.00 62.88 ? 311 HOH A O   1 
HETATM 1337 O  O   . HOH B 2 .   ? -13.051 7.825   -2.769  1.00 82.67 ? 312 HOH A O   1 
HETATM 1338 O  O   . HOH B 2 .   ? -20.906 11.849  2.994   1.00 68.84 ? 313 HOH A O   1 
HETATM 1339 O  O   . HOH B 2 .   ? -8.853  0.343   1.770   1.00 56.25 ? 314 HOH A O   1 
HETATM 1340 O  O   . HOH B 2 .   ? -2.529  12.279  -12.797 1.00 69.19 ? 315 HOH A O   1 
# 
